data_8JKM
#
_entry.id   8JKM
#
_entity_poly.entity_id   1
_entity_poly.type   'polypeptide(L)'
_entity_poly.pdbx_seq_one_letter_code
;DYKDDDDKWSHPQFEKGGGGSGGSAWSHPQFEKEFAPAPQPPPILKVFNRPILFDIVSRGSTADLDGLLSFLLTHKKRLT
DEEFREPSTGKTCLPKALLNLSNGRNDTIPVLLDIAERTGNMREFINSPFRDIYYRGQTSLHIAIERRCKHYVELLVAQG
ADVHAQARGRFFQPKDEGGYFYFGELPLSLAACTNQPHIVNYLTENPHKKADMRRQDSRGNTVLHALVAIADNTRENTKF
VTKMYDLLLLKCSRLFPDSNLETVLNNDGLSPLMMAAKTGKIGVFQHIIRREVTDEDTRHLSRKFKDWAYGPVYSSLYDL
SSLDTCGEEVSVLEILVYNSKIENRHEMLAVEPINELLRDKWRKFGAVSFYINVVSYLCAMVIFTLTAYYQPLEGTPPYP
YRTTVDYLRLAGEVITLFTGVLFFFTSIKDLFTKKCPGVNSLFVDGSFQLLYFIYSVLVVVSAALYLAGIEAYLAVMVFA
LVLGWMNALYFTRGLKLTGTYSIMIQKILFKDLFRFLLVYLLFMIGYASALVTLLNPCTNMKVCDEDQSNCTVPTYPACR
DSETFSAFLLDLFKLTIGMGDLEMLSSAKYPVVFILLLVTYIILTFVLLLNMLIALMGETVGQVSKESKHIWKLQWATTI
LDIERSFPVFLRKAFRSGEMVTVGKSSDGTPDRRWCFRVDEVNWSHWNQNLGIINEDPGK
;
_entity_poly.pdbx_strand_id   A,B,C,D
#
# COMPACT_ATOMS: atom_id res chain seq x y z
N VAL A 47 51.72 -22.40 -40.84
CA VAL A 47 52.62 -22.63 -41.95
C VAL A 47 53.95 -21.94 -41.65
N PHE A 48 54.33 -20.97 -42.48
CA PHE A 48 55.47 -20.13 -42.14
C PHE A 48 55.20 -19.33 -40.88
N ASN A 49 53.93 -19.00 -40.63
CA ASN A 49 53.50 -18.37 -39.39
C ASN A 49 52.15 -18.94 -39.00
N ARG A 50 51.99 -19.24 -37.71
CA ARG A 50 50.75 -19.86 -37.24
C ARG A 50 49.49 -19.07 -37.59
N PRO A 51 49.48 -17.73 -37.51
CA PRO A 51 48.20 -17.01 -37.71
C PRO A 51 47.50 -17.33 -39.01
N ILE A 52 48.23 -17.56 -40.10
CA ILE A 52 47.56 -17.88 -41.36
C ILE A 52 46.91 -19.25 -41.27
N LEU A 53 47.56 -20.20 -40.61
CA LEU A 53 46.93 -21.51 -40.38
C LEU A 53 45.66 -21.34 -39.54
N PHE A 54 45.73 -20.52 -38.50
CA PHE A 54 44.54 -20.30 -37.68
C PHE A 54 43.41 -19.67 -38.50
N ASP A 55 43.74 -18.70 -39.35
CA ASP A 55 42.72 -18.09 -40.20
C ASP A 55 42.13 -19.12 -41.15
N ILE A 56 42.97 -19.98 -41.73
CA ILE A 56 42.48 -20.97 -42.68
C ILE A 56 41.52 -21.93 -41.99
N VAL A 57 41.89 -22.41 -40.79
CA VAL A 57 41.01 -23.34 -40.09
C VAL A 57 39.72 -22.65 -39.66
N SER A 58 39.81 -21.37 -39.29
CA SER A 58 38.60 -20.64 -38.93
C SER A 58 37.66 -20.50 -40.12
N ARG A 59 38.22 -20.23 -41.30
CA ARG A 59 37.40 -20.03 -42.50
C ARG A 59 36.89 -21.33 -43.10
N GLY A 60 37.43 -22.47 -42.68
CA GLY A 60 36.91 -23.75 -43.14
C GLY A 60 37.32 -24.15 -44.54
N SER A 61 38.37 -23.55 -45.10
CA SER A 61 38.85 -23.95 -46.41
C SER A 61 39.48 -25.33 -46.34
N THR A 62 39.39 -26.08 -47.44
CA THR A 62 39.84 -27.47 -47.48
C THR A 62 41.01 -27.71 -48.42
N ALA A 63 40.99 -27.17 -49.64
CA ALA A 63 42.06 -27.41 -50.60
C ALA A 63 43.40 -26.87 -50.07
N ASP A 64 43.45 -25.58 -49.78
CA ASP A 64 44.64 -25.06 -49.10
C ASP A 64 44.91 -25.86 -47.84
N LEU A 65 43.85 -26.31 -47.15
CA LEU A 65 44.03 -27.03 -45.89
C LEU A 65 44.68 -28.40 -46.08
N ASP A 66 44.25 -29.17 -47.09
CA ASP A 66 44.88 -30.48 -47.27
C ASP A 66 46.28 -30.33 -47.85
N GLY A 67 46.53 -29.23 -48.57
CA GLY A 67 47.92 -28.89 -48.89
C GLY A 67 48.74 -28.59 -47.65
N LEU A 68 48.12 -27.93 -46.67
CA LEU A 68 48.79 -27.71 -45.39
C LEU A 68 49.14 -29.05 -44.75
N LEU A 69 48.16 -29.94 -44.67
CA LEU A 69 48.41 -31.29 -44.20
C LEU A 69 49.58 -31.92 -44.96
N SER A 70 49.63 -31.68 -46.27
CA SER A 70 50.67 -32.28 -47.09
C SER A 70 52.05 -31.83 -46.61
N PHE A 71 52.29 -30.52 -46.49
CA PHE A 71 53.66 -30.16 -46.16
C PHE A 71 53.94 -30.43 -44.68
N LEU A 72 52.90 -30.49 -43.85
CA LEU A 72 53.10 -30.97 -42.47
C LEU A 72 53.63 -32.40 -42.47
N LEU A 73 53.08 -33.25 -43.34
CA LEU A 73 53.66 -34.57 -43.53
C LEU A 73 55.09 -34.46 -44.03
N THR A 74 55.36 -33.50 -44.91
CA THR A 74 56.69 -33.36 -45.48
C THR A 74 57.73 -33.06 -44.41
N HIS A 75 57.41 -32.17 -43.47
CA HIS A 75 58.38 -31.67 -42.50
C HIS A 75 58.42 -32.49 -41.21
N LYS A 76 57.69 -33.60 -41.15
CA LYS A 76 57.72 -34.49 -39.98
C LYS A 76 57.48 -33.72 -38.68
N LYS A 77 56.67 -32.67 -38.74
CA LYS A 77 56.39 -31.84 -37.57
C LYS A 77 55.10 -32.31 -36.92
N ARG A 78 55.15 -32.53 -35.60
CA ARG A 78 53.97 -32.94 -34.86
C ARG A 78 52.93 -31.82 -34.82
N LEU A 79 51.66 -32.21 -34.88
CA LEU A 79 50.58 -31.24 -34.87
C LEU A 79 50.41 -30.55 -33.53
N THR A 80 51.07 -31.05 -32.48
CA THR A 80 51.04 -30.41 -31.16
C THR A 80 52.31 -29.63 -30.88
N ASP A 81 53.16 -29.41 -31.88
CA ASP A 81 54.40 -28.68 -31.67
C ASP A 81 54.11 -27.25 -31.20
N GLU A 82 55.15 -26.60 -30.68
CA GLU A 82 55.00 -25.21 -30.24
C GLU A 82 54.54 -24.31 -31.38
N GLU A 83 54.83 -24.69 -32.62
CA GLU A 83 54.40 -23.89 -33.76
C GLU A 83 52.89 -23.76 -33.81
N PHE A 84 52.16 -24.82 -33.49
CA PHE A 84 50.70 -24.82 -33.55
C PHE A 84 50.05 -24.37 -32.25
N ARG A 85 50.84 -24.02 -31.23
CA ARG A 85 50.33 -23.59 -29.94
C ARG A 85 50.86 -22.20 -29.63
N GLU A 86 49.98 -21.34 -29.10
CA GLU A 86 50.38 -19.97 -28.83
C GLU A 86 51.45 -19.96 -27.73
N PRO A 87 52.37 -18.99 -27.76
CA PRO A 87 53.38 -18.92 -26.69
C PRO A 87 52.76 -18.75 -25.31
N SER A 88 51.63 -18.05 -25.21
CA SER A 88 51.00 -17.76 -23.92
C SER A 88 49.84 -18.72 -23.65
N THR A 89 48.89 -18.82 -24.57
CA THR A 89 47.71 -19.63 -24.33
C THR A 89 47.89 -21.07 -24.78
N GLY A 90 48.76 -21.32 -25.75
CA GLY A 90 48.97 -22.67 -26.24
C GLY A 90 47.78 -23.25 -26.99
N LYS A 91 46.90 -22.43 -27.53
CA LYS A 91 45.72 -22.93 -28.22
C LYS A 91 46.11 -23.79 -29.41
N THR A 92 45.44 -24.92 -29.56
CA THR A 92 45.67 -25.84 -30.66
C THR A 92 44.76 -25.45 -31.83
N CYS A 93 44.83 -26.19 -32.93
CA CYS A 93 43.90 -25.95 -34.04
C CYS A 93 42.46 -26.23 -33.63
N LEU A 94 42.24 -27.32 -32.88
CA LEU A 94 40.87 -27.70 -32.53
C LEU A 94 40.12 -26.63 -31.75
N PRO A 95 40.67 -26.05 -30.68
CA PRO A 95 39.96 -24.96 -30.00
C PRO A 95 39.55 -23.87 -30.97
N LYS A 96 40.51 -23.26 -31.67
CA LYS A 96 40.19 -22.15 -32.57
C LYS A 96 39.11 -22.55 -33.57
N ALA A 97 39.22 -23.76 -34.11
CA ALA A 97 38.23 -24.23 -35.08
C ALA A 97 36.84 -24.29 -34.45
N LEU A 98 36.75 -24.79 -33.22
CA LEU A 98 35.44 -24.97 -32.60
C LEU A 98 34.85 -23.65 -32.14
N LEU A 99 35.67 -22.74 -31.61
CA LEU A 99 35.16 -21.43 -31.22
C LEU A 99 34.56 -20.68 -32.41
N ASN A 100 35.04 -20.95 -33.62
CA ASN A 100 34.50 -20.34 -34.83
C ASN A 100 33.34 -21.15 -35.42
N LEU A 101 32.64 -21.92 -34.61
CA LEU A 101 31.57 -22.77 -35.09
C LEU A 101 30.56 -21.95 -35.86
N SER A 102 30.34 -22.32 -37.12
CA SER A 102 29.46 -21.58 -38.03
C SER A 102 28.14 -22.33 -38.18
N ASN A 103 27.23 -22.07 -37.25
CA ASN A 103 25.89 -22.67 -37.28
C ASN A 103 25.98 -24.19 -37.35
N GLY A 104 26.94 -24.76 -36.61
CA GLY A 104 27.13 -26.20 -36.62
C GLY A 104 27.69 -26.75 -37.91
N ARG A 105 28.34 -25.91 -38.71
CA ARG A 105 28.86 -26.32 -40.01
C ARG A 105 30.34 -26.66 -39.97
N ASN A 106 30.83 -27.14 -38.82
CA ASN A 106 32.22 -27.58 -38.69
C ASN A 106 32.37 -29.06 -38.99
N ASP A 107 31.51 -29.63 -39.83
CA ASP A 107 31.59 -31.05 -40.15
C ASP A 107 32.89 -31.42 -40.84
N THR A 108 33.64 -30.44 -41.34
CA THR A 108 34.89 -30.69 -42.05
C THR A 108 36.09 -30.83 -41.11
N ILE A 109 36.14 -30.03 -40.04
CA ILE A 109 37.35 -29.98 -39.21
C ILE A 109 37.62 -31.33 -38.55
N PRO A 110 36.65 -32.23 -38.37
CA PRO A 110 37.04 -33.62 -38.04
C PRO A 110 37.94 -34.25 -39.10
N VAL A 111 37.74 -33.89 -40.37
CA VAL A 111 38.67 -34.34 -41.40
C VAL A 111 40.05 -33.76 -41.16
N LEU A 112 40.13 -32.53 -40.66
CA LEU A 112 41.40 -31.97 -40.22
C LEU A 112 41.99 -32.80 -39.09
N LEU A 113 41.17 -33.14 -38.10
CA LEU A 113 41.62 -33.98 -36.99
C LEU A 113 42.15 -35.32 -37.50
N ASP A 114 41.63 -35.77 -38.65
CA ASP A 114 42.14 -37.01 -39.24
C ASP A 114 43.63 -36.90 -39.54
N ILE A 115 44.16 -35.68 -39.63
CA ILE A 115 45.58 -35.45 -39.84
C ILE A 115 46.38 -36.07 -38.70
N ALA A 116 45.75 -36.16 -37.53
CA ALA A 116 46.49 -36.46 -36.30
C ALA A 116 47.23 -37.80 -36.38
N GLU A 117 46.52 -38.87 -36.74
CA GLU A 117 47.16 -40.18 -36.75
C GLU A 117 48.27 -40.24 -37.80
N ARG A 118 48.13 -39.49 -38.88
CA ARG A 118 49.23 -39.35 -39.82
C ARG A 118 50.43 -38.67 -39.17
N THR A 119 50.17 -37.63 -38.37
CA THR A 119 51.26 -36.95 -37.65
C THR A 119 51.91 -37.87 -36.61
N GLY A 120 51.23 -38.94 -36.21
CA GLY A 120 51.79 -39.88 -35.26
C GLY A 120 51.62 -39.53 -33.80
N ASN A 121 50.99 -38.39 -33.50
CA ASN A 121 50.74 -37.96 -32.12
C ASN A 121 49.23 -37.76 -31.97
N MET A 122 48.55 -38.81 -31.54
CA MET A 122 47.10 -38.78 -31.40
C MET A 122 46.61 -38.57 -29.98
N ARG A 123 47.26 -39.22 -29.00
CA ARG A 123 46.79 -39.13 -27.63
C ARG A 123 46.79 -37.69 -27.12
N GLU A 124 47.96 -37.06 -27.10
CA GLU A 124 48.06 -35.69 -26.59
C GLU A 124 47.33 -34.69 -27.48
N PHE A 125 47.04 -35.04 -28.73
CA PHE A 125 46.43 -34.08 -29.64
C PHE A 125 44.99 -33.77 -29.25
N ILE A 126 44.20 -34.81 -28.96
CA ILE A 126 42.79 -34.59 -28.66
C ILE A 126 42.65 -33.67 -27.46
N ASN A 127 43.17 -34.09 -26.31
CA ASN A 127 43.15 -33.24 -25.13
C ASN A 127 44.02 -32.01 -25.36
N SER A 128 43.57 -30.87 -24.83
CA SER A 128 44.24 -29.58 -25.01
C SER A 128 44.48 -28.96 -23.65
N PRO A 129 45.55 -29.34 -22.94
CA PRO A 129 45.81 -28.77 -21.61
C PRO A 129 46.30 -27.33 -21.68
N PHE A 130 45.36 -26.39 -21.75
CA PHE A 130 45.72 -24.98 -21.79
C PHE A 130 46.58 -24.62 -20.58
N ARG A 131 47.25 -23.46 -20.68
CA ARG A 131 48.16 -23.00 -19.64
C ARG A 131 47.81 -21.62 -19.08
N ASP A 132 46.87 -20.90 -19.68
CA ASP A 132 46.50 -19.58 -19.19
C ASP A 132 45.96 -19.68 -17.77
N ILE A 133 46.37 -18.75 -16.91
CA ILE A 133 45.72 -18.63 -15.61
C ILE A 133 44.25 -18.29 -15.79
N TYR A 134 43.92 -17.59 -16.88
CA TYR A 134 42.53 -17.29 -17.21
C TYR A 134 41.81 -18.50 -17.77
N TYR A 135 42.53 -19.50 -18.27
CA TYR A 135 41.94 -20.75 -18.76
C TYR A 135 42.95 -21.85 -18.51
N ARG A 136 42.76 -22.62 -17.43
CA ARG A 136 43.63 -23.74 -17.10
C ARG A 136 42.87 -25.05 -17.31
N GLY A 137 43.39 -25.90 -18.17
CA GLY A 137 42.86 -27.24 -18.35
C GLY A 137 41.71 -27.36 -19.32
N GLN A 138 41.18 -26.25 -19.84
CA GLN A 138 40.06 -26.32 -20.76
C GLN A 138 40.39 -27.22 -21.94
N THR A 139 39.46 -28.11 -22.28
CA THR A 139 39.68 -29.13 -23.29
C THR A 139 38.71 -28.93 -24.45
N SER A 140 39.10 -29.43 -25.63
CA SER A 140 38.26 -29.30 -26.80
C SER A 140 36.89 -29.91 -26.59
N LEU A 141 36.79 -30.98 -25.81
CA LEU A 141 35.50 -31.60 -25.56
C LEU A 141 34.58 -30.67 -24.80
N HIS A 142 35.10 -29.96 -23.79
CA HIS A 142 34.31 -28.95 -23.10
C HIS A 142 33.76 -27.93 -24.10
N ILE A 143 34.63 -27.45 -24.99
CA ILE A 143 34.22 -26.42 -25.93
C ILE A 143 33.14 -26.95 -26.86
N ALA A 144 33.32 -28.16 -27.38
CA ALA A 144 32.36 -28.74 -28.30
C ALA A 144 31.00 -28.92 -27.63
N ILE A 145 30.99 -29.43 -26.40
CA ILE A 145 29.73 -29.61 -25.70
C ILE A 145 29.09 -28.26 -25.41
N GLU A 146 29.91 -27.25 -25.13
CA GLU A 146 29.39 -25.94 -24.77
C GLU A 146 28.58 -25.33 -25.92
N ARG A 147 29.06 -25.48 -27.15
CA ARG A 147 28.42 -24.85 -28.29
C ARG A 147 27.04 -25.43 -28.58
N ARG A 148 26.57 -26.40 -27.80
CA ARG A 148 25.21 -26.91 -27.90
C ARG A 148 24.99 -27.70 -29.19
N CYS A 149 25.96 -28.54 -29.54
CA CYS A 149 25.84 -29.46 -30.67
C CYS A 149 26.42 -30.80 -30.27
N LYS A 150 25.68 -31.87 -30.55
CA LYS A 150 26.06 -33.21 -30.10
C LYS A 150 26.85 -34.00 -31.13
N HIS A 151 26.77 -33.62 -32.41
CA HIS A 151 27.45 -34.40 -33.45
C HIS A 151 28.96 -34.38 -33.25
N TYR A 152 29.53 -33.20 -33.01
CA TYR A 152 30.97 -33.11 -32.83
C TYR A 152 31.39 -33.70 -31.49
N VAL A 153 30.54 -33.60 -30.47
CA VAL A 153 30.81 -34.29 -29.22
C VAL A 153 30.93 -35.79 -29.46
N GLU A 154 30.00 -36.35 -30.24
CA GLU A 154 30.06 -37.76 -30.57
C GLU A 154 31.34 -38.09 -31.31
N LEU A 155 31.68 -37.30 -32.32
CA LEU A 155 32.90 -37.56 -33.08
C LEU A 155 34.13 -37.57 -32.17
N LEU A 156 34.27 -36.53 -31.35
CA LEU A 156 35.44 -36.41 -30.48
C LEU A 156 35.52 -37.58 -29.50
N VAL A 157 34.41 -37.88 -28.81
CA VAL A 157 34.45 -38.92 -27.80
C VAL A 157 34.70 -40.28 -28.44
N ALA A 158 34.03 -40.57 -29.56
CA ALA A 158 34.28 -41.82 -30.27
C ALA A 158 35.74 -41.94 -30.67
N GLN A 159 36.35 -40.83 -31.08
CA GLN A 159 37.78 -40.86 -31.40
C GLN A 159 38.64 -41.10 -30.17
N GLY A 160 38.08 -40.91 -28.97
CA GLY A 160 38.81 -41.20 -27.75
C GLY A 160 39.07 -40.00 -26.88
N ALA A 161 38.18 -39.00 -26.91
CA ALA A 161 38.33 -37.83 -26.07
C ALA A 161 38.32 -38.22 -24.59
N ASP A 162 39.23 -37.63 -23.83
CA ASP A 162 39.34 -37.93 -22.40
C ASP A 162 38.17 -37.27 -21.68
N VAL A 163 37.13 -38.05 -21.41
CA VAL A 163 35.95 -37.51 -20.74
C VAL A 163 36.26 -37.11 -19.31
N HIS A 164 37.35 -37.63 -18.73
CA HIS A 164 37.76 -37.24 -17.38
C HIS A 164 38.74 -36.06 -17.49
N ALA A 165 38.17 -34.88 -17.65
CA ALA A 165 38.94 -33.64 -17.79
C ALA A 165 38.62 -32.73 -16.62
N GLN A 166 39.67 -32.30 -15.91
CA GLN A 166 39.53 -31.43 -14.75
C GLN A 166 39.98 -30.03 -15.16
N ALA A 167 39.04 -29.23 -15.66
CA ALA A 167 39.32 -27.88 -16.14
C ALA A 167 39.35 -26.94 -14.94
N ARG A 168 40.51 -26.87 -14.28
CA ARG A 168 40.67 -26.08 -13.06
C ARG A 168 41.17 -24.67 -13.42
N GLY A 169 40.33 -23.97 -14.18
CA GLY A 169 40.64 -22.62 -14.62
C GLY A 169 39.99 -21.58 -13.73
N ARG A 170 40.69 -20.45 -13.56
CA ARG A 170 40.15 -19.35 -12.77
C ARG A 170 38.83 -18.88 -13.35
N PHE A 171 38.75 -18.79 -14.69
CA PHE A 171 37.49 -18.43 -15.33
C PHE A 171 36.40 -19.46 -15.08
N PHE A 172 36.77 -20.67 -14.66
CA PHE A 172 35.82 -21.73 -14.37
C PHE A 172 35.41 -21.79 -12.91
N GLN A 173 35.98 -20.94 -12.05
CA GLN A 173 35.65 -20.96 -10.65
C GLN A 173 34.38 -20.16 -10.37
N PRO A 174 33.73 -20.40 -9.23
CA PRO A 174 32.46 -19.71 -8.95
C PRO A 174 32.59 -18.20 -9.08
N LYS A 175 31.44 -17.55 -9.28
CA LYS A 175 31.42 -16.12 -9.52
C LYS A 175 31.98 -15.32 -8.35
N ASP A 176 32.00 -15.89 -7.15
CA ASP A 176 32.47 -15.21 -5.96
C ASP A 176 33.93 -15.50 -5.64
N GLU A 177 34.64 -16.20 -6.54
CA GLU A 177 36.06 -16.49 -6.35
C GLU A 177 36.88 -15.95 -7.52
N GLY A 178 36.42 -14.86 -8.14
CA GLY A 178 37.12 -14.25 -9.24
C GLY A 178 36.84 -14.87 -10.59
N GLY A 179 36.05 -15.94 -10.65
CA GLY A 179 35.71 -16.58 -11.90
C GLY A 179 34.47 -15.98 -12.53
N TYR A 180 33.95 -16.71 -13.52
CA TYR A 180 32.76 -16.28 -14.24
C TYR A 180 31.71 -17.37 -14.43
N PHE A 181 32.08 -18.64 -14.37
CA PHE A 181 31.11 -19.73 -14.57
C PHE A 181 31.70 -21.02 -14.02
N TYR A 182 31.07 -21.58 -12.99
CA TYR A 182 31.47 -22.85 -12.41
C TYR A 182 30.41 -23.90 -12.73
N PHE A 183 30.86 -25.04 -13.27
CA PHE A 183 29.96 -26.09 -13.70
C PHE A 183 30.37 -27.46 -13.19
N GLY A 184 31.35 -27.54 -12.29
CA GLY A 184 31.83 -28.80 -11.78
C GLY A 184 33.13 -29.29 -12.41
N GLU A 185 33.68 -28.57 -13.38
CA GLU A 185 34.98 -28.88 -13.95
C GLU A 185 35.03 -30.32 -14.47
N LEU A 186 33.98 -30.72 -15.19
CA LEU A 186 33.93 -32.04 -15.81
C LEU A 186 33.10 -31.95 -17.08
N PRO A 187 33.48 -32.68 -18.13
CA PRO A 187 32.67 -32.63 -19.36
C PRO A 187 31.21 -33.02 -19.15
N LEU A 188 30.95 -34.05 -18.33
CA LEU A 188 29.57 -34.44 -18.07
C LEU A 188 28.85 -33.37 -17.26
N SER A 189 29.50 -32.87 -16.20
CA SER A 189 28.91 -31.78 -15.44
C SER A 189 28.74 -30.54 -16.30
N LEU A 190 29.63 -30.34 -17.28
CA LEU A 190 29.48 -29.19 -18.17
C LEU A 190 28.28 -29.37 -19.09
N ALA A 191 28.08 -30.58 -19.61
CA ALA A 191 26.87 -30.84 -20.40
C ALA A 191 25.63 -30.67 -19.55
N ALA A 192 25.70 -31.04 -18.28
CA ALA A 192 24.53 -30.95 -17.40
C ALA A 192 24.20 -29.50 -17.09
N CYS A 193 25.13 -28.78 -16.45
CA CYS A 193 24.84 -27.44 -15.97
C CYS A 193 24.30 -26.54 -17.07
N THR A 194 24.70 -26.80 -18.32
CA THR A 194 24.38 -25.93 -19.45
C THR A 194 23.08 -26.31 -20.14
N ASN A 195 22.15 -26.96 -19.45
CA ASN A 195 20.83 -27.27 -20.00
C ASN A 195 20.94 -28.05 -21.31
N GLN A 196 21.59 -29.21 -21.23
CA GLN A 196 21.90 -30.00 -22.42
C GLN A 196 21.58 -31.46 -22.14
N PRO A 197 20.29 -31.82 -22.16
CA PRO A 197 19.92 -33.20 -21.77
C PRO A 197 20.46 -34.27 -22.68
N HIS A 198 20.37 -34.07 -24.00
CA HIS A 198 20.71 -35.15 -24.94
C HIS A 198 22.17 -35.56 -24.80
N ILE A 199 23.07 -34.61 -24.60
CA ILE A 199 24.49 -34.97 -24.54
C ILE A 199 24.87 -35.54 -23.18
N VAL A 200 24.17 -35.19 -22.11
CA VAL A 200 24.40 -35.88 -20.85
C VAL A 200 23.90 -37.31 -20.92
N ASN A 201 22.79 -37.53 -21.63
CA ASN A 201 22.35 -38.89 -21.90
C ASN A 201 23.41 -39.65 -22.70
N TYR A 202 23.86 -39.05 -23.81
CA TYR A 202 24.74 -39.76 -24.72
C TYR A 202 26.07 -40.07 -24.04
N LEU A 203 26.69 -39.05 -23.45
CA LEU A 203 28.00 -39.21 -22.82
C LEU A 203 27.96 -40.28 -21.74
N THR A 204 26.81 -40.47 -21.11
CA THR A 204 26.61 -41.56 -20.16
C THR A 204 26.21 -42.87 -20.82
N GLU A 205 25.92 -42.85 -22.13
CA GLU A 205 25.49 -44.02 -22.86
C GLU A 205 26.31 -44.26 -24.12
N ASN A 206 27.44 -43.58 -24.29
CA ASN A 206 28.24 -43.73 -25.49
C ASN A 206 28.84 -45.13 -25.55
N PRO A 207 29.08 -45.67 -26.75
CA PRO A 207 29.70 -46.99 -26.87
C PRO A 207 31.16 -47.02 -26.42
N HIS A 208 31.72 -45.90 -25.98
CA HIS A 208 33.12 -45.79 -25.61
C HIS A 208 33.17 -45.43 -24.13
N LYS A 209 34.35 -45.11 -23.60
CA LYS A 209 34.46 -44.53 -22.27
C LYS A 209 33.34 -43.51 -22.03
N LYS A 210 32.57 -43.72 -20.97
CA LYS A 210 31.44 -42.86 -20.60
C LYS A 210 31.68 -42.36 -19.19
N ALA A 211 31.96 -41.06 -19.06
CA ALA A 211 32.30 -40.48 -17.76
C ALA A 211 31.27 -40.85 -16.72
N ASP A 212 31.70 -41.62 -15.72
CA ASP A 212 30.80 -42.01 -14.65
C ASP A 212 30.32 -40.79 -13.88
N MET A 213 29.02 -40.73 -13.63
CA MET A 213 28.44 -39.62 -12.88
C MET A 213 29.08 -39.46 -11.51
N ARG A 214 29.54 -40.56 -10.91
CA ARG A 214 30.07 -40.52 -9.56
C ARG A 214 31.34 -39.67 -9.47
N ARG A 215 32.08 -39.55 -10.57
CA ARG A 215 33.40 -38.93 -10.51
C ARG A 215 33.30 -37.53 -9.91
N GLN A 216 34.21 -37.24 -8.99
CA GLN A 216 34.25 -35.98 -8.27
C GLN A 216 35.39 -35.12 -8.80
N ASP A 217 35.11 -33.84 -9.03
CA ASP A 217 36.15 -32.92 -9.45
C ASP A 217 37.08 -32.58 -8.28
N SER A 218 38.01 -31.67 -8.52
CA SER A 218 38.89 -31.22 -7.46
C SER A 218 38.09 -30.61 -6.31
N ARG A 219 37.09 -29.81 -6.64
CA ARG A 219 36.19 -29.29 -5.61
C ARG A 219 35.40 -30.42 -4.96
N GLY A 220 35.35 -31.59 -5.61
CA GLY A 220 34.61 -32.71 -5.08
C GLY A 220 33.13 -32.69 -5.37
N ASN A 221 32.66 -31.74 -6.18
CA ASN A 221 31.22 -31.48 -6.25
C ASN A 221 30.45 -32.64 -6.86
N THR A 222 30.82 -33.06 -8.07
CA THR A 222 30.03 -34.01 -8.86
C THR A 222 28.89 -33.27 -9.58
N VAL A 223 28.20 -33.98 -10.46
CA VAL A 223 27.18 -33.35 -11.29
C VAL A 223 26.09 -32.72 -10.44
N LEU A 224 25.68 -33.40 -9.36
CA LEU A 224 24.60 -32.89 -8.53
C LEU A 224 25.00 -31.58 -7.85
N HIS A 225 26.18 -31.57 -7.21
CA HIS A 225 26.64 -30.37 -6.52
C HIS A 225 26.83 -29.23 -7.50
N ALA A 226 27.40 -29.51 -8.67
CA ALA A 226 27.54 -28.47 -9.69
C ALA A 226 26.18 -27.95 -10.14
N LEU A 227 25.22 -28.86 -10.33
CA LEU A 227 23.90 -28.48 -10.79
C LEU A 227 23.18 -27.60 -9.77
N VAL A 228 23.42 -27.82 -8.48
CA VAL A 228 22.88 -26.91 -7.48
C VAL A 228 23.74 -25.65 -7.33
N ALA A 229 24.99 -25.69 -7.77
CA ALA A 229 25.86 -24.52 -7.65
C ALA A 229 25.37 -23.40 -8.57
N ILE A 230 25.13 -23.71 -9.84
CA ILE A 230 24.60 -22.70 -10.77
C ILE A 230 23.10 -22.55 -10.66
N ALA A 231 22.44 -23.33 -9.80
CA ALA A 231 21.01 -23.21 -9.65
C ALA A 231 20.66 -21.80 -9.18
N ASP A 232 19.67 -21.20 -9.84
CA ASP A 232 19.20 -19.87 -9.51
C ASP A 232 17.80 -20.00 -8.91
N ASN A 233 17.41 -18.99 -8.13
CA ASN A 233 16.08 -18.97 -7.54
C ASN A 233 15.01 -18.53 -8.52
N THR A 234 15.37 -18.24 -9.76
CA THR A 234 14.41 -17.83 -10.77
C THR A 234 13.69 -19.04 -11.35
N ARG A 235 12.58 -18.76 -12.05
CA ARG A 235 11.66 -19.84 -12.44
C ARG A 235 12.26 -20.75 -13.49
N GLU A 236 12.82 -20.19 -14.57
CA GLU A 236 13.29 -21.03 -15.66
C GLU A 236 14.52 -21.84 -15.26
N ASN A 237 15.47 -21.20 -14.59
CA ASN A 237 16.64 -21.93 -14.11
C ASN A 237 16.23 -23.02 -13.13
N THR A 238 15.32 -22.69 -12.21
CA THR A 238 14.85 -23.67 -11.24
C THR A 238 14.22 -24.87 -11.95
N LYS A 239 13.34 -24.61 -12.91
CA LYS A 239 12.63 -25.69 -13.59
C LYS A 239 13.60 -26.60 -14.34
N PHE A 240 14.46 -26.01 -15.18
CA PHE A 240 15.38 -26.84 -15.94
C PHE A 240 16.34 -27.60 -15.03
N VAL A 241 16.86 -26.93 -14.00
CA VAL A 241 17.79 -27.57 -13.10
C VAL A 241 17.14 -28.74 -12.39
N THR A 242 15.91 -28.55 -11.90
CA THR A 242 15.26 -29.64 -11.16
C THR A 242 14.92 -30.80 -12.09
N LYS A 243 14.43 -30.53 -13.30
CA LYS A 243 14.14 -31.60 -14.24
C LYS A 243 15.40 -32.42 -14.52
N MET A 244 16.50 -31.73 -14.89
CA MET A 244 17.72 -32.45 -15.20
C MET A 244 18.27 -33.15 -13.97
N TYR A 245 18.07 -32.57 -12.79
CA TYR A 245 18.56 -33.19 -11.56
C TYR A 245 17.86 -34.52 -11.32
N ASP A 246 16.54 -34.53 -11.48
CA ASP A 246 15.79 -35.77 -11.38
C ASP A 246 16.39 -36.76 -12.36
N LEU A 247 16.32 -36.44 -13.65
CA LEU A 247 16.86 -37.33 -14.68
C LEU A 247 18.21 -37.91 -14.28
N LEU A 248 19.13 -37.04 -13.83
CA LEU A 248 20.49 -37.46 -13.52
C LEU A 248 20.50 -38.47 -12.38
N LEU A 249 19.82 -38.15 -11.27
CA LEU A 249 19.83 -39.04 -10.12
C LEU A 249 19.17 -40.37 -10.46
N LEU A 250 18.06 -40.33 -11.19
CA LEU A 250 17.40 -41.58 -11.59
C LEU A 250 18.34 -42.43 -12.42
N LYS A 251 19.05 -41.82 -13.37
CA LYS A 251 19.97 -42.59 -14.21
C LYS A 251 21.08 -43.20 -13.37
N CYS A 252 21.68 -42.40 -12.48
CA CYS A 252 22.77 -42.94 -11.65
C CYS A 252 22.27 -44.07 -10.77
N SER A 253 21.06 -43.94 -10.24
CA SER A 253 20.48 -45.01 -9.43
C SER A 253 20.32 -46.28 -10.23
N ARG A 254 19.77 -46.16 -11.45
CA ARG A 254 19.60 -47.34 -12.29
C ARG A 254 20.96 -47.98 -12.60
N LEU A 255 21.97 -47.15 -12.85
CA LEU A 255 23.31 -47.69 -13.11
C LEU A 255 23.94 -48.22 -11.83
N PHE A 256 23.74 -47.53 -10.71
CA PHE A 256 24.36 -47.89 -9.43
C PHE A 256 23.27 -47.96 -8.36
N PRO A 257 22.51 -49.06 -8.29
CA PRO A 257 21.55 -49.21 -7.20
C PRO A 257 22.18 -49.31 -5.83
N ASP A 258 23.47 -49.65 -5.75
CA ASP A 258 24.10 -49.87 -4.45
C ASP A 258 24.09 -48.61 -3.59
N SER A 259 24.39 -47.46 -4.18
CA SER A 259 24.47 -46.20 -3.44
C SER A 259 23.99 -45.07 -4.34
N ASN A 260 22.86 -44.47 -3.98
CA ASN A 260 22.36 -43.33 -4.73
C ASN A 260 23.34 -42.17 -4.64
N LEU A 261 23.40 -41.37 -5.70
CA LEU A 261 24.41 -40.32 -5.80
C LEU A 261 24.23 -39.25 -4.73
N GLU A 262 23.04 -39.13 -4.15
CA GLU A 262 22.83 -38.17 -3.07
C GLU A 262 23.83 -38.37 -1.95
N THR A 263 24.15 -39.63 -1.63
CA THR A 263 24.99 -39.91 -0.47
C THR A 263 26.39 -39.33 -0.63
N VAL A 264 26.97 -39.43 -1.82
CA VAL A 264 28.37 -39.03 -2.01
C VAL A 264 28.49 -37.53 -1.80
N LEU A 265 29.39 -37.14 -0.91
CA LEU A 265 29.59 -35.75 -0.53
C LEU A 265 30.70 -35.12 -1.36
N ASN A 266 31.11 -33.92 -0.95
CA ASN A 266 32.22 -33.19 -1.55
C ASN A 266 33.33 -33.04 -0.51
N ASN A 267 34.42 -32.38 -0.91
CA ASN A 267 35.48 -32.07 0.03
C ASN A 267 34.94 -31.30 1.22
N ASP A 268 34.04 -30.35 0.97
CA ASP A 268 33.34 -29.70 2.07
C ASP A 268 32.49 -30.69 2.85
N GLY A 269 31.94 -31.70 2.16
CA GLY A 269 31.16 -32.73 2.81
C GLY A 269 29.68 -32.45 2.94
N LEU A 270 29.18 -31.36 2.36
CA LEU A 270 27.83 -30.90 2.66
C LEU A 270 26.78 -31.94 2.28
N SER A 271 26.86 -32.46 1.05
CA SER A 271 25.82 -33.26 0.38
C SER A 271 24.98 -32.33 -0.49
N PRO A 272 24.44 -32.82 -1.61
CA PRO A 272 23.74 -31.90 -2.53
C PRO A 272 22.66 -31.08 -1.87
N LEU A 273 21.82 -31.72 -1.04
CA LEU A 273 20.74 -30.99 -0.39
C LEU A 273 21.29 -29.93 0.55
N MET A 274 22.29 -30.30 1.36
CA MET A 274 22.85 -29.33 2.29
C MET A 274 23.59 -28.21 1.56
N MET A 275 24.14 -28.49 0.38
CA MET A 275 24.77 -27.43 -0.40
C MET A 275 23.72 -26.47 -0.96
N ALA A 276 22.60 -27.01 -1.45
CA ALA A 276 21.51 -26.14 -1.88
C ALA A 276 20.95 -25.36 -0.70
N ALA A 277 21.12 -25.88 0.51
CA ALA A 277 20.64 -25.18 1.70
C ALA A 277 21.59 -24.05 2.09
N LYS A 278 22.88 -24.35 2.19
CA LYS A 278 23.86 -23.38 2.68
C LYS A 278 24.01 -22.18 1.74
N THR A 279 23.64 -22.32 0.48
CA THR A 279 23.89 -21.29 -0.53
C THR A 279 22.59 -20.67 -1.03
N GLY A 280 21.53 -20.71 -0.21
CA GLY A 280 20.27 -20.10 -0.57
C GLY A 280 19.80 -20.47 -1.96
N LYS A 281 19.50 -21.75 -2.17
CA LYS A 281 19.13 -22.26 -3.49
C LYS A 281 17.71 -22.78 -3.47
N ILE A 282 16.79 -22.00 -2.89
CA ILE A 282 15.40 -22.45 -2.70
C ILE A 282 14.86 -23.16 -3.93
N GLY A 283 15.26 -22.71 -5.13
CA GLY A 283 14.70 -23.31 -6.33
C GLY A 283 14.89 -24.81 -6.39
N VAL A 284 16.09 -25.27 -6.06
CA VAL A 284 16.33 -26.71 -5.98
C VAL A 284 15.82 -27.27 -4.66
N PHE A 285 16.19 -26.64 -3.54
CA PHE A 285 15.83 -27.12 -2.21
C PHE A 285 14.38 -27.56 -2.12
N GLN A 286 13.46 -26.67 -2.51
CA GLN A 286 12.03 -26.95 -2.32
C GLN A 286 11.58 -28.17 -3.12
N HIS A 287 12.34 -28.55 -4.15
CA HIS A 287 12.05 -29.77 -4.88
C HIS A 287 12.79 -30.96 -4.28
N ILE A 288 13.99 -30.73 -3.76
CA ILE A 288 14.76 -31.80 -3.13
C ILE A 288 13.95 -32.40 -2.00
N ILE A 289 13.33 -31.55 -1.18
CA ILE A 289 12.59 -32.05 -0.03
C ILE A 289 11.46 -32.98 -0.48
N ARG A 290 10.74 -32.61 -1.54
CA ARG A 290 9.52 -33.30 -1.95
C ARG A 290 9.74 -34.20 -3.15
N ARG A 291 10.87 -34.90 -3.21
CA ARG A 291 11.17 -35.77 -4.35
C ARG A 291 10.53 -37.13 -4.13
N GLU A 292 9.54 -37.46 -4.96
CA GLU A 292 8.94 -38.79 -5.00
C GLU A 292 8.83 -39.22 -6.45
N VAL A 293 9.24 -40.46 -6.74
CA VAL A 293 9.30 -40.95 -8.12
C VAL A 293 8.42 -42.18 -8.26
N THR A 294 8.41 -42.76 -9.46
CA THR A 294 7.45 -43.80 -9.84
C THR A 294 8.07 -45.19 -9.89
N ASP A 295 9.18 -45.35 -10.59
CA ASP A 295 9.70 -46.68 -10.88
C ASP A 295 9.97 -47.46 -9.59
N GLU A 296 9.67 -48.75 -9.62
CA GLU A 296 9.83 -49.57 -8.43
C GLU A 296 11.29 -49.65 -8.00
N ASP A 297 12.21 -49.77 -8.96
CA ASP A 297 13.63 -49.85 -8.62
C ASP A 297 14.15 -48.54 -8.07
N THR A 298 13.38 -47.46 -8.16
CA THR A 298 13.78 -46.13 -7.72
C THR A 298 12.93 -45.63 -6.56
N ARG A 299 12.47 -46.55 -5.71
CA ARG A 299 11.65 -46.15 -4.57
C ARG A 299 12.48 -45.52 -3.46
N HIS A 300 13.63 -46.12 -3.14
CA HIS A 300 14.44 -45.63 -2.03
C HIS A 300 14.85 -44.17 -2.23
N LEU A 301 15.03 -43.74 -3.48
CA LEU A 301 15.49 -42.39 -3.78
C LEU A 301 14.34 -41.39 -3.83
N SER A 302 13.52 -41.39 -2.78
CA SER A 302 12.42 -40.45 -2.65
C SER A 302 12.46 -39.83 -1.26
N ARG A 303 11.84 -38.66 -1.13
CA ARG A 303 11.85 -37.91 0.12
C ARG A 303 10.45 -37.53 0.59
N LYS A 304 9.40 -38.06 -0.04
CA LYS A 304 8.03 -37.82 0.41
C LYS A 304 7.19 -39.03 0.01
N PHE A 305 7.01 -39.97 0.93
CA PHE A 305 6.11 -41.08 0.69
C PHE A 305 4.67 -40.66 0.98
N LYS A 306 3.73 -41.48 0.54
CA LYS A 306 2.32 -41.31 0.90
C LYS A 306 1.87 -42.62 1.54
N ASP A 307 1.65 -42.59 2.86
CA ASP A 307 1.38 -43.81 3.61
C ASP A 307 -0.07 -44.24 3.50
N TRP A 308 -1.00 -43.38 3.91
CA TRP A 308 -2.41 -43.69 3.82
C TRP A 308 -3.19 -42.42 3.54
N ALA A 309 -4.31 -42.59 2.84
CA ALA A 309 -5.24 -41.50 2.57
C ALA A 309 -6.66 -41.99 2.82
N TYR A 310 -7.52 -41.07 3.24
CA TYR A 310 -8.91 -41.38 3.53
C TYR A 310 -9.84 -40.42 2.81
N GLY A 311 -9.58 -40.22 1.52
CA GLY A 311 -10.40 -39.36 0.69
C GLY A 311 -9.80 -37.98 0.57
N PRO A 312 -10.34 -37.01 1.31
CA PRO A 312 -9.78 -35.65 1.26
C PRO A 312 -8.66 -35.39 2.25
N VAL A 313 -8.20 -36.40 2.99
CA VAL A 313 -7.11 -36.25 3.94
C VAL A 313 -5.93 -37.06 3.42
N TYR A 314 -4.77 -36.42 3.34
CA TYR A 314 -3.53 -37.05 2.91
C TYR A 314 -2.53 -36.94 4.05
N SER A 315 -2.01 -38.09 4.49
CA SER A 315 -0.97 -38.14 5.49
C SER A 315 0.35 -38.35 4.76
N SER A 316 0.92 -37.24 4.30
CA SER A 316 2.18 -37.29 3.59
C SER A 316 3.32 -37.52 4.57
N LEU A 317 4.16 -38.52 4.28
CA LEU A 317 5.24 -38.92 5.16
C LEU A 317 6.54 -38.42 4.55
N TYR A 318 7.00 -37.26 5.00
CA TYR A 318 8.28 -36.75 4.54
C TYR A 318 9.40 -37.56 5.16
N ASP A 319 10.49 -37.71 4.41
CA ASP A 319 11.65 -38.47 4.86
C ASP A 319 12.75 -37.48 5.18
N LEU A 320 12.72 -36.98 6.41
CA LEU A 320 13.78 -36.10 6.89
C LEU A 320 14.94 -36.91 7.48
N SER A 321 15.41 -37.89 6.72
CA SER A 321 16.52 -38.73 7.15
C SER A 321 17.82 -37.96 7.29
N SER A 322 17.84 -36.67 6.92
CA SER A 322 19.05 -35.88 7.01
C SER A 322 18.81 -34.48 7.54
N LEU A 323 17.60 -34.15 7.98
CA LEU A 323 17.32 -32.85 8.57
C LEU A 323 17.48 -32.83 10.09
N ASP A 324 17.78 -33.99 10.69
CA ASP A 324 18.06 -34.05 12.14
C ASP A 324 18.93 -35.27 12.39
N THR A 325 20.23 -35.03 12.60
CA THR A 325 21.19 -36.10 12.84
C THR A 325 21.37 -36.40 14.32
N CYS A 326 20.61 -35.75 15.20
CA CYS A 326 20.73 -35.96 16.64
C CYS A 326 22.15 -35.67 17.12
N GLY A 327 22.79 -34.66 16.51
CA GLY A 327 24.14 -34.30 16.85
C GLY A 327 25.21 -35.18 16.23
N GLU A 328 24.84 -36.12 15.37
CA GLU A 328 25.83 -37.01 14.75
C GLU A 328 26.64 -36.25 13.71
N GLU A 329 25.96 -35.69 12.70
CA GLU A 329 26.62 -34.92 11.65
C GLU A 329 25.88 -33.60 11.46
N VAL A 330 26.24 -32.85 10.43
CA VAL A 330 25.53 -31.61 10.13
C VAL A 330 24.19 -31.95 9.49
N SER A 331 23.21 -31.08 9.69
CA SER A 331 21.86 -31.28 9.19
C SER A 331 21.34 -29.98 8.61
N VAL A 332 20.35 -30.10 7.72
CA VAL A 332 19.83 -28.93 7.03
C VAL A 332 19.28 -27.91 8.01
N LEU A 333 18.77 -28.35 9.15
CA LEU A 333 18.27 -27.40 10.14
C LEU A 333 19.40 -26.56 10.71
N GLU A 334 20.51 -27.19 11.10
CA GLU A 334 21.63 -26.45 11.67
C GLU A 334 22.17 -25.44 10.65
N ILE A 335 22.39 -25.88 9.41
CA ILE A 335 22.91 -24.99 8.38
C ILE A 335 21.92 -23.87 8.11
N LEU A 336 20.63 -24.19 8.06
CA LEU A 336 19.64 -23.22 7.63
C LEU A 336 19.42 -22.15 8.69
N VAL A 337 19.46 -22.53 9.97
CA VAL A 337 19.09 -21.60 11.04
C VAL A 337 20.33 -20.92 11.63
N TYR A 338 21.45 -21.64 11.74
CA TYR A 338 22.66 -21.10 12.34
C TYR A 338 23.60 -20.49 11.31
N ASN A 339 23.07 -19.97 10.21
CA ASN A 339 23.88 -19.35 9.17
C ASN A 339 23.13 -18.14 8.63
N SER A 340 23.85 -17.06 8.38
CA SER A 340 23.26 -15.82 7.90
C SER A 340 23.56 -15.52 6.44
N LYS A 341 24.54 -16.20 5.84
CA LYS A 341 24.84 -15.97 4.43
C LYS A 341 23.66 -16.36 3.54
N ILE A 342 22.71 -17.14 4.06
CA ILE A 342 21.49 -17.43 3.32
C ILE A 342 20.78 -16.12 3.01
N GLU A 343 20.25 -16.01 1.79
CA GLU A 343 19.48 -14.84 1.39
C GLU A 343 17.98 -15.07 1.52
N ASN A 344 17.53 -16.32 1.60
CA ASN A 344 16.12 -16.67 1.57
C ASN A 344 15.70 -17.44 2.83
N ARG A 345 16.27 -17.09 3.98
CA ARG A 345 15.99 -17.82 5.22
C ARG A 345 14.50 -18.00 5.43
N HIS A 346 13.75 -16.91 5.41
CA HIS A 346 12.36 -16.95 5.86
C HIS A 346 11.52 -17.89 5.01
N GLU A 347 11.67 -17.82 3.69
CA GLU A 347 10.92 -18.73 2.83
C GLU A 347 11.50 -20.13 2.87
N MET A 348 12.81 -20.26 3.17
CA MET A 348 13.40 -21.59 3.29
C MET A 348 13.02 -22.26 4.61
N LEU A 349 12.52 -21.49 5.58
CA LEU A 349 11.94 -22.07 6.79
C LEU A 349 10.46 -22.37 6.63
N ALA A 350 9.89 -22.11 5.44
CA ALA A 350 8.48 -22.36 5.19
C ALA A 350 8.23 -23.68 4.47
N VAL A 351 9.27 -24.34 3.97
CA VAL A 351 9.08 -25.66 3.37
C VAL A 351 8.43 -26.57 4.39
N GLU A 352 7.48 -27.38 3.92
CA GLU A 352 6.56 -28.11 4.79
C GLU A 352 7.27 -28.80 5.95
N PRO A 353 8.14 -29.79 5.67
CA PRO A 353 8.69 -30.58 6.77
C PRO A 353 9.49 -29.76 7.76
N ILE A 354 10.24 -28.76 7.31
CA ILE A 354 11.06 -27.97 8.24
C ILE A 354 10.17 -27.19 9.19
N ASN A 355 9.16 -26.50 8.67
CA ASN A 355 8.28 -25.71 9.51
C ASN A 355 7.49 -26.59 10.47
N GLU A 356 6.89 -27.67 9.95
CA GLU A 356 6.12 -28.55 10.82
C GLU A 356 7.02 -29.23 11.85
N LEU A 357 8.29 -29.47 11.51
CA LEU A 357 9.20 -30.10 12.45
C LEU A 357 9.62 -29.13 13.54
N LEU A 358 9.82 -27.86 13.19
CA LEU A 358 10.06 -26.85 14.22
C LEU A 358 8.87 -26.75 15.15
N ARG A 359 7.65 -26.74 14.59
CA ARG A 359 6.46 -26.66 15.43
C ARG A 359 6.33 -27.89 16.33
N ASP A 360 6.65 -29.07 15.80
CA ASP A 360 6.56 -30.28 16.61
C ASP A 360 7.61 -30.28 17.72
N LYS A 361 8.83 -29.88 17.41
CA LYS A 361 9.87 -29.79 18.44
C LYS A 361 9.50 -28.74 19.48
N TRP A 362 8.75 -27.72 19.08
CA TRP A 362 8.28 -26.72 20.04
C TRP A 362 7.23 -27.33 20.98
N ARG A 363 6.13 -27.80 20.41
CA ARG A 363 5.02 -28.31 21.21
C ARG A 363 5.48 -29.47 22.09
N LYS A 364 6.21 -30.41 21.52
CA LYS A 364 6.62 -31.60 22.27
C LYS A 364 7.55 -31.22 23.42
N PHE A 365 8.62 -30.48 23.12
CA PHE A 365 9.65 -30.20 24.11
C PHE A 365 10.09 -28.75 24.17
N GLY A 366 9.87 -27.94 23.14
CA GLY A 366 10.41 -26.58 23.15
C GLY A 366 9.77 -25.71 24.22
N ALA A 367 8.44 -25.76 24.34
CA ALA A 367 7.75 -24.88 25.27
C ALA A 367 8.16 -25.16 26.71
N VAL A 368 8.16 -26.43 27.11
CA VAL A 368 8.47 -26.77 28.49
C VAL A 368 9.88 -26.30 28.84
N SER A 369 10.86 -26.66 28.00
CA SER A 369 12.24 -26.31 28.30
C SER A 369 12.45 -24.80 28.29
N PHE A 370 11.85 -24.11 27.32
CA PHE A 370 12.01 -22.66 27.24
C PHE A 370 11.43 -21.97 28.47
N TYR A 371 10.23 -22.38 28.89
CA TYR A 371 9.63 -21.77 30.07
C TYR A 371 10.44 -22.07 31.31
N ILE A 372 10.91 -23.31 31.47
CA ILE A 372 11.75 -23.63 32.62
C ILE A 372 13.01 -22.77 32.62
N ASN A 373 13.65 -22.64 31.46
CA ASN A 373 14.88 -21.87 31.37
C ASN A 373 14.64 -20.41 31.74
N VAL A 374 13.63 -19.78 31.13
CA VAL A 374 13.39 -18.36 31.37
C VAL A 374 12.99 -18.12 32.83
N VAL A 375 12.12 -18.98 33.36
CA VAL A 375 11.68 -18.80 34.75
C VAL A 375 12.85 -19.00 35.71
N SER A 376 13.68 -20.00 35.47
CA SER A 376 14.83 -20.23 36.33
C SER A 376 15.79 -19.05 36.27
N TYR A 377 16.04 -18.52 35.07
CA TYR A 377 16.90 -17.35 34.96
C TYR A 377 16.33 -16.19 35.74
N LEU A 378 15.04 -15.91 35.57
CA LEU A 378 14.44 -14.76 36.25
C LEU A 378 14.50 -14.94 37.76
N CYS A 379 14.16 -16.13 38.26
CA CYS A 379 14.16 -16.35 39.71
C CYS A 379 15.57 -16.27 40.28
N ALA A 380 16.54 -16.91 39.61
CA ALA A 380 17.91 -16.87 40.11
C ALA A 380 18.45 -15.44 40.12
N MET A 381 18.15 -14.67 39.08
CA MET A 381 18.65 -13.30 39.06
C MET A 381 17.88 -12.39 40.00
N VAL A 382 16.62 -12.68 40.28
CA VAL A 382 15.92 -11.96 41.35
C VAL A 382 16.55 -12.27 42.70
N ILE A 383 16.97 -13.52 42.89
CA ILE A 383 17.70 -13.87 44.10
C ILE A 383 19.01 -13.08 44.18
N PHE A 384 19.72 -12.99 43.06
CA PHE A 384 20.93 -12.16 43.01
C PHE A 384 20.62 -10.71 43.38
N THR A 385 19.54 -10.17 42.82
CA THR A 385 19.19 -8.77 43.06
C THR A 385 18.85 -8.55 44.53
N LEU A 386 18.09 -9.46 45.13
CA LEU A 386 17.76 -9.33 46.55
C LEU A 386 19.00 -9.49 47.43
N THR A 387 19.91 -10.39 47.05
CA THR A 387 21.17 -10.49 47.79
C THR A 387 21.94 -9.17 47.74
N ALA A 388 21.94 -8.53 46.57
CA ALA A 388 22.54 -7.20 46.48
C ALA A 388 21.81 -6.21 47.37
N TYR A 389 20.47 -6.25 47.37
CA TYR A 389 19.69 -5.35 48.21
C TYR A 389 19.94 -5.61 49.68
N TYR A 390 19.98 -6.88 50.08
CA TYR A 390 20.30 -7.27 51.45
C TYR A 390 21.79 -7.47 51.67
N GLN A 391 22.62 -7.10 50.70
CA GLN A 391 24.07 -7.18 50.82
C GLN A 391 24.49 -6.74 52.21
N PRO A 392 25.38 -7.49 52.90
CA PRO A 392 25.72 -7.14 54.28
C PRO A 392 26.09 -5.68 54.46
N LEU A 393 25.45 -5.02 55.43
CA LEU A 393 25.68 -3.61 55.66
C LEU A 393 27.03 -3.40 56.37
N GLU A 394 27.44 -2.14 56.43
CA GLU A 394 28.70 -1.72 57.05
C GLU A 394 29.93 -2.25 56.32
N GLY A 395 29.76 -2.75 55.10
CA GLY A 395 30.87 -3.30 54.35
C GLY A 395 31.62 -4.39 55.11
N THR A 396 32.83 -4.67 54.69
CA THR A 396 33.67 -5.69 55.32
C THR A 396 32.91 -7.00 55.49
N PRO A 397 32.53 -7.67 54.40
CA PRO A 397 31.93 -9.01 54.51
C PRO A 397 32.96 -10.12 54.40
N PRO A 398 33.76 -10.40 55.43
CA PRO A 398 34.63 -11.58 55.36
C PRO A 398 33.80 -12.86 55.30
N TYR A 399 32.94 -13.05 56.29
CA TYR A 399 31.97 -14.14 56.30
C TYR A 399 30.84 -13.78 57.27
N PRO A 400 30.15 -12.65 57.06
CA PRO A 400 29.18 -12.15 58.06
C PRO A 400 27.82 -12.83 57.96
N TYR A 401 27.74 -14.07 58.43
CA TYR A 401 26.47 -14.82 58.41
C TYR A 401 26.35 -15.65 59.68
N ARG A 402 25.73 -15.05 60.70
CA ARG A 402 25.46 -15.71 61.98
C ARG A 402 23.98 -15.65 62.33
N THR A 403 23.12 -15.45 61.33
CA THR A 403 21.69 -15.24 61.56
C THR A 403 20.90 -16.01 60.51
N THR A 404 19.64 -16.32 60.85
CA THR A 404 18.79 -17.07 59.94
C THR A 404 18.61 -16.33 58.61
N VAL A 405 18.28 -15.04 58.67
CA VAL A 405 18.21 -14.25 57.45
C VAL A 405 19.58 -14.18 56.80
N ASP A 406 20.64 -14.14 57.59
CA ASP A 406 21.98 -14.22 57.04
C ASP A 406 22.20 -15.55 56.32
N TYR A 407 21.69 -16.65 56.88
CA TYR A 407 21.80 -17.94 56.20
C TYR A 407 21.04 -17.92 54.88
N LEU A 408 19.85 -17.29 54.85
CA LEU A 408 19.11 -17.17 53.59
C LEU A 408 19.90 -16.35 52.58
N ARG A 409 20.52 -15.26 53.03
CA ARG A 409 21.35 -14.46 52.14
C ARG A 409 22.53 -15.26 51.61
N LEU A 410 23.15 -16.07 52.46
CA LEU A 410 24.26 -16.90 52.01
C LEU A 410 23.79 -17.92 50.99
N ALA A 411 22.59 -18.49 51.20
CA ALA A 411 22.04 -19.41 50.22
C ALA A 411 21.80 -18.71 48.88
N GLY A 412 21.27 -17.49 48.93
CA GLY A 412 21.07 -16.75 47.69
C GLY A 412 22.38 -16.45 46.98
N GLU A 413 23.40 -16.06 47.73
CA GLU A 413 24.71 -15.80 47.14
C GLU A 413 25.31 -17.07 46.55
N VAL A 414 25.11 -18.20 47.23
CA VAL A 414 25.60 -19.47 46.70
C VAL A 414 24.89 -19.81 45.40
N ILE A 415 23.57 -19.58 45.34
CA ILE A 415 22.84 -19.80 44.10
C ILE A 415 23.37 -18.91 42.99
N THR A 416 23.65 -17.64 43.33
CA THR A 416 24.20 -16.72 42.34
C THR A 416 25.53 -17.24 41.80
N LEU A 417 26.43 -17.66 42.68
CA LEU A 417 27.72 -18.16 42.24
C LEU A 417 27.56 -19.43 41.42
N PHE A 418 26.65 -20.32 41.82
CA PHE A 418 26.43 -21.56 41.08
C PHE A 418 25.94 -21.26 39.68
N THR A 419 24.97 -20.37 39.54
CA THR A 419 24.47 -20.05 38.21
C THR A 419 25.52 -19.34 37.38
N GLY A 420 26.34 -18.48 38.01
CA GLY A 420 27.40 -17.82 37.27
C GLY A 420 28.43 -18.80 36.74
N VAL A 421 28.87 -19.73 37.59
CA VAL A 421 29.88 -20.69 37.16
C VAL A 421 29.30 -21.65 36.13
N LEU A 422 28.03 -22.04 36.28
CA LEU A 422 27.40 -22.88 35.27
C LEU A 422 27.30 -22.15 33.94
N PHE A 423 26.98 -20.86 33.98
CA PHE A 423 26.93 -20.06 32.75
C PHE A 423 28.32 -19.97 32.12
N PHE A 424 29.36 -19.83 32.94
CA PHE A 424 30.72 -19.83 32.40
C PHE A 424 31.03 -21.16 31.73
N PHE A 425 30.63 -22.27 32.36
CA PHE A 425 30.86 -23.58 31.75
C PHE A 425 30.13 -23.71 30.42
N THR A 426 28.88 -23.25 30.37
CA THR A 426 28.14 -23.31 29.11
C THR A 426 28.79 -22.44 28.04
N SER A 427 29.25 -21.25 28.42
CA SER A 427 29.88 -20.35 27.45
C SER A 427 31.15 -20.96 26.89
N ILE A 428 32.00 -21.50 27.76
CA ILE A 428 33.24 -22.11 27.27
C ILE A 428 32.93 -23.33 26.42
N LYS A 429 31.92 -24.12 26.81
CA LYS A 429 31.49 -25.23 25.97
C LYS A 429 30.88 -24.73 24.67
N ASP A 430 30.13 -23.64 24.72
CA ASP A 430 29.49 -23.08 23.54
C ASP A 430 30.52 -22.56 22.55
N PHE A 448 25.78 -12.64 20.74
CA PHE A 448 24.87 -13.19 21.73
C PHE A 448 25.65 -13.79 22.89
N GLN A 449 26.50 -14.77 22.59
CA GLN A 449 27.34 -15.35 23.62
C GLN A 449 28.27 -14.33 24.25
N LEU A 450 28.53 -13.22 23.56
CA LEU A 450 29.41 -12.19 24.10
C LEU A 450 28.93 -11.71 25.46
N LEU A 451 27.72 -11.17 25.51
CA LEU A 451 27.21 -10.62 26.76
C LEU A 451 27.09 -11.69 27.84
N TYR A 452 26.71 -12.90 27.45
CA TYR A 452 26.59 -13.99 28.42
C TYR A 452 27.94 -14.29 29.06
N PHE A 453 29.01 -14.33 28.24
CA PHE A 453 30.35 -14.56 28.77
C PHE A 453 30.79 -13.39 29.64
N ILE A 454 30.46 -12.16 29.25
CA ILE A 454 30.77 -11.00 30.09
C ILE A 454 30.13 -11.15 31.46
N TYR A 455 28.85 -11.52 31.49
CA TYR A 455 28.16 -11.75 32.75
C TYR A 455 28.85 -12.84 33.56
N SER A 456 29.22 -13.95 32.92
CA SER A 456 29.83 -15.05 33.66
C SER A 456 31.15 -14.60 34.28
N VAL A 457 32.00 -13.92 33.50
CA VAL A 457 33.29 -13.51 34.02
C VAL A 457 33.13 -12.47 35.12
N LEU A 458 32.15 -11.57 34.97
CA LEU A 458 31.92 -10.57 36.00
C LEU A 458 31.46 -11.23 37.30
N VAL A 459 30.57 -12.21 37.22
CA VAL A 459 30.15 -12.93 38.42
C VAL A 459 31.34 -13.63 39.06
N VAL A 460 32.18 -14.27 38.25
CA VAL A 460 33.33 -14.97 38.80
C VAL A 460 34.26 -14.00 39.52
N VAL A 461 34.54 -12.85 38.89
CA VAL A 461 35.43 -11.87 39.49
C VAL A 461 34.83 -11.31 40.78
N SER A 462 33.53 -11.03 40.77
CA SER A 462 32.88 -10.53 41.98
C SER A 462 32.96 -11.54 43.10
N ALA A 463 32.74 -12.82 42.79
CA ALA A 463 32.86 -13.86 43.81
C ALA A 463 34.28 -13.93 44.36
N ALA A 464 35.27 -13.84 43.46
CA ALA A 464 36.67 -13.90 43.90
C ALA A 464 36.99 -12.73 44.83
N LEU A 465 36.55 -11.53 44.48
CA LEU A 465 36.81 -10.37 45.32
C LEU A 465 36.08 -10.47 46.65
N TYR A 466 34.83 -10.94 46.64
CA TYR A 466 34.08 -11.09 47.88
C TYR A 466 34.76 -12.09 48.81
N LEU A 467 35.22 -13.23 48.26
CA LEU A 467 35.92 -14.21 49.08
C LEU A 467 37.23 -13.67 49.62
N ALA A 468 37.79 -12.62 49.01
CA ALA A 468 38.96 -11.96 49.56
C ALA A 468 38.63 -11.12 50.78
N GLY A 469 37.34 -10.90 51.06
CA GLY A 469 36.96 -10.12 52.23
C GLY A 469 37.38 -8.67 52.17
N ILE A 470 37.55 -8.13 50.97
CA ILE A 470 37.97 -6.75 50.80
C ILE A 470 36.73 -5.91 50.48
N GLU A 471 36.86 -4.60 50.68
CA GLU A 471 35.76 -3.66 50.55
C GLU A 471 35.91 -2.86 49.26
N ALA A 472 34.86 -2.10 48.95
CA ALA A 472 34.83 -1.16 47.83
C ALA A 472 34.93 -1.86 46.47
N TYR A 473 34.71 -3.19 46.45
CA TYR A 473 34.73 -3.94 45.20
C TYR A 473 33.42 -4.66 44.92
N LEU A 474 32.32 -4.20 45.54
CA LEU A 474 31.00 -4.67 45.14
C LEU A 474 30.57 -4.10 43.79
N ALA A 475 31.32 -3.13 43.24
CA ALA A 475 30.94 -2.53 41.96
C ALA A 475 30.85 -3.58 40.86
N VAL A 476 31.80 -4.52 40.84
CA VAL A 476 31.75 -5.58 39.82
C VAL A 476 30.47 -6.39 39.98
N MET A 477 30.04 -6.63 41.22
CA MET A 477 28.79 -7.34 41.44
C MET A 477 27.62 -6.59 40.82
N VAL A 478 27.59 -5.27 40.98
CA VAL A 478 26.49 -4.48 40.43
C VAL A 478 26.56 -4.48 38.91
N PHE A 479 27.76 -4.40 38.34
CA PHE A 479 27.92 -4.54 36.89
C PHE A 479 27.38 -5.88 36.41
N ALA A 480 27.71 -6.96 37.12
CA ALA A 480 27.19 -8.27 36.75
C ALA A 480 25.67 -8.26 36.77
N LEU A 481 25.09 -7.68 37.82
CA LEU A 481 23.64 -7.60 37.91
C LEU A 481 23.04 -6.89 36.71
N VAL A 482 23.57 -5.71 36.37
CA VAL A 482 22.95 -4.93 35.30
C VAL A 482 23.13 -5.62 33.95
N LEU A 483 24.32 -6.16 33.68
CA LEU A 483 24.50 -6.89 32.43
C LEU A 483 23.56 -8.10 32.34
N GLY A 484 23.40 -8.82 33.45
CA GLY A 484 22.50 -9.97 33.41
C GLY A 484 21.06 -9.57 33.15
N TRP A 485 20.59 -8.49 33.79
CA TRP A 485 19.22 -8.08 33.52
C TRP A 485 19.08 -7.49 32.11
N MET A 486 20.16 -6.97 31.54
CA MET A 486 20.11 -6.60 30.14
C MET A 486 19.98 -7.83 29.25
N ASN A 487 20.66 -8.93 29.62
CA ASN A 487 20.42 -10.21 28.96
C ASN A 487 19.00 -10.73 29.21
N ALA A 488 18.35 -10.23 30.26
CA ALA A 488 17.00 -10.67 30.56
C ALA A 488 16.04 -10.40 29.40
N LEU A 489 16.18 -9.24 28.74
CA LEU A 489 15.31 -8.96 27.60
C LEU A 489 15.64 -9.87 26.43
N TYR A 490 16.93 -10.19 26.25
CA TYR A 490 17.31 -11.14 25.21
C TYR A 490 16.61 -12.48 25.42
N PHE A 491 16.57 -12.95 26.67
CA PHE A 491 15.89 -14.21 26.94
C PHE A 491 14.37 -14.08 26.85
N THR A 492 13.81 -12.96 27.30
CA THR A 492 12.37 -12.75 27.25
C THR A 492 11.86 -12.57 25.83
N ARG A 493 12.75 -12.27 24.88
CA ARG A 493 12.37 -12.19 23.48
C ARG A 493 11.43 -13.32 23.08
N GLY A 494 11.67 -14.53 23.58
CA GLY A 494 10.88 -15.67 23.16
C GLY A 494 9.57 -15.82 23.91
N LEU A 495 9.37 -15.04 24.96
CA LEU A 495 8.19 -15.19 25.82
C LEU A 495 7.13 -14.15 25.44
N LYS A 496 5.86 -14.56 25.57
CA LYS A 496 4.71 -13.70 25.27
C LYS A 496 4.74 -13.20 23.84
N LEU A 497 5.30 -14.00 22.92
CA LEU A 497 5.38 -13.66 21.51
C LEU A 497 5.94 -12.25 21.32
N THR A 498 7.05 -12.00 22.00
CA THR A 498 7.74 -10.72 21.94
C THR A 498 8.97 -10.84 21.05
N GLY A 499 9.74 -9.76 20.96
CA GLY A 499 10.95 -9.77 20.17
C GLY A 499 11.16 -8.51 19.37
N THR A 500 10.13 -7.65 19.31
CA THR A 500 10.32 -6.34 18.70
C THR A 500 11.41 -5.57 19.43
N TYR A 501 11.60 -5.84 20.72
CA TYR A 501 12.55 -5.08 21.53
C TYR A 501 13.99 -5.34 21.08
N SER A 502 14.31 -6.59 20.76
CA SER A 502 15.64 -6.89 20.25
C SER A 502 15.88 -6.17 18.93
N ILE A 503 14.88 -6.15 18.04
CA ILE A 503 15.00 -5.42 16.79
C ILE A 503 15.23 -3.94 17.07
N MET A 504 14.50 -3.40 18.04
CA MET A 504 14.65 -2.00 18.42
C MET A 504 16.04 -1.69 18.94
N ILE A 505 16.61 -2.58 19.76
CA ILE A 505 17.93 -2.33 20.32
C ILE A 505 18.99 -2.35 19.23
N GLN A 506 18.83 -3.19 18.21
CA GLN A 506 19.79 -3.31 17.12
C GLN A 506 19.45 -2.40 15.94
N LYS A 507 18.57 -1.42 16.14
CA LYS A 507 18.13 -0.51 15.09
C LYS A 507 18.61 0.92 15.30
N ILE A 508 18.35 1.49 16.48
CA ILE A 508 18.55 2.91 16.72
C ILE A 508 19.80 3.16 17.54
N LEU A 509 20.18 2.16 18.34
CA LEU A 509 21.21 2.34 19.36
C LEU A 509 22.41 3.13 18.86
N PHE A 510 23.09 2.61 17.83
CA PHE A 510 24.35 3.21 17.40
C PHE A 510 24.14 4.56 16.71
N LYS A 511 23.11 4.67 15.87
CA LYS A 511 22.89 5.90 15.12
C LYS A 511 22.64 7.08 16.05
N ASP A 512 21.77 6.89 17.04
CA ASP A 512 21.41 7.99 17.93
C ASP A 512 22.63 8.49 18.69
N LEU A 513 23.38 7.57 19.31
CA LEU A 513 24.55 7.98 20.07
C LEU A 513 25.58 8.65 19.17
N PHE A 514 25.85 8.06 18.00
CA PHE A 514 26.78 8.67 17.05
C PHE A 514 26.41 10.14 16.80
N ARG A 515 25.22 10.35 16.23
CA ARG A 515 24.84 11.71 15.83
C ARG A 515 24.79 12.65 17.02
N PHE A 516 24.17 12.20 18.12
CA PHE A 516 24.04 13.05 19.29
C PHE A 516 25.43 13.44 19.75
N LEU A 517 26.21 12.48 20.26
CA LEU A 517 27.55 12.79 20.76
C LEU A 517 28.26 13.78 19.85
N LEU A 518 28.32 13.48 18.55
CA LEU A 518 29.05 14.35 17.64
C LEU A 518 28.52 15.78 17.70
N VAL A 519 27.27 15.99 17.29
CA VAL A 519 26.77 17.35 17.13
C VAL A 519 26.71 18.06 18.47
N TYR A 520 26.31 17.33 19.52
CA TYR A 520 26.21 17.90 20.85
C TYR A 520 27.54 18.46 21.31
N LEU A 521 28.56 17.60 21.47
CA LEU A 521 29.86 18.07 21.93
C LEU A 521 30.42 19.12 20.97
N LEU A 522 30.05 19.04 19.70
CA LEU A 522 30.64 19.92 18.70
C LEU A 522 30.13 21.34 18.84
N PHE A 523 28.81 21.52 18.76
CA PHE A 523 28.25 22.84 19.04
C PHE A 523 28.59 23.29 20.45
N MET A 524 28.82 22.36 21.37
CA MET A 524 29.26 22.74 22.71
C MET A 524 30.60 23.47 22.66
N ILE A 525 31.58 22.90 21.97
CA ILE A 525 32.89 23.54 21.90
C ILE A 525 32.79 24.85 21.12
N GLY A 526 31.98 24.88 20.06
CA GLY A 526 31.80 26.12 19.33
C GLY A 526 31.24 27.22 20.22
N TYR A 527 30.21 26.89 20.98
CA TYR A 527 29.69 27.78 22.01
C TYR A 527 30.78 28.22 22.97
N ALA A 528 31.60 27.27 23.43
CA ALA A 528 32.59 27.55 24.46
C ALA A 528 33.61 28.57 23.99
N SER A 529 34.03 28.46 22.74
CA SER A 529 35.03 29.41 22.24
C SER A 529 34.56 30.85 22.44
N ALA A 530 33.36 31.17 21.94
CA ALA A 530 32.86 32.53 22.09
C ALA A 530 32.54 32.87 23.54
N LEU A 531 32.04 31.90 24.31
CA LEU A 531 31.72 32.18 25.71
C LEU A 531 32.96 32.62 26.47
N VAL A 532 34.05 31.84 26.36
CA VAL A 532 35.28 32.21 27.05
C VAL A 532 35.91 33.44 26.39
N THR A 533 35.56 33.72 25.14
CA THR A 533 35.96 34.99 24.54
C THR A 533 35.33 36.16 25.31
N LEU A 534 34.04 36.05 25.63
CA LEU A 534 33.38 37.11 26.36
C LEU A 534 33.95 37.27 27.78
N LEU A 535 34.19 36.16 28.47
CA LEU A 535 34.62 36.17 29.86
C LEU A 535 36.02 35.60 29.97
N ASN A 536 36.89 36.31 30.69
CA ASN A 536 38.28 35.86 30.82
C ASN A 536 38.46 34.47 31.43
N PRO A 557 32.18 34.00 35.92
CA PRO A 557 31.12 34.91 36.34
C PRO A 557 29.74 34.22 36.42
N ALA A 558 29.07 34.08 35.29
CA ALA A 558 27.76 33.44 35.28
C ALA A 558 27.88 31.93 35.13
N CYS A 559 28.52 31.47 34.05
CA CYS A 559 28.68 30.04 33.85
C CYS A 559 29.68 29.45 34.83
N ARG A 560 30.45 30.30 35.51
CA ARG A 560 31.55 29.84 36.36
C ARG A 560 31.91 30.91 37.37
N ASP A 561 32.94 30.62 38.15
CA ASP A 561 33.56 31.64 38.99
C ASP A 561 35.00 31.90 38.55
N SER A 562 35.73 30.86 38.14
CA SER A 562 37.10 31.00 37.69
C SER A 562 37.52 29.74 36.95
N GLU A 563 38.63 29.85 36.22
CA GLU A 563 39.30 28.71 35.61
C GLU A 563 38.52 28.23 34.39
N THR A 564 39.10 27.36 33.59
CA THR A 564 38.51 26.89 32.34
C THR A 564 38.06 25.44 32.47
N PHE A 565 36.76 25.22 32.30
CA PHE A 565 36.12 23.90 32.41
C PHE A 565 34.96 23.90 31.41
N SER A 566 35.03 23.02 30.43
CA SER A 566 33.90 22.85 29.52
C SER A 566 32.74 22.13 30.21
N ALA A 567 32.96 21.65 31.44
CA ALA A 567 31.94 20.87 32.12
C ALA A 567 30.70 21.72 32.43
N PHE A 568 30.89 22.95 32.90
CA PHE A 568 29.72 23.80 33.15
C PHE A 568 28.98 24.10 31.86
N LEU A 569 29.70 24.23 30.75
CA LEU A 569 29.03 24.47 29.48
C LEU A 569 28.25 23.23 29.03
N LEU A 570 28.80 22.04 29.29
CA LEU A 570 28.04 20.82 29.03
C LEU A 570 26.77 20.78 29.86
N ASP A 571 26.88 21.15 31.13
CA ASP A 571 25.71 21.20 32.00
C ASP A 571 24.69 22.21 31.48
N LEU A 572 25.17 23.36 31.01
CA LEU A 572 24.27 24.37 30.45
C LEU A 572 23.57 23.84 29.22
N PHE A 573 24.28 23.11 28.36
CA PHE A 573 23.64 22.57 27.17
C PHE A 573 22.64 21.48 27.52
N LYS A 574 22.93 20.68 28.54
CA LYS A 574 21.93 19.72 29.03
C LYS A 574 20.70 20.45 29.52
N LEU A 575 20.90 21.55 30.26
CA LEU A 575 19.79 22.37 30.71
C LEU A 575 18.98 22.86 29.52
N THR A 576 19.67 23.32 28.47
CA THR A 576 18.98 23.81 27.28
C THR A 576 18.13 22.72 26.64
N ILE A 577 18.75 21.58 26.35
CA ILE A 577 18.07 20.55 25.57
C ILE A 577 16.93 19.93 26.36
N GLY A 578 17.19 19.57 27.61
CA GLY A 578 16.18 18.89 28.40
C GLY A 578 15.37 19.84 29.26
N MET A 579 15.98 20.95 29.69
CA MET A 579 15.36 21.77 30.72
C MET A 579 14.94 23.12 30.18
N GLY A 580 15.76 23.75 29.34
CA GLY A 580 15.53 25.13 28.98
C GLY A 580 15.86 26.03 30.15
N ASP A 581 15.26 27.22 30.14
CA ASP A 581 15.55 28.21 31.17
C ASP A 581 17.05 28.43 31.27
N LEU A 582 17.70 28.42 30.11
CA LEU A 582 19.14 28.56 30.03
C LEU A 582 19.59 29.96 30.42
N GLU A 583 20.70 30.04 31.14
CA GLU A 583 21.27 31.30 31.60
C GLU A 583 22.67 31.45 31.01
N MET A 584 23.05 32.70 30.74
CA MET A 584 24.37 33.00 30.22
C MET A 584 24.93 34.20 30.98
N LEU A 585 26.23 34.43 30.79
CA LEU A 585 26.79 35.74 31.16
C LEU A 585 26.15 36.83 30.30
N SER A 586 25.98 36.56 29.01
CA SER A 586 25.33 37.51 28.12
C SER A 586 23.87 37.71 28.53
N SER A 587 23.42 38.96 28.45
CA SER A 587 22.04 39.29 28.80
C SER A 587 21.55 40.45 27.95
N ILE A 595 26.97 36.60 20.24
CA ILE A 595 26.07 36.26 21.34
C ILE A 595 24.78 35.64 20.80
N LEU A 596 24.37 36.09 19.61
CA LEU A 596 23.18 35.52 18.98
C LEU A 596 23.49 34.18 18.33
N LEU A 597 24.72 34.02 17.84
CA LEU A 597 25.11 32.73 17.26
C LEU A 597 24.99 31.62 18.29
N LEU A 598 25.02 31.98 19.58
CA LEU A 598 24.75 31.00 20.62
C LEU A 598 23.32 30.46 20.49
N VAL A 599 22.36 31.37 20.35
CA VAL A 599 20.98 30.98 20.14
C VAL A 599 20.84 30.17 18.84
N THR A 600 21.62 30.54 17.82
CA THR A 600 21.60 29.75 16.59
C THR A 600 22.09 28.33 16.85
N TYR A 601 23.18 28.18 17.62
CA TYR A 601 23.65 26.86 17.99
C TYR A 601 22.54 26.06 18.64
N ILE A 602 21.87 26.67 19.61
CA ILE A 602 20.83 25.99 20.35
C ILE A 602 19.70 25.54 19.43
N ILE A 603 19.24 26.45 18.56
CA ILE A 603 18.15 26.12 17.65
C ILE A 603 18.54 24.97 16.75
N LEU A 604 19.74 25.04 16.17
CA LEU A 604 20.17 24.00 15.23
C LEU A 604 20.29 22.65 15.91
N THR A 605 20.90 22.59 17.10
CA THR A 605 21.03 21.31 17.76
C THR A 605 19.67 20.75 18.15
N PHE A 606 18.77 21.59 18.67
CA PHE A 606 17.45 21.12 19.06
C PHE A 606 16.69 20.56 17.86
N VAL A 607 16.63 21.32 16.77
CA VAL A 607 15.89 20.88 15.60
C VAL A 607 16.52 19.61 15.03
N LEU A 608 17.85 19.55 15.01
CA LEU A 608 18.52 18.37 14.47
C LEU A 608 18.16 17.14 15.28
N LEU A 609 18.18 17.24 16.60
CA LEU A 609 17.84 16.07 17.42
C LEU A 609 16.39 15.66 17.24
N LEU A 610 15.47 16.64 17.20
CA LEU A 610 14.07 16.29 17.01
C LEU A 610 13.83 15.59 15.67
N ASN A 611 14.34 16.17 14.58
CA ASN A 611 14.12 15.54 13.29
C ASN A 611 14.91 14.24 13.16
N MET A 612 15.99 14.09 13.92
CA MET A 612 16.67 12.80 13.99
C MET A 612 15.76 11.76 14.60
N LEU A 613 15.08 12.10 15.69
CA LEU A 613 14.13 11.16 16.27
C LEU A 613 13.02 10.83 15.28
N ILE A 614 12.55 11.84 14.54
CA ILE A 614 11.51 11.59 13.53
C ILE A 614 12.01 10.62 12.47
N ALA A 615 13.23 10.83 11.97
CA ALA A 615 13.77 9.96 10.94
C ALA A 615 13.99 8.55 11.47
N LEU A 616 14.44 8.43 12.72
CA LEU A 616 14.60 7.11 13.32
C LEU A 616 13.25 6.40 13.42
N MET A 617 12.20 7.12 13.82
CA MET A 617 10.87 6.51 13.86
C MET A 617 10.46 6.03 12.47
N GLY A 618 10.65 6.87 11.46
CA GLY A 618 10.25 6.50 10.12
C GLY A 618 11.00 5.28 9.61
N GLU A 619 12.32 5.28 9.79
CA GLU A 619 13.13 4.14 9.34
C GLU A 619 12.76 2.88 10.09
N THR A 620 12.50 2.98 11.40
CA THR A 620 12.12 1.80 12.17
C THR A 620 10.80 1.23 11.69
N VAL A 621 9.81 2.09 11.48
CA VAL A 621 8.50 1.58 11.03
C VAL A 621 8.61 0.99 9.64
N GLY A 622 9.43 1.59 8.77
CA GLY A 622 9.64 1.03 7.45
C GLY A 622 10.32 -0.33 7.50
N GLN A 623 11.37 -0.45 8.32
CA GLN A 623 12.11 -1.70 8.42
C GLN A 623 11.26 -2.82 9.00
N VAL A 624 10.62 -2.57 10.15
CA VAL A 624 9.89 -3.63 10.83
C VAL A 624 8.74 -4.13 9.96
N SER A 625 7.90 -3.22 9.46
CA SER A 625 6.69 -3.60 8.74
C SER A 625 5.98 -4.72 9.47
N LYS A 626 5.88 -4.59 10.81
CA LYS A 626 5.42 -5.67 11.68
C LYS A 626 6.30 -6.91 11.47
N GLU A 627 7.61 -6.68 11.42
CA GLU A 627 8.63 -7.71 11.20
C GLU A 627 8.24 -8.63 10.06
N SER A 628 7.44 -8.12 9.12
CA SER A 628 6.99 -8.90 7.96
C SER A 628 6.38 -10.24 8.37
N LYS A 629 6.01 -10.39 9.64
CA LYS A 629 5.45 -11.63 10.17
C LYS A 629 6.43 -12.80 10.09
N HIS A 630 7.73 -12.53 9.92
CA HIS A 630 8.70 -13.62 9.77
C HIS A 630 9.86 -13.56 10.76
N ILE A 631 10.35 -12.36 11.09
CA ILE A 631 11.56 -12.26 11.90
C ILE A 631 11.38 -13.03 13.20
N TRP A 632 10.26 -12.81 13.89
CA TRP A 632 10.00 -13.52 15.13
C TRP A 632 10.05 -15.02 14.91
N LYS A 633 9.61 -15.50 13.76
CA LYS A 633 9.66 -16.93 13.48
C LYS A 633 11.11 -17.41 13.43
N LEU A 634 12.00 -16.61 12.84
CA LEU A 634 13.41 -16.98 12.83
C LEU A 634 14.00 -17.01 14.23
N GLN A 635 13.65 -16.02 15.06
CA GLN A 635 14.14 -16.03 16.44
C GLN A 635 13.58 -17.25 17.19
N TRP A 636 12.33 -17.60 16.93
CA TRP A 636 11.71 -18.77 17.53
C TRP A 636 12.44 -20.05 17.15
N ALA A 637 12.77 -20.20 15.87
CA ALA A 637 13.53 -21.36 15.44
C ALA A 637 14.90 -21.38 16.09
N THR A 638 15.55 -20.22 16.19
CA THR A 638 16.84 -20.13 16.88
C THR A 638 16.71 -20.63 18.31
N THR A 639 15.69 -20.18 19.02
CA THR A 639 15.49 -20.61 20.41
C THR A 639 15.28 -22.11 20.48
N ILE A 640 14.43 -22.65 19.61
CA ILE A 640 14.12 -24.08 19.68
C ILE A 640 15.38 -24.90 19.45
N LEU A 641 16.14 -24.56 18.41
CA LEU A 641 17.34 -25.33 18.11
C LEU A 641 18.40 -25.16 19.19
N ASP A 642 18.53 -23.95 19.75
CA ASP A 642 19.46 -23.76 20.85
C ASP A 642 19.10 -24.63 22.03
N ILE A 643 17.82 -24.68 22.39
CA ILE A 643 17.39 -25.53 23.49
C ILE A 643 17.69 -26.99 23.18
N GLU A 644 17.37 -27.43 21.96
CA GLU A 644 17.56 -28.84 21.61
C GLU A 644 19.04 -29.21 21.70
N ARG A 645 19.92 -28.36 21.19
CA ARG A 645 21.35 -28.64 21.29
C ARG A 645 21.85 -28.55 22.73
N SER A 646 21.18 -27.74 23.56
CA SER A 646 21.68 -27.51 24.91
C SER A 646 21.76 -28.81 25.70
N PHE A 647 20.63 -29.44 25.97
CA PHE A 647 20.64 -30.68 26.73
C PHE A 647 21.12 -31.82 25.84
N PRO A 648 21.78 -32.84 26.40
CA PRO A 648 22.35 -33.89 25.55
C PRO A 648 21.29 -34.63 24.74
N VAL A 649 21.66 -35.03 23.51
CA VAL A 649 20.71 -35.70 22.63
C VAL A 649 20.72 -37.21 22.78
N PHE A 650 21.73 -37.79 23.43
CA PHE A 650 21.69 -39.22 23.67
C PHE A 650 20.45 -39.59 24.47
N LEU A 651 19.96 -38.66 25.29
CA LEU A 651 18.63 -38.80 25.87
C LEU A 651 17.60 -38.80 24.73
N ARG A 652 16.67 -39.76 24.79
CA ARG A 652 15.80 -40.06 23.66
C ARG A 652 14.68 -39.02 23.57
N LYS A 653 15.04 -37.85 23.03
CA LYS A 653 14.11 -36.80 22.68
C LYS A 653 14.31 -36.49 21.20
N ALA A 654 13.59 -37.22 20.34
CA ALA A 654 13.75 -37.08 18.91
C ALA A 654 12.38 -36.97 18.25
N PHE A 655 12.40 -36.67 16.96
CA PHE A 655 11.19 -36.56 16.15
C PHE A 655 10.58 -37.93 15.91
N ARG A 656 9.52 -37.95 15.11
CA ARG A 656 8.79 -39.17 14.84
C ARG A 656 9.71 -40.25 14.28
N SER A 657 9.26 -41.51 14.35
CA SER A 657 9.96 -42.64 13.78
C SER A 657 9.06 -43.36 12.78
N GLY A 658 9.59 -44.44 12.21
CA GLY A 658 8.89 -45.11 11.13
C GLY A 658 9.27 -46.56 10.90
N GLU A 659 9.39 -46.93 9.63
CA GLU A 659 9.46 -48.33 9.21
C GLU A 659 10.89 -48.85 9.31
N MET A 660 11.10 -50.06 8.78
CA MET A 660 12.38 -50.76 8.90
C MET A 660 13.14 -50.86 7.58
N VAL A 661 12.47 -51.24 6.48
CA VAL A 661 13.16 -51.43 5.21
C VAL A 661 12.14 -51.32 4.09
N THR A 662 12.59 -50.81 2.95
CA THR A 662 11.86 -50.66 1.70
C THR A 662 10.85 -49.52 1.75
N VAL A 663 10.62 -48.90 2.90
CA VAL A 663 9.73 -47.74 2.99
C VAL A 663 10.20 -46.84 4.13
N ARG A 673 14.63 -48.45 6.93
CA ARG A 673 14.97 -47.80 8.19
C ARG A 673 15.23 -46.32 7.97
N ARG A 674 14.21 -45.61 7.50
CA ARG A 674 14.30 -44.18 7.24
C ARG A 674 13.47 -43.46 8.30
N TRP A 675 14.13 -42.58 9.06
CA TRP A 675 13.53 -41.93 10.22
C TRP A 675 12.51 -40.89 9.75
N CYS A 676 11.37 -41.40 9.30
CA CYS A 676 10.37 -40.58 8.64
C CYS A 676 9.65 -39.67 9.64
N PHE A 677 8.99 -38.65 9.08
CA PHE A 677 8.14 -37.73 9.84
C PHE A 677 6.84 -37.57 9.07
N ARG A 678 5.77 -37.28 9.79
CA ARG A 678 4.42 -37.28 9.22
C ARG A 678 3.87 -35.87 9.14
N VAL A 679 2.96 -35.66 8.19
CA VAL A 679 2.25 -34.39 8.06
C VAL A 679 0.87 -34.70 7.49
N ASP A 680 -0.14 -33.95 7.95
CA ASP A 680 -1.52 -34.20 7.57
C ASP A 680 -2.07 -32.95 6.88
N GLU A 681 -2.53 -33.11 5.64
CA GLU A 681 -3.10 -32.00 4.90
C GLU A 681 -4.32 -32.48 4.13
N VAL A 682 -5.34 -31.63 4.06
CA VAL A 682 -6.61 -31.98 3.41
C VAL A 682 -6.76 -31.13 2.16
N ASN A 683 -7.02 -31.79 1.03
CA ASN A 683 -7.26 -31.12 -0.24
C ASN A 683 -8.46 -31.75 -0.92
N TRP A 684 -9.30 -30.91 -1.52
CA TRP A 684 -10.53 -31.36 -2.17
C TRP A 684 -10.44 -31.32 -3.70
N SER A 685 -9.28 -31.68 -4.24
CA SER A 685 -9.11 -31.72 -5.69
C SER A 685 -9.03 -33.17 -6.18
N VAL B 47 -5.06 -69.19 5.53
CA VAL B 47 -4.88 -70.63 5.38
C VAL B 47 -4.25 -71.16 6.66
N PHE B 48 -3.03 -71.71 6.55
CA PHE B 48 -2.28 -72.05 7.76
C PHE B 48 -1.94 -70.81 8.56
N ASN B 49 -1.80 -69.67 7.89
CA ASN B 49 -1.62 -68.38 8.52
C ASN B 49 -2.36 -67.33 7.71
N ARG B 50 -3.07 -66.44 8.40
CA ARG B 50 -3.88 -65.44 7.72
C ARG B 50 -3.09 -64.58 6.73
N PRO B 51 -1.85 -64.16 7.01
CA PRO B 51 -1.18 -63.21 6.11
C PRO B 51 -1.11 -63.68 4.67
N ILE B 52 -0.93 -64.98 4.42
CA ILE B 52 -0.87 -65.44 3.02
C ILE B 52 -2.24 -65.29 2.37
N LEU B 53 -3.31 -65.56 3.11
CA LEU B 53 -4.65 -65.31 2.57
C LEU B 53 -4.84 -63.84 2.25
N PHE B 54 -4.39 -62.96 3.14
CA PHE B 54 -4.51 -61.52 2.89
C PHE B 54 -3.72 -61.12 1.64
N ASP B 55 -2.52 -61.66 1.49
CA ASP B 55 -1.72 -61.36 0.30
C ASP B 55 -2.43 -61.86 -0.95
N ILE B 56 -3.00 -63.06 -0.90
CA ILE B 56 -3.67 -63.62 -2.07
C ILE B 56 -4.86 -62.75 -2.47
N VAL B 57 -5.68 -62.34 -1.50
CA VAL B 57 -6.83 -61.51 -1.81
C VAL B 57 -6.39 -60.15 -2.33
N SER B 58 -5.29 -59.60 -1.78
CA SER B 58 -4.78 -58.33 -2.27
C SER B 58 -4.33 -58.44 -3.73
N ARG B 59 -3.67 -59.55 -4.07
CA ARG B 59 -3.13 -59.72 -5.42
C ARG B 59 -4.20 -60.12 -6.44
N GLY B 60 -5.38 -60.52 -5.98
CA GLY B 60 -6.47 -60.82 -6.88
C GLY B 60 -6.38 -62.13 -7.61
N SER B 61 -5.57 -63.07 -7.13
CA SER B 61 -5.50 -64.39 -7.74
C SER B 61 -6.80 -65.15 -7.48
N THR B 62 -7.15 -66.04 -8.43
CA THR B 62 -8.42 -66.75 -8.37
C THR B 62 -8.29 -68.26 -8.23
N ALA B 63 -7.38 -68.89 -8.96
CA ALA B 63 -7.24 -70.35 -8.87
C ALA B 63 -6.83 -70.77 -7.47
N ASP B 64 -5.70 -70.27 -6.99
CA ASP B 64 -5.36 -70.51 -5.60
C ASP B 64 -6.50 -70.07 -4.69
N LEU B 65 -7.21 -69.00 -5.07
CA LEU B 65 -8.28 -68.47 -4.23
C LEU B 65 -9.47 -69.41 -4.16
N ASP B 66 -9.91 -70.01 -5.27
CA ASP B 66 -11.05 -70.90 -5.17
C ASP B 66 -10.64 -72.23 -4.55
N GLY B 67 -9.35 -72.58 -4.64
CA GLY B 67 -8.85 -73.67 -3.81
C GLY B 67 -8.92 -73.33 -2.33
N LEU B 68 -8.64 -72.07 -1.99
CA LEU B 68 -8.80 -71.63 -0.62
C LEU B 68 -10.25 -71.80 -0.17
N LEU B 69 -11.17 -71.30 -0.99
CA LEU B 69 -12.60 -71.53 -0.74
C LEU B 69 -12.87 -73.01 -0.53
N SER B 70 -12.23 -73.86 -1.33
CA SER B 70 -12.47 -75.30 -1.23
C SER B 70 -12.12 -75.82 0.15
N PHE B 71 -10.90 -75.54 0.64
CA PHE B 71 -10.59 -76.18 1.93
C PHE B 71 -11.29 -75.45 3.07
N LEU B 72 -11.69 -74.20 2.88
CA LEU B 72 -12.57 -73.55 3.85
C LEU B 72 -13.88 -74.30 3.97
N LEU B 73 -14.44 -74.73 2.83
CA LEU B 73 -15.60 -75.61 2.88
C LEU B 73 -15.26 -76.91 3.59
N THR B 74 -14.04 -77.42 3.36
CA THR B 74 -13.65 -78.70 3.96
C THR B 74 -13.65 -78.62 5.49
N HIS B 75 -13.13 -77.54 6.05
CA HIS B 75 -12.91 -77.42 7.48
C HIS B 75 -14.09 -76.81 8.23
N LYS B 76 -15.21 -76.57 7.55
CA LYS B 76 -16.42 -76.04 8.18
C LYS B 76 -16.13 -74.80 9.03
N LYS B 77 -15.16 -73.99 8.60
CA LYS B 77 -14.78 -72.80 9.34
C LYS B 77 -15.50 -71.59 8.78
N ARG B 78 -16.12 -70.80 9.66
CA ARG B 78 -16.82 -69.60 9.23
C ARG B 78 -15.83 -68.56 8.72
N LEU B 79 -16.26 -67.82 7.69
CA LEU B 79 -15.40 -66.79 7.09
C LEU B 79 -15.20 -65.60 8.01
N THR B 80 -15.96 -65.49 9.09
CA THR B 80 -15.79 -64.42 10.07
C THR B 80 -15.06 -64.90 11.33
N ASP B 81 -14.48 -66.10 11.30
CA ASP B 81 -13.79 -66.63 12.46
C ASP B 81 -12.60 -65.73 12.83
N GLU B 82 -12.09 -65.93 14.05
CA GLU B 82 -10.93 -65.16 14.50
C GLU B 82 -9.74 -65.35 13.57
N GLU B 83 -9.68 -66.49 12.86
CA GLU B 83 -8.59 -66.74 11.94
C GLU B 83 -8.53 -65.68 10.85
N PHE B 84 -9.68 -65.24 10.34
CA PHE B 84 -9.75 -64.27 9.26
C PHE B 84 -9.79 -62.83 9.75
N ARG B 85 -9.73 -62.61 11.06
CA ARG B 85 -9.77 -61.28 11.64
C ARG B 85 -8.52 -61.06 12.49
N GLU B 86 -7.93 -59.87 12.36
CA GLU B 86 -6.70 -59.60 13.10
C GLU B 86 -6.97 -59.60 14.60
N PRO B 87 -6.00 -60.00 15.41
CA PRO B 87 -6.22 -59.96 16.87
C PRO B 87 -6.53 -58.56 17.39
N SER B 88 -5.96 -57.53 16.77
CA SER B 88 -6.15 -56.16 17.23
C SER B 88 -7.21 -55.42 16.42
N THR B 89 -7.06 -55.40 15.10
CA THR B 89 -7.98 -54.65 14.26
C THR B 89 -9.18 -55.46 13.82
N GLY B 90 -9.06 -56.78 13.74
CA GLY B 90 -10.16 -57.62 13.32
C GLY B 90 -10.55 -57.44 11.87
N LYS B 91 -9.64 -56.98 11.01
CA LYS B 91 -9.97 -56.75 9.61
C LYS B 91 -10.37 -58.04 8.93
N THR B 92 -11.44 -57.99 8.15
CA THR B 92 -11.94 -59.12 7.40
C THR B 92 -11.24 -59.16 6.04
N CYS B 93 -11.59 -60.15 5.21
CA CYS B 93 -11.07 -60.18 3.85
C CYS B 93 -11.55 -58.99 3.03
N LEU B 94 -12.83 -58.62 3.18
CA LEU B 94 -13.38 -57.54 2.35
C LEU B 94 -12.66 -56.22 2.55
N PRO B 95 -12.43 -55.72 3.76
CA PRO B 95 -11.66 -54.49 3.91
C PRO B 95 -10.34 -54.55 3.17
N LYS B 96 -9.47 -55.53 3.50
CA LYS B 96 -8.16 -55.60 2.86
C LYS B 96 -8.28 -55.63 1.35
N ALA B 97 -9.25 -56.40 0.84
CA ALA B 97 -9.43 -56.47 -0.61
C ALA B 97 -9.78 -55.11 -1.20
N LEU B 98 -10.65 -54.35 -0.52
CA LEU B 98 -11.09 -53.09 -1.08
C LEU B 98 -10.02 -52.00 -0.96
N LEU B 99 -9.29 -51.98 0.16
CA LEU B 99 -8.20 -51.02 0.29
C LEU B 99 -7.15 -51.19 -0.79
N ASN B 100 -6.99 -52.40 -1.32
CA ASN B 100 -6.05 -52.67 -2.41
C ASN B 100 -6.70 -52.48 -3.78
N LEU B 101 -7.73 -51.66 -3.87
CA LEU B 101 -8.44 -51.46 -5.12
C LEU B 101 -7.47 -51.05 -6.23
N SER B 102 -7.44 -51.84 -7.30
CA SER B 102 -6.49 -51.65 -8.40
C SER B 102 -7.24 -51.03 -9.58
N ASN B 103 -7.34 -49.70 -9.57
CA ASN B 103 -7.98 -48.97 -10.65
C ASN B 103 -9.39 -49.47 -10.90
N GLY B 104 -10.10 -49.80 -9.83
CA GLY B 104 -11.45 -50.31 -9.96
C GLY B 104 -11.53 -51.71 -10.54
N ARG B 105 -10.44 -52.48 -10.44
CA ARG B 105 -10.38 -53.82 -11.03
C ARG B 105 -10.63 -54.91 -10.00
N ASN B 106 -11.41 -54.62 -8.95
CA ASN B 106 -11.80 -55.61 -7.97
C ASN B 106 -13.10 -56.32 -8.33
N ASP B 107 -13.41 -56.43 -9.62
CA ASP B 107 -14.65 -57.09 -10.03
C ASP B 107 -14.69 -58.55 -9.63
N THR B 108 -13.56 -59.14 -9.25
CA THR B 108 -13.50 -60.55 -8.88
C THR B 108 -13.86 -60.79 -7.41
N ILE B 109 -13.46 -59.90 -6.51
CA ILE B 109 -13.60 -60.16 -5.07
C ILE B 109 -15.07 -60.28 -4.67
N PRO B 110 -16.04 -59.73 -5.42
CA PRO B 110 -17.43 -60.15 -5.18
C PRO B 110 -17.63 -61.64 -5.36
N VAL B 111 -16.90 -62.26 -6.28
CA VAL B 111 -16.95 -63.72 -6.40
C VAL B 111 -16.40 -64.36 -5.14
N LEU B 112 -15.38 -63.74 -4.53
CA LEU B 112 -14.92 -64.19 -3.22
C LEU B 112 -16.04 -64.07 -2.18
N LEU B 113 -16.72 -62.93 -2.17
CA LEU B 113 -17.84 -62.73 -1.25
C LEU B 113 -18.91 -63.79 -1.47
N ASP B 114 -19.01 -64.33 -2.68
CA ASP B 114 -19.94 -65.41 -2.95
C ASP B 114 -19.68 -66.61 -2.06
N ILE B 115 -18.45 -66.71 -1.52
CA ILE B 115 -18.09 -67.78 -0.60
C ILE B 115 -18.99 -67.74 0.63
N ALA B 116 -19.49 -66.54 0.96
CA ALA B 116 -20.12 -66.32 2.25
C ALA B 116 -21.31 -67.24 2.48
N GLU B 117 -22.26 -67.28 1.54
CA GLU B 117 -23.46 -68.08 1.75
C GLU B 117 -23.11 -69.57 1.82
N ARG B 118 -22.06 -69.99 1.13
CA ARG B 118 -21.56 -71.36 1.32
C ARG B 118 -21.06 -71.55 2.74
N THR B 119 -20.35 -70.56 3.29
CA THR B 119 -19.88 -70.67 4.67
C THR B 119 -21.03 -70.66 5.67
N GLY B 120 -22.23 -70.22 5.26
CA GLY B 120 -23.38 -70.24 6.13
C GLY B 120 -23.52 -69.04 7.05
N ASN B 121 -22.58 -68.09 7.01
CA ASN B 121 -22.63 -66.89 7.84
C ASN B 121 -22.58 -65.69 6.89
N MET B 122 -23.74 -65.20 6.49
CA MET B 122 -23.85 -64.09 5.54
C MET B 122 -24.13 -62.75 6.20
N ARG B 123 -25.02 -62.72 7.20
CA ARG B 123 -25.41 -61.46 7.81
C ARG B 123 -24.21 -60.73 8.40
N GLU B 124 -23.55 -61.36 9.38
CA GLU B 124 -22.42 -60.73 10.04
C GLU B 124 -21.23 -60.54 9.11
N PHE B 125 -21.18 -61.26 8.00
CA PHE B 125 -20.01 -61.19 7.12
C PHE B 125 -19.93 -59.85 6.41
N ILE B 126 -21.04 -59.38 5.84
CA ILE B 126 -21.03 -58.14 5.08
C ILE B 126 -20.54 -56.99 5.95
N ASN B 127 -21.28 -56.70 7.02
CA ASN B 127 -20.85 -55.68 7.96
C ASN B 127 -19.56 -56.10 8.65
N SER B 128 -18.69 -55.13 8.90
CA SER B 128 -17.37 -55.37 9.49
C SER B 128 -17.20 -54.46 10.69
N PRO B 129 -17.73 -54.84 11.86
CA PRO B 129 -17.60 -53.98 13.05
C PRO B 129 -16.19 -53.97 13.62
N PHE B 130 -15.33 -53.12 13.07
CA PHE B 130 -13.96 -53.00 13.57
C PHE B 130 -13.96 -52.70 15.06
N ARG B 131 -12.79 -52.90 15.68
CA ARG B 131 -12.63 -52.73 17.11
C ARG B 131 -11.53 -51.74 17.49
N ASP B 132 -10.71 -51.30 16.55
CA ASP B 132 -9.65 -50.36 16.87
C ASP B 132 -10.24 -49.06 17.40
N ILE B 133 -9.60 -48.53 18.45
CA ILE B 133 -9.94 -47.18 18.88
C ILE B 133 -9.64 -46.19 17.77
N TYR B 134 -8.66 -46.50 16.92
CA TYR B 134 -8.35 -45.67 15.77
C TYR B 134 -9.36 -45.86 14.64
N TYR B 135 -10.09 -46.97 14.64
CA TYR B 135 -11.16 -47.21 13.66
C TYR B 135 -12.23 -48.05 14.35
N ARG B 136 -13.30 -47.41 14.80
CA ARG B 136 -14.42 -48.10 15.44
C ARG B 136 -15.63 -48.05 14.52
N GLY B 137 -16.13 -49.22 14.15
CA GLY B 137 -17.37 -49.34 13.40
C GLY B 137 -17.24 -49.21 11.91
N GLN B 138 -16.05 -48.90 11.38
CA GLN B 138 -15.89 -48.75 9.95
C GLN B 138 -16.35 -50.01 9.22
N THR B 139 -17.13 -49.83 8.17
CA THR B 139 -17.76 -50.93 7.45
C THR B 139 -17.26 -50.98 6.02
N SER B 140 -17.33 -52.17 5.42
CA SER B 140 -16.87 -52.34 4.04
C SER B 140 -17.61 -51.41 3.09
N LEU B 141 -18.87 -51.11 3.36
CA LEU B 141 -19.62 -50.21 2.49
C LEU B 141 -19.02 -48.81 2.49
N HIS B 142 -18.66 -48.31 3.68
CA HIS B 142 -17.96 -47.03 3.77
C HIS B 142 -16.72 -47.04 2.89
N ILE B 143 -15.92 -48.10 3.00
CA ILE B 143 -14.67 -48.17 2.26
C ILE B 143 -14.93 -48.19 0.76
N ALA B 144 -15.91 -48.99 0.33
CA ALA B 144 -16.21 -49.08 -1.10
C ALA B 144 -16.68 -47.74 -1.65
N ILE B 145 -17.56 -47.06 -0.92
CA ILE B 145 -18.02 -45.76 -1.39
C ILE B 145 -16.88 -44.76 -1.40
N GLU B 146 -15.96 -44.87 -0.44
CA GLU B 146 -14.87 -43.91 -0.34
C GLU B 146 -13.98 -43.95 -1.58
N ARG B 147 -13.69 -45.15 -2.08
CA ARG B 147 -12.77 -45.29 -3.20
C ARG B 147 -13.30 -44.69 -4.49
N ARG B 148 -14.50 -44.10 -4.47
CA ARG B 148 -15.03 -43.36 -5.62
C ARG B 148 -15.38 -44.29 -6.78
N CYS B 149 -16.01 -45.42 -6.48
CA CYS B 149 -16.52 -46.34 -7.49
C CYS B 149 -17.89 -46.84 -7.05
N LYS B 150 -18.85 -46.79 -7.97
CA LYS B 150 -20.23 -47.12 -7.63
C LYS B 150 -20.59 -48.58 -7.91
N HIS B 151 -19.84 -49.27 -8.75
CA HIS B 151 -20.21 -50.64 -9.11
C HIS B 151 -20.17 -51.55 -7.88
N TYR B 152 -19.09 -51.46 -7.11
CA TYR B 152 -18.97 -52.31 -5.94
C TYR B 152 -19.93 -51.88 -4.84
N VAL B 153 -20.22 -50.58 -4.75
CA VAL B 153 -21.26 -50.12 -3.83
C VAL B 153 -22.59 -50.77 -4.19
N GLU B 154 -22.92 -50.79 -5.48
CA GLU B 154 -24.15 -51.43 -5.92
C GLU B 154 -24.16 -52.91 -5.57
N LEU B 155 -23.06 -53.60 -5.84
CA LEU B 155 -22.99 -55.02 -5.54
C LEU B 155 -23.21 -55.27 -4.05
N LEU B 156 -22.48 -54.54 -3.20
CA LEU B 156 -22.59 -54.75 -1.75
C LEU B 156 -24.00 -54.46 -1.25
N VAL B 157 -24.57 -53.31 -1.64
CA VAL B 157 -25.88 -52.94 -1.12
C VAL B 157 -26.95 -53.92 -1.63
N ALA B 158 -26.89 -54.28 -2.92
CA ALA B 158 -27.84 -55.25 -3.43
C ALA B 158 -27.74 -56.58 -2.69
N GLN B 159 -26.52 -56.97 -2.31
CA GLN B 159 -26.37 -58.18 -1.52
C GLN B 159 -26.93 -58.01 -0.11
N GLY B 160 -27.17 -56.78 0.33
CA GLY B 160 -27.80 -56.56 1.62
C GLY B 160 -26.92 -55.83 2.62
N ALA B 161 -26.03 -54.97 2.13
CA ALA B 161 -25.18 -54.20 3.03
C ALA B 161 -26.01 -53.31 3.93
N ASP B 162 -25.65 -53.27 5.22
CA ASP B 162 -26.38 -52.47 6.21
C ASP B 162 -26.06 -51.00 5.97
N VAL B 163 -26.94 -50.31 5.26
CA VAL B 163 -26.72 -48.90 4.96
C VAL B 163 -26.78 -48.05 6.22
N HIS B 164 -27.39 -48.56 7.29
CA HIS B 164 -27.43 -47.84 8.57
C HIS B 164 -26.23 -48.28 9.40
N ALA B 165 -25.09 -47.67 9.11
CA ALA B 165 -23.83 -47.97 9.80
C ALA B 165 -23.37 -46.71 10.52
N GLN B 166 -23.12 -46.85 11.82
CA GLN B 166 -22.68 -45.74 12.67
C GLN B 166 -21.20 -45.96 12.97
N ALA B 167 -20.34 -45.42 12.11
CA ALA B 167 -18.89 -45.58 12.24
C ALA B 167 -18.39 -44.54 13.24
N ARG B 168 -18.47 -44.89 14.52
CA ARG B 168 -18.10 -43.97 15.60
C ARG B 168 -16.63 -44.17 15.98
N GLY B 169 -15.77 -43.91 15.00
CA GLY B 169 -14.33 -44.06 15.17
C GLY B 169 -13.66 -42.74 15.49
N ARG B 170 -12.61 -42.81 16.32
CA ARG B 170 -11.86 -41.61 16.66
C ARG B 170 -11.30 -40.95 15.41
N PHE B 171 -10.80 -41.76 14.46
CA PHE B 171 -10.32 -41.22 13.20
C PHE B 171 -11.44 -40.57 12.40
N PHE B 172 -12.69 -40.88 12.72
CA PHE B 172 -13.84 -40.31 12.04
C PHE B 172 -14.40 -39.06 12.72
N GLN B 173 -13.83 -38.66 13.86
CA GLN B 173 -14.33 -37.49 14.56
C GLN B 173 -13.73 -36.21 13.98
N PRO B 174 -14.36 -35.07 14.24
CA PRO B 174 -13.87 -33.82 13.65
C PRO B 174 -12.39 -33.59 13.93
N LYS B 175 -11.78 -32.75 13.09
CA LYS B 175 -10.36 -32.51 13.18
C LYS B 175 -9.94 -31.90 14.51
N ASP B 176 -10.87 -31.26 15.22
CA ASP B 176 -10.57 -30.61 16.49
C ASP B 176 -10.86 -31.50 17.70
N GLU B 177 -11.20 -32.77 17.48
CA GLU B 177 -11.45 -33.72 18.57
C GLU B 177 -10.52 -34.93 18.47
N GLY B 178 -9.32 -34.72 17.92
CA GLY B 178 -8.34 -35.77 17.79
C GLY B 178 -8.51 -36.65 16.58
N GLY B 179 -9.54 -36.43 15.77
CA GLY B 179 -9.78 -37.20 14.57
C GLY B 179 -9.09 -36.59 13.36
N TYR B 180 -9.48 -37.09 12.19
CA TYR B 180 -8.92 -36.63 10.93
C TYR B 180 -9.95 -36.31 9.86
N PHE B 181 -11.15 -36.87 9.93
CA PHE B 181 -12.16 -36.63 8.90
C PHE B 181 -13.52 -37.02 9.45
N TYR B 182 -14.43 -36.04 9.59
CA TYR B 182 -15.79 -36.27 10.04
C TYR B 182 -16.74 -36.05 8.87
N PHE B 183 -17.62 -37.02 8.62
CA PHE B 183 -18.53 -36.96 7.49
C PHE B 183 -19.97 -37.28 7.87
N GLY B 184 -20.27 -37.38 9.17
CA GLY B 184 -21.60 -37.72 9.64
C GLY B 184 -21.79 -39.16 10.04
N GLU B 185 -20.75 -40.00 9.92
CA GLU B 185 -20.79 -41.37 10.41
C GLU B 185 -21.99 -42.13 9.83
N LEU B 186 -22.19 -42.00 8.52
CA LEU B 186 -23.24 -42.73 7.84
C LEU B 186 -22.82 -42.98 6.39
N PRO B 187 -23.13 -44.14 5.83
CA PRO B 187 -22.74 -44.39 4.43
C PRO B 187 -23.26 -43.34 3.46
N LEU B 188 -24.51 -42.88 3.63
CA LEU B 188 -25.04 -41.86 2.74
C LEU B 188 -24.34 -40.53 2.97
N SER B 189 -24.16 -40.14 4.24
CA SER B 189 -23.41 -38.93 4.52
C SER B 189 -21.97 -39.05 4.06
N LEU B 190 -21.42 -40.27 4.07
CA LEU B 190 -20.06 -40.45 3.58
C LEU B 190 -20.00 -40.28 2.06
N ALA B 191 -20.99 -40.81 1.35
CA ALA B 191 -21.05 -40.57 -0.09
C ALA B 191 -21.23 -39.09 -0.39
N ALA B 192 -22.00 -38.39 0.46
CA ALA B 192 -22.25 -36.98 0.22
C ALA B 192 -21.01 -36.15 0.46
N CYS B 193 -20.48 -36.17 1.68
CA CYS B 193 -19.39 -35.28 2.05
C CYS B 193 -18.20 -35.41 1.08
N THR B 194 -18.03 -36.59 0.49
CA THR B 194 -16.86 -36.88 -0.34
C THR B 194 -17.07 -36.55 -1.81
N ASN B 195 -17.97 -35.62 -2.14
CA ASN B 195 -18.16 -35.15 -3.51
C ASN B 195 -18.47 -36.30 -4.45
N GLN B 196 -19.55 -37.02 -4.15
CA GLN B 196 -19.90 -38.24 -4.87
C GLN B 196 -21.39 -38.23 -5.18
N PRO B 197 -21.80 -37.44 -6.18
CA PRO B 197 -23.25 -37.29 -6.43
C PRO B 197 -23.94 -38.57 -6.87
N HIS B 198 -23.34 -39.33 -7.77
CA HIS B 198 -24.04 -40.48 -8.36
C HIS B 198 -24.38 -41.51 -7.29
N ILE B 199 -23.49 -41.75 -6.33
CA ILE B 199 -23.77 -42.79 -5.35
C ILE B 199 -24.73 -42.31 -4.27
N VAL B 200 -24.77 -41.01 -3.99
CA VAL B 200 -25.82 -40.51 -3.09
C VAL B 200 -27.17 -40.59 -3.77
N ASN B 201 -27.22 -40.35 -5.08
CA ASN B 201 -28.45 -40.60 -5.83
C ASN B 201 -28.84 -42.07 -5.76
N TYR B 202 -27.90 -42.96 -6.06
CA TYR B 202 -28.24 -44.38 -6.17
C TYR B 202 -28.66 -44.93 -4.82
N LEU B 203 -27.85 -44.69 -3.79
CA LEU B 203 -28.13 -45.22 -2.45
C LEU B 203 -29.49 -44.76 -1.95
N THR B 204 -29.94 -43.60 -2.39
CA THR B 204 -31.28 -43.11 -2.09
C THR B 204 -32.32 -43.62 -3.06
N GLU B 205 -31.89 -44.29 -4.15
CA GLU B 205 -32.81 -44.80 -5.17
C GLU B 205 -32.57 -46.28 -5.47
N ASN B 206 -31.81 -46.98 -4.64
CA ASN B 206 -31.53 -48.38 -4.90
C ASN B 206 -32.80 -49.22 -4.76
N PRO B 207 -32.90 -50.32 -5.51
CA PRO B 207 -34.09 -51.20 -5.37
C PRO B 207 -34.17 -51.92 -4.04
N HIS B 208 -33.22 -51.72 -3.14
CA HIS B 208 -33.16 -52.42 -1.87
C HIS B 208 -33.29 -51.36 -0.76
N LYS B 209 -33.08 -51.74 0.50
CA LYS B 209 -32.94 -50.76 1.57
C LYS B 209 -32.13 -49.56 1.12
N LYS B 210 -32.71 -48.38 1.24
CA LYS B 210 -32.09 -47.12 0.83
C LYS B 210 -32.05 -46.20 2.06
N ALA B 211 -30.85 -45.96 2.58
CA ALA B 211 -30.70 -45.18 3.79
C ALA B 211 -31.44 -43.87 3.68
N ASP B 212 -32.46 -43.70 4.53
CA ASP B 212 -33.23 -42.46 4.53
C ASP B 212 -32.35 -41.30 4.93
N MET B 213 -32.45 -40.20 4.18
CA MET B 213 -31.67 -39.01 4.47
C MET B 213 -31.92 -38.50 5.88
N ARG B 214 -33.13 -38.72 6.41
CA ARG B 214 -33.49 -38.17 7.71
C ARG B 214 -32.65 -38.75 8.84
N ARG B 215 -32.14 -39.96 8.65
CA ARG B 215 -31.49 -40.68 9.74
C ARG B 215 -30.36 -39.83 10.34
N GLN B 216 -30.34 -39.76 11.66
CA GLN B 216 -29.36 -38.98 12.40
C GLN B 216 -28.32 -39.90 13.02
N ASP B 217 -27.05 -39.51 12.91
CA ASP B 217 -25.98 -40.26 13.54
C ASP B 217 -25.99 -40.04 15.04
N SER B 218 -24.99 -40.61 15.72
CA SER B 218 -24.86 -40.38 17.16
C SER B 218 -24.70 -38.90 17.45
N ARG B 219 -23.88 -38.20 16.66
CA ARG B 219 -23.78 -36.75 16.81
C ARG B 219 -25.10 -36.08 16.47
N GLY B 220 -26.00 -36.78 15.79
CA GLY B 220 -27.28 -36.23 15.40
C GLY B 220 -27.26 -35.39 14.15
N ASN B 221 -26.13 -35.34 13.45
CA ASN B 221 -25.93 -34.32 12.42
C ASN B 221 -26.88 -34.51 11.24
N THR B 222 -26.88 -35.68 10.62
CA THR B 222 -27.56 -35.90 9.34
C THR B 222 -26.70 -35.40 8.18
N VAL B 223 -27.13 -35.71 6.96
CA VAL B 223 -26.32 -35.39 5.78
C VAL B 223 -26.07 -33.88 5.70
N LEU B 224 -27.09 -33.07 5.99
CA LEU B 224 -26.92 -31.62 5.87
C LEU B 224 -25.88 -31.10 6.87
N HIS B 225 -26.01 -31.49 8.13
CA HIS B 225 -25.07 -31.03 9.15
C HIS B 225 -23.66 -31.50 8.83
N ALA B 226 -23.51 -32.75 8.40
CA ALA B 226 -22.21 -33.25 8.02
C ALA B 226 -21.65 -32.46 6.83
N LEU B 227 -22.50 -32.17 5.85
CA LEU B 227 -22.08 -31.45 4.66
C LEU B 227 -21.61 -30.05 4.99
N VAL B 228 -22.21 -29.41 6.00
CA VAL B 228 -21.70 -28.12 6.44
C VAL B 228 -20.52 -28.27 7.38
N ALA B 229 -20.35 -29.45 7.99
CA ALA B 229 -19.22 -29.67 8.90
C ALA B 229 -17.90 -29.63 8.14
N ILE B 230 -17.79 -30.40 7.06
CA ILE B 230 -16.58 -30.38 6.24
C ILE B 230 -16.56 -29.22 5.27
N ALA B 231 -17.61 -28.40 5.23
CA ALA B 231 -17.62 -27.27 4.32
C ALA B 231 -16.46 -26.34 4.65
N ASP B 232 -15.74 -25.93 3.61
CA ASP B 232 -14.63 -25.02 3.73
C ASP B 232 -15.01 -23.69 3.11
N ASN B 233 -14.33 -22.63 3.53
CA ASN B 233 -14.58 -21.30 2.99
C ASN B 233 -13.92 -21.09 1.64
N THR B 234 -13.22 -22.09 1.11
CA THR B 234 -12.56 -21.99 -0.18
C THR B 234 -13.57 -22.20 -1.31
N ARG B 235 -13.15 -21.82 -2.52
CA ARG B 235 -14.09 -21.73 -3.64
C ARG B 235 -14.58 -23.10 -4.08
N GLU B 236 -13.67 -24.05 -4.30
CA GLU B 236 -14.09 -25.34 -4.85
C GLU B 236 -14.91 -26.13 -3.86
N ASN B 237 -14.48 -26.18 -2.60
CA ASN B 237 -15.24 -26.87 -1.57
C ASN B 237 -16.61 -26.22 -1.41
N THR B 238 -16.64 -24.89 -1.38
CA THR B 238 -17.92 -24.18 -1.26
C THR B 238 -18.86 -24.54 -2.39
N LYS B 239 -18.35 -24.49 -3.63
CA LYS B 239 -19.20 -24.76 -4.80
C LYS B 239 -19.75 -26.17 -4.77
N PHE B 240 -18.88 -27.17 -4.60
CA PHE B 240 -19.38 -28.54 -4.62
C PHE B 240 -20.32 -28.80 -3.45
N VAL B 241 -19.99 -28.29 -2.27
CA VAL B 241 -20.83 -28.51 -1.10
C VAL B 241 -22.20 -27.90 -1.31
N THR B 242 -22.26 -26.66 -1.82
CA THR B 242 -23.55 -26.02 -2.00
C THR B 242 -24.39 -26.71 -3.08
N LYS B 243 -23.76 -27.11 -4.19
CA LYS B 243 -24.49 -27.82 -5.22
C LYS B 243 -25.10 -29.11 -4.66
N MET B 244 -24.27 -29.93 -4.01
CA MET B 244 -24.77 -31.17 -3.46
C MET B 244 -25.80 -30.93 -2.37
N TYR B 245 -25.64 -29.85 -1.60
CA TYR B 245 -26.59 -29.53 -0.55
C TYR B 245 -27.97 -29.25 -1.14
N ASP B 246 -28.00 -28.44 -2.19
CA ASP B 246 -29.26 -28.18 -2.88
C ASP B 246 -29.84 -29.52 -3.29
N LEU B 247 -29.13 -30.25 -4.16
CA LEU B 247 -29.61 -31.55 -4.63
C LEU B 247 -30.20 -32.37 -3.49
N LEU B 248 -29.48 -32.48 -2.38
CA LEU B 248 -29.89 -33.33 -1.27
C LEU B 248 -31.21 -32.85 -0.67
N LEU B 249 -31.30 -31.55 -0.36
CA LEU B 249 -32.51 -31.02 0.25
C LEU B 249 -33.70 -31.15 -0.69
N LEU B 250 -33.50 -30.86 -1.97
CA LEU B 250 -34.59 -31.01 -2.94
C LEU B 250 -35.07 -32.45 -2.98
N LYS B 251 -34.15 -33.40 -3.00
CA LYS B 251 -34.55 -34.81 -3.03
C LYS B 251 -35.33 -35.19 -1.79
N CYS B 252 -34.83 -34.80 -0.62
CA CYS B 252 -35.53 -35.14 0.62
C CYS B 252 -36.92 -34.51 0.66
N SER B 253 -37.03 -33.28 0.16
CA SER B 253 -38.34 -32.62 0.10
C SER B 253 -39.29 -33.40 -0.79
N ARG B 254 -38.82 -33.79 -1.99
CA ARG B 254 -39.68 -34.55 -2.89
C ARG B 254 -40.10 -35.87 -2.24
N LEU B 255 -39.18 -36.52 -1.53
CA LEU B 255 -39.52 -37.76 -0.84
C LEU B 255 -40.41 -37.49 0.37
N PHE B 256 -40.13 -36.41 1.11
CA PHE B 256 -40.83 -36.09 2.34
C PHE B 256 -41.31 -34.64 2.28
N PRO B 257 -42.41 -34.37 1.57
CA PRO B 257 -42.96 -33.01 1.58
C PRO B 257 -43.46 -32.56 2.95
N ASP B 258 -43.73 -33.49 3.87
CA ASP B 258 -44.32 -33.13 5.14
C ASP B 258 -43.41 -32.20 5.95
N SER B 259 -42.11 -32.50 5.97
CA SER B 259 -41.15 -31.72 6.76
C SER B 259 -39.83 -31.68 6.02
N ASN B 260 -39.44 -30.49 5.56
CA ASN B 260 -38.14 -30.35 4.90
C ASN B 260 -37.02 -30.64 5.89
N LEU B 261 -35.92 -31.19 5.35
CA LEU B 261 -34.84 -31.67 6.20
C LEU B 261 -34.18 -30.55 6.99
N GLU B 262 -34.33 -29.30 6.55
CA GLU B 262 -33.77 -28.17 7.30
C GLU B 262 -34.27 -28.17 8.74
N THR B 263 -35.53 -28.52 8.95
CA THR B 263 -36.12 -28.41 10.29
C THR B 263 -35.44 -29.32 11.30
N VAL B 264 -35.12 -30.56 10.89
CA VAL B 264 -34.60 -31.54 11.83
C VAL B 264 -33.24 -31.08 12.34
N LEU B 265 -33.11 -31.01 13.66
CA LEU B 265 -31.90 -30.51 14.31
C LEU B 265 -30.97 -31.68 14.66
N ASN B 266 -29.95 -31.36 15.44
CA ASN B 266 -29.01 -32.33 15.99
C ASN B 266 -29.13 -32.37 17.50
N ASN B 267 -28.31 -33.23 18.13
CA ASN B 267 -28.26 -33.25 19.59
C ASN B 267 -27.95 -31.86 20.13
N ASP B 268 -27.02 -31.15 19.50
CA ASP B 268 -26.80 -29.76 19.86
C ASP B 268 -28.03 -28.91 19.58
N GLY B 269 -28.80 -29.26 18.54
CA GLY B 269 -30.02 -28.58 18.23
C GLY B 269 -29.89 -27.37 17.31
N LEU B 270 -28.69 -27.13 16.76
CA LEU B 270 -28.45 -25.86 16.08
C LEU B 270 -29.36 -25.67 14.89
N SER B 271 -29.46 -26.68 14.01
CA SER B 271 -30.06 -26.61 12.68
C SER B 271 -28.94 -26.37 11.66
N PRO B 272 -29.08 -26.87 10.43
CA PRO B 272 -27.96 -26.76 9.48
C PRO B 272 -27.47 -25.33 9.30
N LEU B 273 -28.38 -24.39 9.13
CA LEU B 273 -27.97 -22.99 8.93
C LEU B 273 -27.24 -22.47 10.15
N MET B 274 -27.78 -22.71 11.34
CA MET B 274 -27.14 -22.23 12.56
C MET B 274 -25.80 -22.93 12.79
N MET B 275 -25.65 -24.18 12.34
CA MET B 275 -24.36 -24.83 12.47
C MET B 275 -23.34 -24.23 11.50
N ALA B 276 -23.75 -23.93 10.28
CA ALA B 276 -22.86 -23.22 9.37
C ALA B 276 -22.53 -21.84 9.91
N ALA B 277 -23.41 -21.29 10.75
CA ALA B 277 -23.15 -19.97 11.33
C ALA B 277 -22.15 -20.06 12.48
N LYS B 278 -22.39 -20.98 13.42
CA LYS B 278 -21.57 -21.07 14.62
C LYS B 278 -20.13 -21.47 14.32
N THR B 279 -19.87 -22.11 13.18
CA THR B 279 -18.56 -22.66 12.87
C THR B 279 -17.89 -21.93 11.72
N GLY B 280 -18.26 -20.67 11.51
CA GLY B 280 -17.64 -19.86 10.46
C GLY B 280 -17.56 -20.57 9.13
N LYS B 281 -18.73 -20.84 8.54
CA LYS B 281 -18.81 -21.60 7.30
C LYS B 281 -19.40 -20.74 6.18
N ILE B 282 -18.91 -19.50 6.06
CA ILE B 282 -19.46 -18.54 5.11
C ILE B 282 -19.77 -19.17 3.78
N GLY B 283 -18.95 -20.12 3.33
CA GLY B 283 -19.15 -20.71 2.01
C GLY B 283 -20.54 -21.28 1.84
N VAL B 284 -21.02 -22.01 2.83
CA VAL B 284 -22.39 -22.51 2.79
C VAL B 284 -23.38 -21.42 3.22
N PHE B 285 -23.10 -20.77 4.34
CA PHE B 285 -24.01 -19.76 4.90
C PHE B 285 -24.54 -18.81 3.82
N GLN B 286 -23.64 -18.19 3.08
CA GLN B 286 -24.04 -17.14 2.13
C GLN B 286 -24.96 -17.70 1.05
N HIS B 287 -24.94 -19.02 0.83
CA HIS B 287 -25.89 -19.62 -0.10
C HIS B 287 -27.16 -20.07 0.61
N ILE B 288 -27.03 -20.49 1.87
CA ILE B 288 -28.20 -20.90 2.65
C ILE B 288 -29.18 -19.74 2.73
N ILE B 289 -28.68 -18.53 2.98
CA ILE B 289 -29.57 -17.38 3.12
C ILE B 289 -30.36 -17.15 1.85
N ARG B 290 -29.71 -17.26 0.69
CA ARG B 290 -30.30 -16.86 -0.59
C ARG B 290 -30.76 -18.07 -1.41
N ARG B 291 -31.34 -19.09 -0.77
CA ARG B 291 -31.77 -20.28 -1.47
C ARG B 291 -33.17 -20.06 -2.04
N GLU B 292 -33.27 -20.01 -3.37
CA GLU B 292 -34.55 -19.98 -4.06
C GLU B 292 -34.50 -20.99 -5.20
N VAL B 293 -35.55 -21.79 -5.33
CA VAL B 293 -35.57 -22.88 -6.30
C VAL B 293 -36.74 -22.71 -7.26
N THR B 294 -36.91 -23.66 -8.18
CA THR B 294 -37.83 -23.52 -9.31
C THR B 294 -39.09 -24.36 -9.14
N ASP B 295 -38.95 -25.65 -8.86
CA ASP B 295 -40.09 -26.56 -8.92
C ASP B 295 -41.21 -26.09 -8.01
N GLU B 296 -42.44 -26.26 -8.47
CA GLU B 296 -43.60 -25.79 -7.71
C GLU B 296 -43.73 -26.54 -6.39
N ASP B 297 -43.48 -27.85 -6.39
CA ASP B 297 -43.57 -28.63 -5.17
C ASP B 297 -42.48 -28.27 -4.18
N THR B 298 -41.48 -27.50 -4.60
CA THR B 298 -40.34 -27.13 -3.76
C THR B 298 -40.29 -25.64 -3.51
N ARG B 299 -41.45 -25.00 -3.43
CA ARG B 299 -41.49 -23.56 -3.18
C ARG B 299 -41.20 -23.23 -1.72
N HIS B 300 -41.81 -23.97 -0.80
CA HIS B 300 -41.65 -23.66 0.62
C HIS B 300 -40.18 -23.69 1.05
N LEU B 301 -39.37 -24.53 0.41
CA LEU B 301 -37.96 -24.68 0.80
C LEU B 301 -37.06 -23.65 0.13
N SER B 302 -37.45 -22.39 0.24
CA SER B 302 -36.67 -21.28 -0.29
C SER B 302 -36.53 -20.21 0.78
N ARG B 303 -35.50 -19.38 0.64
CA ARG B 303 -35.20 -18.34 1.62
C ARG B 303 -35.07 -16.96 1.00
N LYS B 304 -35.43 -16.79 -0.27
CA LYS B 304 -35.43 -15.47 -0.90
C LYS B 304 -36.48 -15.49 -2.00
N PHE B 305 -37.69 -15.00 -1.68
CA PHE B 305 -38.71 -14.84 -2.69
C PHE B 305 -38.49 -13.53 -3.44
N LYS B 306 -39.18 -13.38 -4.57
CA LYS B 306 -39.21 -12.13 -5.31
C LYS B 306 -40.68 -11.74 -5.44
N ASP B 307 -41.09 -10.70 -4.71
CA ASP B 307 -42.50 -10.34 -4.61
C ASP B 307 -42.95 -9.53 -5.82
N TRP B 308 -42.33 -8.37 -6.04
CA TRP B 308 -42.69 -7.53 -7.18
C TRP B 308 -41.43 -6.84 -7.69
N ALA B 309 -41.43 -6.55 -8.99
CA ALA B 309 -40.38 -5.81 -9.64
C ALA B 309 -41.01 -4.79 -10.58
N TYR B 310 -40.31 -3.67 -10.75
CA TYR B 310 -40.79 -2.58 -11.61
C TYR B 310 -39.69 -2.17 -12.58
N GLY B 311 -39.08 -3.16 -13.22
CA GLY B 311 -38.06 -2.91 -14.21
C GLY B 311 -36.67 -3.04 -13.61
N PRO B 312 -36.02 -1.91 -13.32
CA PRO B 312 -34.68 -1.95 -12.71
C PRO B 312 -34.69 -2.01 -11.19
N VAL B 313 -35.85 -2.10 -10.56
CA VAL B 313 -35.96 -2.18 -9.10
C VAL B 313 -36.47 -3.57 -8.76
N TYR B 314 -35.78 -4.26 -7.85
CA TYR B 314 -36.17 -5.58 -7.37
C TYR B 314 -36.38 -5.48 -5.87
N SER B 315 -37.58 -5.85 -5.42
CA SER B 315 -37.88 -5.93 -4.00
C SER B 315 -37.77 -7.39 -3.58
N SER B 316 -36.54 -7.79 -3.28
CA SER B 316 -36.28 -9.16 -2.86
C SER B 316 -36.75 -9.36 -1.43
N LEU B 317 -37.55 -10.40 -1.21
CA LEU B 317 -38.15 -10.67 0.09
C LEU B 317 -37.40 -11.85 0.70
N TYR B 318 -36.42 -11.55 1.54
CA TYR B 318 -35.72 -12.60 2.26
C TYR B 318 -36.62 -13.20 3.32
N ASP B 319 -36.45 -14.48 3.57
CA ASP B 319 -37.26 -15.20 4.56
C ASP B 319 -36.36 -15.48 5.75
N LEU B 320 -36.27 -14.50 6.66
CA LEU B 320 -35.54 -14.69 7.90
C LEU B 320 -36.42 -15.31 8.97
N SER B 321 -37.08 -16.41 8.62
CA SER B 321 -37.95 -17.12 9.55
C SER B 321 -37.19 -17.72 10.72
N SER B 322 -35.85 -17.63 10.72
CA SER B 322 -35.05 -18.21 11.80
C SER B 322 -33.92 -17.31 12.24
N LEU B 323 -33.81 -16.08 11.72
CA LEU B 323 -32.79 -15.15 12.16
C LEU B 323 -33.25 -14.24 13.30
N ASP B 324 -34.52 -14.35 13.71
CA ASP B 324 -35.02 -13.61 14.87
C ASP B 324 -36.21 -14.37 15.43
N THR B 325 -35.98 -15.06 16.55
CA THR B 325 -37.01 -15.85 17.20
C THR B 325 -37.75 -15.07 18.28
N CYS B 326 -37.47 -13.78 18.44
CA CYS B 326 -38.12 -12.96 19.46
C CYS B 326 -37.92 -13.56 20.85
N GLY B 327 -36.73 -14.13 21.08
CA GLY B 327 -36.42 -14.75 22.35
C GLY B 327 -36.99 -16.14 22.54
N GLU B 328 -37.63 -16.72 21.52
CA GLU B 328 -38.21 -18.04 21.65
C GLU B 328 -37.11 -19.11 21.67
N GLU B 329 -36.31 -19.16 20.61
CA GLU B 329 -35.20 -20.10 20.53
C GLU B 329 -33.94 -19.36 20.10
N VAL B 330 -32.88 -20.09 19.80
CA VAL B 330 -31.65 -19.48 19.32
C VAL B 330 -31.84 -19.07 17.87
N SER B 331 -31.14 -18.00 17.47
CA SER B 331 -31.25 -17.46 16.12
C SER B 331 -29.85 -17.15 15.59
N VAL B 332 -29.75 -17.07 14.26
CA VAL B 332 -28.45 -16.86 13.63
C VAL B 332 -27.82 -15.55 14.10
N LEU B 333 -28.64 -14.55 14.42
CA LEU B 333 -28.08 -13.29 14.90
C LEU B 333 -27.40 -13.47 16.25
N GLU B 334 -28.07 -14.14 17.19
CA GLU B 334 -27.48 -14.35 18.50
C GLU B 334 -26.17 -15.13 18.39
N ILE B 335 -26.18 -16.23 17.63
CA ILE B 335 -24.98 -17.04 17.48
C ILE B 335 -23.89 -16.23 16.79
N LEU B 336 -24.25 -15.46 15.77
CA LEU B 336 -23.25 -14.79 14.95
C LEU B 336 -22.59 -13.64 15.71
N VAL B 337 -23.37 -12.92 16.52
CA VAL B 337 -22.85 -11.70 17.16
C VAL B 337 -22.32 -11.98 18.55
N TYR B 338 -22.97 -12.88 19.30
CA TYR B 338 -22.58 -13.17 20.68
C TYR B 338 -21.62 -14.35 20.77
N ASN B 339 -20.81 -14.59 19.75
CA ASN B 339 -19.84 -15.66 19.75
C ASN B 339 -18.57 -15.17 19.06
N SER B 340 -17.42 -15.56 19.61
CA SER B 340 -16.13 -15.13 19.10
C SER B 340 -15.37 -16.25 18.38
N LYS B 341 -15.76 -17.50 18.56
CA LYS B 341 -15.07 -18.58 17.86
C LYS B 341 -15.22 -18.46 16.35
N ILE B 342 -16.18 -17.67 15.88
CA ILE B 342 -16.29 -17.39 14.45
C ILE B 342 -14.99 -16.75 13.97
N GLU B 343 -14.53 -17.18 12.80
CA GLU B 343 -13.34 -16.59 12.18
C GLU B 343 -13.68 -15.53 11.15
N ASN B 344 -14.92 -15.49 10.66
CA ASN B 344 -15.33 -14.62 9.56
C ASN B 344 -16.48 -13.70 9.96
N ARG B 345 -16.49 -13.24 11.22
CA ARG B 345 -17.59 -12.42 11.70
C ARG B 345 -17.93 -11.28 10.75
N HIS B 346 -16.92 -10.48 10.39
CA HIS B 346 -17.19 -9.23 9.70
C HIS B 346 -17.85 -9.46 8.35
N GLU B 347 -17.35 -10.44 7.58
CA GLU B 347 -17.98 -10.73 6.30
C GLU B 347 -19.28 -11.48 6.49
N MET B 348 -19.43 -12.23 7.59
CA MET B 348 -20.68 -12.91 7.87
C MET B 348 -21.76 -11.95 8.36
N LEU B 349 -21.39 -10.75 8.79
CA LEU B 349 -22.34 -9.70 9.08
C LEU B 349 -22.67 -8.86 7.85
N ALA B 350 -22.08 -9.18 6.70
CA ALA B 350 -22.31 -8.44 5.47
C ALA B 350 -23.34 -9.10 4.56
N VAL B 351 -23.75 -10.33 4.85
CA VAL B 351 -24.82 -10.96 4.07
C VAL B 351 -26.05 -10.07 4.12
N GLU B 352 -26.72 -9.94 2.98
CA GLU B 352 -27.73 -8.93 2.77
C GLU B 352 -28.72 -8.84 3.93
N PRO B 353 -29.51 -9.88 4.18
CA PRO B 353 -30.58 -9.74 5.17
C PRO B 353 -30.07 -9.41 6.57
N ILE B 354 -28.93 -9.97 6.99
CA ILE B 354 -28.45 -9.71 8.34
C ILE B 354 -28.07 -8.24 8.50
N ASN B 355 -27.31 -7.71 7.53
CA ASN B 355 -26.87 -6.31 7.62
C ASN B 355 -28.06 -5.37 7.53
N GLU B 356 -28.94 -5.59 6.56
CA GLU B 356 -30.10 -4.71 6.43
C GLU B 356 -31.03 -4.83 7.64
N LEU B 357 -31.07 -6.00 8.28
CA LEU B 357 -31.91 -6.18 9.45
C LEU B 357 -31.32 -5.48 10.66
N LEU B 358 -29.99 -5.52 10.80
CA LEU B 358 -29.36 -4.72 11.84
C LEU B 358 -29.64 -3.24 11.64
N ARG B 359 -29.52 -2.77 10.39
CA ARG B 359 -29.78 -1.36 10.11
C ARG B 359 -31.23 -1.00 10.41
N ASP B 360 -32.16 -1.89 10.05
CA ASP B 360 -33.58 -1.62 10.32
C ASP B 360 -33.87 -1.60 11.81
N LYS B 361 -33.32 -2.56 12.56
CA LYS B 361 -33.50 -2.56 14.00
C LYS B 361 -32.86 -1.33 14.64
N TRP B 362 -31.81 -0.80 14.03
CA TRP B 362 -31.20 0.44 14.51
C TRP B 362 -32.14 1.63 14.27
N ARG B 363 -32.47 1.89 13.01
CA ARG B 363 -33.27 3.05 12.67
C ARG B 363 -34.62 3.01 13.37
N LYS B 364 -35.29 1.86 13.35
CA LYS B 364 -36.62 1.76 13.92
C LYS B 364 -36.59 1.98 15.43
N PHE B 365 -35.73 1.25 16.13
CA PHE B 365 -35.71 1.27 17.59
C PHE B 365 -34.34 1.39 18.22
N GLY B 366 -33.25 1.08 17.51
CA GLY B 366 -31.95 1.07 18.15
C GLY B 366 -31.50 2.46 18.58
N ALA B 367 -31.67 3.44 17.69
CA ALA B 367 -31.17 4.79 17.98
C ALA B 367 -31.87 5.39 19.19
N VAL B 368 -33.20 5.31 19.23
CA VAL B 368 -33.95 5.92 20.32
C VAL B 368 -33.53 5.31 21.65
N SER B 369 -33.55 3.97 21.73
CA SER B 369 -33.23 3.31 22.98
C SER B 369 -31.79 3.56 23.40
N PHE B 370 -30.86 3.52 22.44
CA PHE B 370 -29.46 3.74 22.78
C PHE B 370 -29.23 5.14 23.31
N TYR B 371 -29.82 6.15 22.65
CA TYR B 371 -29.65 7.52 23.13
C TYR B 371 -30.29 7.71 24.50
N ILE B 372 -31.49 7.15 24.71
CA ILE B 372 -32.12 7.25 26.01
C ILE B 372 -31.22 6.62 27.08
N ASN B 373 -30.69 5.43 26.78
CA ASN B 373 -29.86 4.73 27.75
C ASN B 373 -28.61 5.53 28.09
N VAL B 374 -27.88 5.99 27.09
CA VAL B 374 -26.63 6.70 27.34
C VAL B 374 -26.90 8.01 28.07
N VAL B 375 -27.93 8.76 27.64
CA VAL B 375 -28.23 10.02 28.28
C VAL B 375 -28.65 9.80 29.73
N SER B 376 -29.49 8.79 29.98
CA SER B 376 -29.91 8.50 31.35
C SER B 376 -28.71 8.12 32.22
N TYR B 377 -27.82 7.29 31.69
CA TYR B 377 -26.63 6.92 32.44
C TYR B 377 -25.80 8.16 32.78
N LEU B 378 -25.56 9.01 31.78
CA LEU B 378 -24.73 10.19 32.02
C LEU B 378 -25.38 11.12 33.04
N CYS B 379 -26.68 11.37 32.92
CA CYS B 379 -27.35 12.26 33.85
C CYS B 379 -27.39 11.69 35.26
N ALA B 380 -27.71 10.40 35.39
CA ALA B 380 -27.75 9.79 36.71
C ALA B 380 -26.39 9.81 37.37
N MET B 381 -25.33 9.54 36.60
CA MET B 381 -24.00 9.54 37.21
C MET B 381 -23.49 10.95 37.45
N VAL B 382 -23.93 11.95 36.68
CA VAL B 382 -23.63 13.33 37.01
C VAL B 382 -24.31 13.70 38.32
N ILE B 383 -25.53 13.19 38.53
CA ILE B 383 -26.21 13.41 39.80
C ILE B 383 -25.42 12.78 40.93
N PHE B 384 -24.92 11.55 40.72
CA PHE B 384 -24.06 10.90 41.69
C PHE B 384 -22.83 11.75 41.99
N THR B 385 -22.19 12.26 40.94
CA THR B 385 -20.98 13.05 41.11
C THR B 385 -21.25 14.32 41.89
N LEU B 386 -22.35 15.02 41.59
CA LEU B 386 -22.71 16.22 42.32
C LEU B 386 -23.06 15.91 43.76
N THR B 387 -23.74 14.78 44.01
CA THR B 387 -24.00 14.37 45.38
C THR B 387 -22.70 14.16 46.14
N ALA B 388 -21.71 13.56 45.48
CA ALA B 388 -20.39 13.43 46.09
C ALA B 388 -19.78 14.81 46.36
N TYR B 389 -19.90 15.72 45.38
CA TYR B 389 -19.36 17.07 45.55
C TYR B 389 -20.06 17.81 46.68
N TYR B 390 -21.40 17.70 46.74
CA TYR B 390 -22.18 18.28 47.81
C TYR B 390 -22.35 17.34 48.99
N GLN B 391 -21.63 16.22 49.01
CA GLN B 391 -21.67 15.27 50.11
C GLN B 391 -21.68 16.03 51.43
N PRO B 392 -22.55 15.66 52.39
CA PRO B 392 -22.65 16.45 53.63
C PRO B 392 -21.30 16.70 54.28
N LEU B 393 -21.03 17.97 54.60
CA LEU B 393 -19.75 18.35 55.19
C LEU B 393 -19.70 17.93 56.65
N GLU B 394 -18.50 18.03 57.23
CA GLU B 394 -18.23 17.68 58.62
C GLU B 394 -18.44 16.20 58.91
N GLY B 395 -18.52 15.37 57.88
CA GLY B 395 -18.73 13.95 58.07
C GLY B 395 -19.95 13.65 58.92
N THR B 396 -20.03 12.44 59.45
CA THR B 396 -21.14 12.00 60.29
C THR B 396 -22.49 12.30 59.62
N PRO B 397 -22.79 11.66 58.50
CA PRO B 397 -24.13 11.78 57.90
C PRO B 397 -25.07 10.70 58.35
N PRO B 398 -25.62 10.76 59.57
CA PRO B 398 -26.67 9.79 59.93
C PRO B 398 -27.91 9.97 59.06
N TYR B 399 -28.45 11.18 59.07
CA TYR B 399 -29.54 11.57 58.19
C TYR B 399 -29.59 13.10 58.08
N PRO B 400 -28.49 13.75 57.66
CA PRO B 400 -28.39 15.22 57.73
C PRO B 400 -29.08 15.91 56.56
N TYR B 401 -30.42 15.95 56.59
CA TYR B 401 -31.18 16.61 55.54
C TYR B 401 -32.38 17.32 56.16
N ARG B 402 -32.18 18.60 56.50
CA ARG B 402 -33.23 19.45 57.04
C ARG B 402 -33.37 20.73 56.24
N THR B 403 -32.91 20.72 54.98
CA THR B 403 -32.87 21.92 54.15
C THR B 403 -33.31 21.56 52.73
N THR B 404 -33.78 22.58 52.00
CA THR B 404 -34.25 22.35 50.64
C THR B 404 -33.14 21.80 49.76
N VAL B 405 -31.96 22.42 49.80
CA VAL B 405 -30.82 21.86 49.07
C VAL B 405 -30.46 20.50 49.62
N ASP B 406 -30.63 20.31 50.93
CA ASP B 406 -30.44 18.97 51.51
C ASP B 406 -31.45 17.99 50.94
N TYR B 407 -32.70 18.42 50.74
CA TYR B 407 -33.69 17.55 50.12
C TYR B 407 -33.30 17.20 48.69
N LEU B 408 -32.77 18.17 47.95
CA LEU B 408 -32.30 17.88 46.59
C LEU B 408 -31.14 16.88 46.62
N ARG B 409 -30.22 17.04 47.57
CA ARG B 409 -29.13 16.09 47.71
C ARG B 409 -29.65 14.70 48.05
N LEU B 410 -30.65 14.61 48.92
CA LEU B 410 -31.23 13.32 49.27
C LEU B 410 -31.90 12.69 48.06
N ALA B 411 -32.56 13.50 47.24
CA ALA B 411 -33.16 12.99 46.01
C ALA B 411 -32.08 12.45 45.07
N GLY B 412 -30.97 13.18 44.93
CA GLY B 412 -29.88 12.69 44.10
C GLY B 412 -29.30 11.39 44.61
N GLU B 413 -29.12 11.29 45.93
CA GLU B 413 -28.60 10.06 46.51
C GLU B 413 -29.58 8.90 46.32
N VAL B 414 -30.88 9.18 46.43
CA VAL B 414 -31.88 8.15 46.18
C VAL B 414 -31.83 7.69 44.73
N ILE B 415 -31.66 8.62 43.80
CA ILE B 415 -31.53 8.24 42.40
C ILE B 415 -30.29 7.38 42.20
N THR B 416 -29.18 7.75 42.86
CA THR B 416 -27.96 6.95 42.76
C THR B 416 -28.21 5.53 43.25
N LEU B 417 -28.84 5.38 44.41
CA LEU B 417 -29.08 4.05 44.95
C LEU B 417 -30.04 3.27 44.05
N PHE B 418 -31.06 3.94 43.50
CA PHE B 418 -32.00 3.27 42.62
C PHE B 418 -31.31 2.75 41.38
N THR B 419 -30.47 3.57 40.74
CA THR B 419 -29.77 3.12 39.55
C THR B 419 -28.77 2.01 39.89
N GLY B 420 -28.11 2.11 41.05
CA GLY B 420 -27.19 1.06 41.44
C GLY B 420 -27.88 -0.28 41.65
N VAL B 421 -29.01 -0.27 42.35
CA VAL B 421 -29.72 -1.52 42.62
C VAL B 421 -30.33 -2.07 41.33
N LEU B 422 -30.82 -1.19 40.46
CA LEU B 422 -31.33 -1.64 39.16
C LEU B 422 -30.22 -2.27 38.33
N PHE B 423 -29.03 -1.67 38.37
CA PHE B 423 -27.90 -2.24 37.66
C PHE B 423 -27.52 -3.60 38.24
N PHE B 424 -27.58 -3.74 39.56
CA PHE B 424 -27.34 -5.05 40.17
C PHE B 424 -28.36 -6.07 39.70
N PHE B 425 -29.63 -5.67 39.65
CA PHE B 425 -30.68 -6.58 39.15
C PHE B 425 -30.40 -7.00 37.71
N THR B 426 -30.03 -6.05 36.87
CA THR B 426 -29.73 -6.37 35.47
C THR B 426 -28.52 -7.32 35.39
N SER B 427 -27.49 -7.06 36.19
CA SER B 427 -26.30 -7.90 36.14
C SER B 427 -26.61 -9.33 36.57
N ILE B 428 -27.36 -9.49 37.67
CA ILE B 428 -27.70 -10.83 38.12
C ILE B 428 -28.60 -11.52 37.10
N LYS B 429 -29.53 -10.77 36.50
CA LYS B 429 -30.34 -11.32 35.42
C LYS B 429 -29.48 -11.64 34.19
N ASP B 430 -28.51 -10.77 33.90
CA ASP B 430 -27.64 -10.98 32.74
C ASP B 430 -26.78 -12.22 32.91
N PHE B 448 -17.09 -7.46 30.11
CA PHE B 448 -17.99 -6.31 30.02
C PHE B 448 -18.88 -6.23 31.25
N GLN B 449 -19.66 -7.29 31.49
CA GLN B 449 -20.50 -7.35 32.67
C GLN B 449 -19.67 -7.30 33.94
N LEU B 450 -18.38 -7.64 33.88
CA LEU B 450 -17.53 -7.62 35.07
C LEU B 450 -17.54 -6.25 35.73
N LEU B 451 -17.13 -5.22 34.99
CA LEU B 451 -17.03 -3.89 35.57
C LEU B 451 -18.39 -3.38 36.00
N TYR B 452 -19.44 -3.70 35.25
CA TYR B 452 -20.78 -3.27 35.61
C TYR B 452 -21.19 -3.86 36.96
N PHE B 453 -20.91 -5.14 37.15
CA PHE B 453 -21.21 -5.78 38.44
C PHE B 453 -20.36 -5.19 39.56
N ILE B 454 -19.09 -4.89 39.27
CA ILE B 454 -18.24 -4.25 40.29
C ILE B 454 -18.86 -2.92 40.71
N TYR B 455 -19.29 -2.12 39.74
CA TYR B 455 -19.96 -0.87 40.06
C TYR B 455 -21.21 -1.09 40.90
N SER B 456 -22.03 -2.06 40.53
CA SER B 456 -23.27 -2.31 41.27
C SER B 456 -22.97 -2.69 42.71
N VAL B 457 -22.04 -3.61 42.92
CA VAL B 457 -21.73 -4.06 44.27
C VAL B 457 -21.11 -2.92 45.07
N LEU B 458 -20.27 -2.11 44.45
CA LEU B 458 -19.67 -0.98 45.15
C LEU B 458 -20.73 0.02 45.59
N VAL B 459 -21.69 0.33 44.71
CA VAL B 459 -22.78 1.23 45.08
C VAL B 459 -23.57 0.64 46.23
N VAL B 460 -23.87 -0.66 46.18
CA VAL B 460 -24.65 -1.28 47.24
C VAL B 460 -23.89 -1.19 48.57
N VAL B 461 -22.60 -1.48 48.56
CA VAL B 461 -21.81 -1.44 49.79
C VAL B 461 -21.73 -0.01 50.32
N SER B 462 -21.54 0.96 49.43
CA SER B 462 -21.49 2.35 49.86
C SER B 462 -22.81 2.78 50.50
N ALA B 463 -23.92 2.38 49.90
CA ALA B 463 -25.22 2.69 50.48
C ALA B 463 -25.37 2.04 51.85
N ALA B 464 -24.96 0.79 51.98
CA ALA B 464 -25.06 0.10 53.26
C ALA B 464 -24.24 0.81 54.34
N LEU B 465 -23.02 1.20 54.00
CA LEU B 465 -22.18 1.89 54.97
C LEU B 465 -22.74 3.26 55.31
N TYR B 466 -23.26 3.99 54.32
CA TYR B 466 -23.84 5.30 54.60
C TYR B 466 -25.04 5.18 55.53
N LEU B 467 -25.91 4.19 55.28
CA LEU B 467 -27.06 3.99 56.14
C LEU B 467 -26.66 3.58 57.55
N ALA B 468 -25.43 3.07 57.73
CA ALA B 468 -24.91 2.80 59.07
C ALA B 468 -24.53 4.08 59.80
N GLY B 469 -24.49 5.22 59.12
CA GLY B 469 -24.15 6.47 59.76
C GLY B 469 -22.74 6.53 60.28
N ILE B 470 -21.83 5.75 59.70
CA ILE B 470 -20.44 5.72 60.14
C ILE B 470 -19.62 6.59 59.19
N GLU B 471 -18.44 6.99 59.66
CA GLU B 471 -17.57 7.92 58.96
C GLU B 471 -16.39 7.18 58.36
N ALA B 472 -15.63 7.90 57.53
CA ALA B 472 -14.39 7.42 56.92
C ALA B 472 -14.62 6.26 55.96
N TYR B 473 -15.87 6.04 55.53
CA TYR B 473 -16.19 4.98 54.57
C TYR B 473 -16.85 5.53 53.32
N LEU B 474 -16.68 6.82 53.02
CA LEU B 474 -17.07 7.35 51.73
C LEU B 474 -16.13 6.89 50.62
N ALA B 475 -14.99 6.27 50.96
CA ALA B 475 -14.04 5.84 49.95
C ALA B 475 -14.68 4.89 48.94
N VAL B 476 -15.50 3.96 49.42
CA VAL B 476 -16.18 3.03 48.52
C VAL B 476 -17.08 3.80 47.56
N MET B 477 -17.72 4.87 48.05
CA MET B 477 -18.54 5.70 47.17
C MET B 477 -17.71 6.29 46.04
N VAL B 478 -16.51 6.78 46.36
CA VAL B 478 -15.65 7.38 45.36
C VAL B 478 -15.16 6.32 44.38
N PHE B 479 -14.82 5.13 44.89
CA PHE B 479 -14.49 4.02 44.00
C PHE B 479 -15.63 3.71 43.04
N ALA B 480 -16.86 3.66 43.56
CA ALA B 480 -18.01 3.42 42.70
C ALA B 480 -18.10 4.50 41.62
N LEU B 481 -17.91 5.76 42.01
CA LEU B 481 -17.96 6.85 41.05
C LEU B 481 -16.93 6.64 39.94
N VAL B 482 -15.68 6.38 40.31
CA VAL B 482 -14.64 6.30 39.29
C VAL B 482 -14.84 5.09 38.39
N LEU B 483 -15.19 3.93 38.96
CA LEU B 483 -15.48 2.78 38.11
C LEU B 483 -16.64 3.05 37.16
N GLY B 484 -17.70 3.70 37.65
CA GLY B 484 -18.82 3.99 36.77
C GLY B 484 -18.44 4.93 35.64
N TRP B 485 -17.65 5.97 35.93
CA TRP B 485 -17.25 6.85 34.84
C TRP B 485 -16.27 6.17 33.91
N MET B 486 -15.53 5.17 34.39
CA MET B 486 -14.73 4.38 33.46
C MET B 486 -15.62 3.54 32.56
N ASN B 487 -16.73 3.02 33.08
CA ASN B 487 -17.75 2.40 32.24
C ASN B 487 -18.40 3.41 31.30
N ALA B 488 -18.31 4.70 31.62
CA ALA B 488 -18.89 5.73 30.77
C ALA B 488 -18.32 5.67 29.36
N LEU B 489 -17.00 5.47 29.23
CA LEU B 489 -16.42 5.38 27.89
C LEU B 489 -16.89 4.13 27.18
N TYR B 490 -17.06 3.03 27.91
CA TYR B 490 -17.60 1.82 27.31
C TYR B 490 -18.98 2.09 26.72
N PHE B 491 -19.83 2.81 27.44
CA PHE B 491 -21.15 3.12 26.90
C PHE B 491 -21.08 4.15 25.78
N THR B 492 -20.19 5.15 25.89
CA THR B 492 -20.07 6.18 24.86
C THR B 492 -19.46 5.63 23.57
N ARG B 493 -18.83 4.45 23.63
CA ARG B 493 -18.33 3.80 22.43
C ARG B 493 -19.33 3.90 21.27
N GLY B 494 -20.61 3.72 21.56
CA GLY B 494 -21.60 3.69 20.49
C GLY B 494 -22.07 5.06 20.03
N LEU B 495 -21.68 6.12 20.75
CA LEU B 495 -22.15 7.46 20.44
C LEU B 495 -21.12 8.22 19.61
N LYS B 496 -21.62 9.08 18.73
CA LYS B 496 -20.78 9.91 17.86
C LYS B 496 -19.85 9.06 17.00
N LEU B 497 -20.29 7.86 16.65
CA LEU B 497 -19.50 6.94 15.81
C LEU B 497 -18.08 6.82 16.35
N THR B 498 -17.99 6.55 17.65
CA THR B 498 -16.72 6.39 18.34
C THR B 498 -16.47 4.90 18.59
N GLY B 499 -15.38 4.60 19.28
CA GLY B 499 -15.06 3.23 19.63
C GLY B 499 -13.60 2.89 19.45
N THR B 500 -12.84 3.80 18.84
CA THR B 500 -11.39 3.61 18.81
C THR B 500 -10.83 3.55 20.23
N TYR B 501 -11.49 4.20 21.18
CA TYR B 501 -10.97 4.29 22.54
C TYR B 501 -10.99 2.94 23.23
N SER B 502 -12.05 2.15 23.01
CA SER B 502 -12.09 0.79 23.56
C SER B 502 -10.97 -0.06 22.98
N ILE B 503 -10.73 0.06 21.67
CA ILE B 503 -9.63 -0.67 21.05
C ILE B 503 -8.31 -0.25 21.68
N MET B 504 -8.15 1.06 21.90
CA MET B 504 -6.94 1.60 22.52
C MET B 504 -6.73 1.04 23.93
N ILE B 505 -7.80 0.97 24.73
CA ILE B 505 -7.67 0.49 26.10
C ILE B 505 -7.27 -0.98 26.12
N GLN B 506 -7.75 -1.77 25.16
CA GLN B 506 -7.46 -3.20 25.10
C GLN B 506 -6.24 -3.51 24.23
N LYS B 507 -5.43 -2.50 23.91
CA LYS B 507 -4.27 -2.65 23.06
C LYS B 507 -2.95 -2.45 23.80
N ILE B 508 -2.81 -1.34 24.52
CA ILE B 508 -1.52 -0.94 25.07
C ILE B 508 -1.48 -1.18 26.57
N LEU B 509 -2.66 -1.19 27.20
CA LEU B 509 -2.75 -1.17 28.66
C LEU B 509 -1.78 -2.13 29.34
N PHE B 510 -1.90 -3.43 29.03
CA PHE B 510 -1.11 -4.42 29.75
C PHE B 510 0.37 -4.38 29.38
N LYS B 511 0.68 -4.19 28.09
CA LYS B 511 2.08 -4.21 27.66
C LYS B 511 2.87 -3.11 28.33
N ASP B 512 2.32 -1.89 28.33
CA ASP B 512 3.05 -0.74 28.87
C ASP B 512 3.35 -0.95 30.35
N LEU B 513 2.33 -1.31 31.14
CA LEU B 513 2.54 -1.51 32.57
C LEU B 513 3.52 -2.64 32.82
N PHE B 514 3.36 -3.76 32.11
CA PHE B 514 4.30 -4.87 32.25
C PHE B 514 5.74 -4.40 32.10
N ARG B 515 6.07 -3.88 30.91
CA ARG B 515 7.44 -3.53 30.61
C ARG B 515 7.94 -2.44 31.55
N PHE B 516 7.14 -1.41 31.76
CA PHE B 516 7.56 -0.30 32.60
C PHE B 516 7.86 -0.86 33.99
N LEU B 517 6.84 -1.31 34.72
CA LEU B 517 7.05 -1.83 36.06
C LEU B 517 8.32 -2.66 36.14
N LEU B 518 8.45 -3.65 35.25
CA LEU B 518 9.62 -4.54 35.33
C LEU B 518 10.91 -3.74 35.25
N VAL B 519 11.17 -3.10 34.11
CA VAL B 519 12.48 -2.48 33.89
C VAL B 519 12.71 -1.34 34.89
N TYR B 520 11.66 -0.57 35.17
CA TYR B 520 11.77 0.54 36.11
C TYR B 520 12.24 0.07 37.48
N LEU B 521 11.42 -0.77 38.14
CA LEU B 521 11.80 -1.23 39.48
C LEU B 521 13.14 -1.97 39.43
N LEU B 522 13.45 -2.59 38.29
CA LEU B 522 14.63 -3.43 38.20
C LEU B 522 15.90 -2.60 38.20
N PHE B 523 16.03 -1.69 37.22
CA PHE B 523 17.14 -0.76 37.24
C PHE B 523 17.14 0.07 38.53
N MET B 524 15.97 0.27 39.14
CA MET B 524 15.93 0.96 40.43
C MET B 524 16.71 0.20 41.49
N ILE B 525 16.45 -1.10 41.62
CA ILE B 525 17.16 -1.88 42.63
C ILE B 525 18.64 -1.98 42.28
N GLY B 526 18.96 -2.12 40.99
CA GLY B 526 20.36 -2.14 40.59
C GLY B 526 21.08 -0.87 41.00
N TYR B 527 20.47 0.27 40.71
CA TYR B 527 20.95 1.56 41.19
C TYR B 527 21.12 1.55 42.70
N ALA B 528 20.11 1.04 43.42
CA ALA B 528 20.12 1.12 44.87
C ALA B 528 21.28 0.37 45.48
N SER B 529 21.61 -0.79 44.91
CA SER B 529 22.72 -1.56 45.47
C SER B 529 23.99 -0.71 45.54
N ALA B 530 24.39 -0.13 44.40
CA ALA B 530 25.59 0.69 44.38
C ALA B 530 25.44 1.96 45.20
N LEU B 531 24.24 2.57 45.18
CA LEU B 531 24.04 3.80 45.93
C LEU B 531 24.28 3.56 47.42
N VAL B 532 23.64 2.53 47.99
CA VAL B 532 23.85 2.23 49.40
C VAL B 532 25.24 1.68 49.63
N THR B 533 25.90 1.17 48.59
CA THR B 533 27.32 0.83 48.71
C THR B 533 28.14 2.09 48.99
N LEU B 534 27.85 3.17 48.26
CA LEU B 534 28.58 4.42 48.47
C LEU B 534 28.32 4.99 49.87
N LEU B 535 27.06 4.99 50.29
CA LEU B 535 26.65 5.64 51.54
C LEU B 535 26.17 4.57 52.51
N ASN B 536 26.65 4.64 53.75
CA ASN B 536 26.26 3.65 54.75
C ASN B 536 24.77 3.54 55.04
N PRO B 557 22.52 10.78 53.47
CA PRO B 557 23.17 12.05 53.16
C PRO B 557 22.42 12.87 52.10
N ALA B 558 22.61 12.53 50.82
CA ALA B 558 21.93 13.27 49.76
C ALA B 558 20.56 12.69 49.47
N CYS B 559 20.51 11.40 49.12
CA CYS B 559 19.23 10.76 48.84
C CYS B 559 18.41 10.56 50.11
N ARG B 560 19.05 10.71 51.27
CA ARG B 560 18.41 10.39 52.54
C ARG B 560 19.12 11.10 53.69
N ASP B 561 18.64 10.82 54.90
CA ASP B 561 19.38 11.23 56.09
C ASP B 561 19.86 10.01 56.87
N SER B 562 19.04 8.96 56.93
CA SER B 562 19.40 7.74 57.63
C SER B 562 18.46 6.62 57.21
N GLU B 563 18.88 5.38 57.53
CA GLU B 563 18.03 4.20 57.40
C GLU B 563 17.92 3.81 55.93
N THR B 564 17.38 2.63 55.64
CA THR B 564 17.31 2.08 54.29
C THR B 564 15.88 2.09 53.80
N PHE B 565 15.64 2.83 52.70
CA PHE B 565 14.32 2.98 52.08
C PHE B 565 14.58 3.13 50.58
N SER B 566 14.06 2.18 49.80
CA SER B 566 14.12 2.32 48.35
C SER B 566 13.16 3.39 47.86
N ALA B 567 12.32 3.92 48.75
CA ALA B 567 11.31 4.89 48.33
C ALA B 567 11.93 6.17 47.80
N PHE B 568 12.96 6.68 48.48
CA PHE B 568 13.61 7.89 47.97
C PHE B 568 14.26 7.63 46.63
N LEU B 569 14.79 6.43 46.42
CA LEU B 569 15.38 6.10 45.12
C LEU B 569 14.31 6.01 44.04
N LEU B 570 13.13 5.48 44.38
CA LEU B 570 12.01 5.50 43.45
C LEU B 570 11.64 6.93 43.09
N ASP B 571 11.59 7.81 44.10
CA ASP B 571 11.29 9.21 43.84
C ASP B 571 12.35 9.84 42.94
N LEU B 572 13.62 9.51 43.19
CA LEU B 572 14.70 10.03 42.36
C LEU B 572 14.56 9.56 40.92
N PHE B 573 14.18 8.30 40.72
CA PHE B 573 14.02 7.80 39.35
C PHE B 573 12.81 8.44 38.67
N LYS B 574 11.74 8.69 39.42
CA LYS B 574 10.62 9.46 38.86
C LYS B 574 11.09 10.84 38.44
N LEU B 575 11.89 11.48 39.28
CA LEU B 575 12.46 12.77 38.94
C LEU B 575 13.26 12.68 37.65
N THR B 576 14.07 11.62 37.53
CA THR B 576 14.88 11.44 36.33
C THR B 576 14.01 11.30 35.09
N ILE B 577 13.05 10.37 35.12
CA ILE B 577 12.29 10.05 33.91
C ILE B 577 11.38 11.20 33.52
N GLY B 578 10.66 11.76 34.48
CA GLY B 578 9.70 12.81 34.18
C GLY B 578 10.27 14.20 34.34
N MET B 579 11.22 14.36 35.27
CA MET B 579 11.63 15.70 35.67
C MET B 579 13.07 16.00 35.25
N GLY B 580 13.97 15.03 35.39
CA GLY B 580 15.38 15.32 35.23
C GLY B 580 15.87 16.12 36.42
N ASP B 581 16.96 16.85 36.20
CA ASP B 581 17.59 17.60 37.28
C ASP B 581 17.85 16.68 38.47
N LEU B 582 18.25 15.46 38.15
CA LEU B 582 18.49 14.43 39.15
C LEU B 582 19.72 14.77 40.00
N GLU B 583 19.63 14.50 41.30
CA GLU B 583 20.70 14.75 42.25
C GLU B 583 21.12 13.42 42.87
N MET B 584 22.40 13.32 43.20
CA MET B 584 22.94 12.13 43.85
C MET B 584 23.86 12.56 44.98
N LEU B 585 24.22 11.61 45.83
CA LEU B 585 25.36 11.81 46.71
C LEU B 585 26.64 11.98 45.89
N SER B 586 26.78 11.16 44.85
CA SER B 586 27.93 11.28 43.96
C SER B 586 27.90 12.61 43.22
N SER B 587 29.08 13.22 43.07
CA SER B 587 29.21 14.49 42.38
C SER B 587 30.55 14.58 41.66
N ILE B 595 29.69 4.63 39.67
CA ILE B 595 28.96 5.91 39.70
C ILE B 595 28.48 6.27 38.30
N LEU B 596 29.26 5.88 37.28
CA LEU B 596 28.86 6.13 35.90
C LEU B 596 27.81 5.12 35.45
N LEU B 597 27.88 3.89 35.96
CA LEU B 597 26.88 2.89 35.62
C LEU B 597 25.49 3.37 36.02
N LEU B 598 25.41 4.30 36.97
CA LEU B 598 24.14 4.93 37.30
C LEU B 598 23.59 5.68 36.10
N VAL B 599 24.44 6.49 35.47
CA VAL B 599 24.05 7.21 34.26
C VAL B 599 23.71 6.23 33.15
N THR B 600 24.42 5.11 33.09
CA THR B 600 24.08 4.08 32.11
C THR B 600 22.67 3.54 32.37
N TYR B 601 22.36 3.26 33.64
CA TYR B 601 21.01 2.81 33.99
C TYR B 601 19.99 3.80 33.47
N ILE B 602 20.21 5.08 33.76
CA ILE B 602 19.27 6.12 33.39
C ILE B 602 19.08 6.17 31.88
N ILE B 603 20.18 6.15 31.14
CA ILE B 603 20.10 6.21 29.68
C ILE B 603 19.32 5.03 29.14
N LEU B 604 19.65 3.82 29.62
CA LEU B 604 18.99 2.63 29.10
C LEU B 604 17.50 2.64 29.39
N THR B 605 17.10 2.98 30.63
CA THR B 605 15.68 2.99 30.94
C THR B 605 14.94 4.04 30.12
N PHE B 606 15.53 5.24 29.98
CA PHE B 606 14.87 6.29 29.20
C PHE B 606 14.69 5.86 27.76
N VAL B 607 15.77 5.39 27.12
CA VAL B 607 15.67 5.00 25.72
C VAL B 607 14.68 3.85 25.56
N LEU B 608 14.72 2.88 26.48
CA LEU B 608 13.81 1.74 26.39
C LEU B 608 12.36 2.20 26.44
N LEU B 609 12.03 3.10 27.37
CA LEU B 609 10.65 3.56 27.46
C LEU B 609 10.25 4.35 26.22
N LEU B 610 11.12 5.21 25.71
CA LEU B 610 10.77 5.98 24.51
C LEU B 610 10.52 5.06 23.33
N ASN B 611 11.45 4.14 23.06
CA ASN B 611 11.26 3.25 21.91
C ASN B 611 10.11 2.28 22.15
N MET B 612 9.79 1.98 23.41
CA MET B 612 8.59 1.20 23.71
C MET B 612 7.35 1.97 23.28
N LEU B 613 7.29 3.25 23.58
CA LEU B 613 6.16 4.06 23.12
C LEU B 613 6.10 4.08 21.59
N ILE B 614 7.26 4.18 20.94
CA ILE B 614 7.30 4.16 19.48
C ILE B 614 6.74 2.85 18.95
N ALA B 615 7.17 1.73 19.52
CA ALA B 615 6.71 0.42 19.07
C ALA B 615 5.22 0.25 19.31
N LEU B 616 4.73 0.75 20.46
CA LEU B 616 3.30 0.68 20.73
C LEU B 616 2.52 1.47 19.70
N MET B 617 3.01 2.67 19.35
CA MET B 617 2.35 3.45 18.31
C MET B 617 2.31 2.69 16.99
N GLY B 618 3.45 2.11 16.61
CA GLY B 618 3.50 1.38 15.34
C GLY B 618 2.56 0.20 15.32
N GLU B 619 2.57 -0.60 16.38
CA GLU B 619 1.68 -1.76 16.45
C GLU B 619 0.22 -1.34 16.46
N THR B 620 -0.11 -0.27 17.17
CA THR B 620 -1.50 0.19 17.21
C THR B 620 -1.96 0.64 15.83
N VAL B 621 -1.13 1.42 15.13
CA VAL B 621 -1.54 1.89 13.81
C VAL B 621 -1.65 0.73 12.84
N GLY B 622 -0.76 -0.26 12.96
CA GLY B 622 -0.86 -1.45 12.12
C GLY B 622 -2.13 -2.24 12.38
N GLN B 623 -2.43 -2.45 13.67
CA GLN B 623 -3.60 -3.24 14.04
C GLN B 623 -4.90 -2.56 13.61
N VAL B 624 -5.06 -1.29 13.96
CA VAL B 624 -6.33 -0.61 13.70
C VAL B 624 -6.59 -0.53 12.21
N SER B 625 -5.61 -0.04 11.43
CA SER B 625 -5.81 0.22 10.01
C SER B 625 -7.16 0.92 9.79
N LYS B 626 -7.46 1.90 10.63
CA LYS B 626 -8.79 2.50 10.69
C LYS B 626 -9.84 1.43 10.95
N GLU B 627 -9.54 0.55 11.92
CA GLU B 627 -10.38 -0.58 12.31
C GLU B 627 -10.90 -1.33 11.09
N SER B 628 -10.17 -1.27 9.97
CA SER B 628 -10.56 -1.93 8.74
C SER B 628 -11.99 -1.60 8.33
N LYS B 629 -12.57 -0.53 8.89
CA LYS B 629 -13.95 -0.12 8.61
C LYS B 629 -14.96 -1.17 9.05
N HIS B 630 -14.58 -2.11 9.92
CA HIS B 630 -15.50 -3.18 10.30
C HIS B 630 -15.70 -3.32 11.82
N ILE B 631 -14.64 -3.10 12.61
CA ILE B 631 -14.73 -3.38 14.04
C ILE B 631 -15.88 -2.59 14.65
N TRP B 632 -15.96 -1.29 14.34
CA TRP B 632 -17.05 -0.48 14.86
C TRP B 632 -18.41 -1.06 14.48
N LYS B 633 -18.50 -1.66 13.29
CA LYS B 633 -19.76 -2.28 12.89
C LYS B 633 -20.12 -3.44 13.81
N LEU B 634 -19.13 -4.24 14.20
CA LEU B 634 -19.39 -5.33 15.13
C LEU B 634 -19.83 -4.80 16.49
N GLN B 635 -19.17 -3.74 16.97
CA GLN B 635 -19.61 -3.16 18.25
C GLN B 635 -21.03 -2.61 18.13
N TRP B 636 -21.34 -1.99 17.00
CA TRP B 636 -22.68 -1.47 16.74
C TRP B 636 -23.73 -2.58 16.78
N ALA B 637 -23.43 -3.71 16.13
CA ALA B 637 -24.35 -4.84 16.17
C ALA B 637 -24.50 -5.36 17.60
N THR B 638 -23.39 -5.43 18.33
CA THR B 638 -23.46 -5.84 19.73
C THR B 638 -24.40 -4.94 20.51
N THR B 639 -24.26 -3.62 20.34
CA THR B 639 -25.12 -2.68 21.05
C THR B 639 -26.58 -2.87 20.67
N ILE B 640 -26.86 -3.02 19.37
CA ILE B 640 -28.25 -3.15 18.94
C ILE B 640 -28.88 -4.40 19.54
N LEU B 641 -28.18 -5.53 19.45
CA LEU B 641 -28.75 -6.78 19.97
C LEU B 641 -28.86 -6.74 21.48
N ASP B 642 -27.90 -6.13 22.17
CA ASP B 642 -28.01 -5.99 23.62
C ASP B 642 -29.24 -5.18 23.99
N ILE B 643 -29.46 -4.07 23.31
CA ILE B 643 -30.65 -3.27 23.58
C ILE B 643 -31.91 -4.07 23.31
N GLU B 644 -31.96 -4.79 22.19
CA GLU B 644 -33.17 -5.53 21.85
C GLU B 644 -33.47 -6.60 22.89
N ARG B 645 -32.45 -7.33 23.33
CA ARG B 645 -32.66 -8.33 24.37
C ARG B 645 -33.00 -7.68 25.71
N SER B 646 -32.54 -6.45 25.94
CA SER B 646 -32.73 -5.83 27.25
C SER B 646 -34.20 -5.71 27.60
N PHE B 647 -34.96 -4.92 26.85
CA PHE B 647 -36.37 -4.75 27.14
C PHE B 647 -37.13 -5.98 26.68
N PRO B 648 -38.23 -6.34 27.34
CA PRO B 648 -38.93 -7.58 26.99
C PRO B 648 -39.43 -7.59 25.55
N VAL B 649 -39.39 -8.77 24.92
CA VAL B 649 -39.80 -8.88 23.52
C VAL B 649 -41.27 -9.19 23.35
N PHE B 650 -41.97 -9.62 24.41
CA PHE B 650 -43.41 -9.82 24.28
C PHE B 650 -44.08 -8.52 23.86
N LEU B 651 -43.49 -7.39 24.23
CA LEU B 651 -43.89 -6.12 23.63
C LEU B 651 -43.59 -6.16 22.14
N ARG B 652 -44.57 -5.74 21.33
CA ARG B 652 -44.54 -5.96 19.89
C ARG B 652 -43.58 -4.96 19.22
N LYS B 653 -42.30 -5.26 19.34
CA LYS B 653 -41.24 -4.55 18.61
C LYS B 653 -40.46 -5.61 17.82
N ALA B 654 -40.92 -5.87 16.60
CA ALA B 654 -40.32 -6.91 15.77
C ALA B 654 -40.08 -6.36 14.37
N PHE B 655 -39.38 -7.16 13.58
CA PHE B 655 -39.09 -6.83 12.18
C PHE B 655 -40.35 -6.94 11.33
N ARG B 656 -40.16 -6.74 10.02
CA ARG B 656 -41.28 -6.74 9.09
C ARG B 656 -42.07 -8.05 9.18
N SER B 657 -43.30 -8.02 8.67
CA SER B 657 -44.15 -9.20 8.59
C SER B 657 -44.57 -9.43 7.14
N GLY B 658 -45.37 -10.47 6.94
CA GLY B 658 -45.70 -10.88 5.59
C GLY B 658 -46.98 -11.69 5.44
N GLU B 659 -46.92 -12.72 4.60
CA GLU B 659 -48.10 -13.42 4.11
C GLU B 659 -48.55 -14.49 5.10
N MET B 660 -49.49 -15.32 4.69
CA MET B 660 -50.12 -16.32 5.54
C MET B 660 -49.76 -17.76 5.18
N VAL B 661 -49.80 -18.12 3.90
CA VAL B 661 -49.53 -19.50 3.51
C VAL B 661 -49.13 -19.51 2.05
N THR B 662 -48.25 -20.45 1.69
CA THR B 662 -47.75 -20.73 0.35
C THR B 662 -46.74 -19.69 -0.13
N VAL B 663 -46.54 -18.60 0.60
CA VAL B 663 -45.54 -17.60 0.23
C VAL B 663 -45.03 -16.93 1.50
N ARG B 673 -47.18 -18.56 6.26
CA ARG B 673 -46.95 -17.79 7.47
C ARG B 673 -45.46 -17.72 7.78
N ARG B 674 -44.70 -17.14 6.86
CA ARG B 674 -43.26 -16.98 7.02
C ARG B 674 -42.97 -15.51 7.27
N TRP B 675 -42.33 -15.22 8.41
CA TRP B 675 -42.14 -13.85 8.88
C TRP B 675 -41.06 -13.18 8.03
N CYS B 676 -41.46 -12.82 6.81
CA CYS B 676 -40.53 -12.35 5.80
C CYS B 676 -40.03 -10.95 6.13
N PHE B 677 -38.94 -10.58 5.46
CA PHE B 677 -38.36 -9.24 5.53
C PHE B 677 -38.02 -8.81 4.11
N ARG B 678 -38.06 -7.50 3.88
CA ARG B 678 -37.96 -6.94 2.53
C ARG B 678 -36.62 -6.23 2.33
N VAL B 679 -36.17 -6.18 1.08
CA VAL B 679 -34.97 -5.44 0.72
C VAL B 679 -35.16 -4.94 -0.71
N ASP B 680 -34.66 -3.74 -0.98
CA ASP B 680 -34.84 -3.09 -2.28
C ASP B 680 -33.48 -2.84 -2.91
N GLU B 681 -33.27 -3.38 -4.10
CA GLU B 681 -32.01 -3.19 -4.81
C GLU B 681 -32.29 -2.98 -6.28
N VAL B 682 -31.53 -2.09 -6.91
CA VAL B 682 -31.72 -1.74 -8.31
C VAL B 682 -30.52 -2.25 -9.11
N ASN B 683 -30.80 -2.99 -10.18
CA ASN B 683 -29.77 -3.50 -11.08
C ASN B 683 -30.23 -3.28 -12.52
N TRP B 684 -29.29 -2.87 -13.37
CA TRP B 684 -29.57 -2.57 -14.77
C TRP B 684 -29.04 -3.64 -15.71
N SER B 685 -29.15 -4.91 -15.32
CA SER B 685 -28.71 -6.01 -16.18
C SER B 685 -29.91 -6.78 -16.72
N VAL C 47 -67.50 -11.40 -12.60
CA VAL C 47 -68.78 -12.02 -12.83
C VAL C 47 -69.67 -11.75 -11.60
N PHE C 48 -70.09 -12.80 -10.91
CA PHE C 48 -70.75 -12.61 -9.63
C PHE C 48 -69.81 -11.98 -8.62
N ASN C 49 -68.51 -12.24 -8.76
CA ASN C 49 -67.49 -11.58 -7.96
C ASN C 49 -66.28 -11.33 -8.86
N ARG C 50 -65.69 -10.14 -8.72
CA ARG C 50 -64.57 -9.76 -9.59
C ARG C 50 -63.40 -10.73 -9.54
N PRO C 51 -63.02 -11.28 -8.37
CA PRO C 51 -61.79 -12.11 -8.33
C PRO C 51 -61.78 -13.25 -9.34
N ILE C 52 -62.91 -13.89 -9.61
CA ILE C 52 -62.90 -14.97 -10.58
C ILE C 52 -62.63 -14.43 -11.98
N LEU C 53 -63.19 -13.26 -12.31
CA LEU C 53 -62.86 -12.62 -13.58
C LEU C 53 -61.38 -12.31 -13.67
N PHE C 54 -60.80 -11.79 -12.58
CA PHE C 54 -59.37 -11.49 -12.58
C PHE C 54 -58.55 -12.76 -12.77
N ASP C 55 -58.93 -13.85 -12.11
CA ASP C 55 -58.22 -15.10 -12.29
C ASP C 55 -58.33 -15.59 -13.73
N ILE C 56 -59.51 -15.48 -14.33
CA ILE C 56 -59.71 -15.95 -15.69
C ILE C 56 -58.83 -15.15 -16.65
N VAL C 57 -58.80 -13.83 -16.50
CA VAL C 57 -57.98 -13.02 -17.40
C VAL C 57 -56.50 -13.31 -17.18
N SER C 58 -56.10 -13.55 -15.92
CA SER C 58 -54.71 -13.89 -15.65
C SER C 58 -54.33 -15.20 -16.32
N ARG C 59 -55.22 -16.20 -16.29
CA ARG C 59 -54.92 -17.51 -16.84
C ARG C 59 -55.03 -17.55 -18.35
N GLY C 60 -55.63 -16.52 -18.97
CA GLY C 60 -55.67 -16.45 -20.42
C GLY C 60 -56.69 -17.37 -21.09
N SER C 61 -57.69 -17.85 -20.35
CA SER C 61 -58.74 -18.67 -20.95
C SER C 61 -59.61 -17.81 -21.85
N THR C 62 -60.16 -18.41 -22.90
CA THR C 62 -60.92 -17.69 -23.91
C THR C 62 -62.39 -18.08 -23.99
N ALA C 63 -62.71 -19.38 -23.95
CA ALA C 63 -64.11 -19.81 -24.06
C ALA C 63 -64.94 -19.28 -22.89
N ASP C 64 -64.54 -19.61 -21.67
CA ASP C 64 -65.19 -18.98 -20.52
C ASP C 64 -65.13 -17.47 -20.67
N LEU C 65 -64.04 -16.94 -21.23
CA LEU C 65 -63.88 -15.50 -21.33
C LEU C 65 -64.87 -14.87 -22.32
N ASP C 66 -65.09 -15.47 -23.48
CA ASP C 66 -66.04 -14.85 -24.41
C ASP C 66 -67.47 -15.08 -23.93
N GLY C 67 -67.69 -16.13 -23.13
CA GLY C 67 -68.96 -16.21 -22.41
C GLY C 67 -69.12 -15.08 -21.40
N LEU C 68 -68.02 -14.71 -20.74
CA LEU C 68 -68.05 -13.56 -19.85
C LEU C 68 -68.44 -12.31 -20.62
N LEU C 69 -67.77 -12.08 -21.75
CA LEU C 69 -68.14 -10.99 -22.65
C LEU C 69 -69.63 -11.05 -22.97
N SER C 70 -70.14 -12.27 -23.21
CA SER C 70 -71.54 -12.41 -23.57
C SER C 70 -72.45 -11.87 -22.48
N PHE C 71 -72.28 -12.32 -21.24
CA PHE C 71 -73.27 -11.86 -20.26
C PHE C 71 -73.00 -10.41 -19.87
N LEU C 72 -71.76 -9.92 -20.06
CA LEU C 72 -71.51 -8.49 -19.90
C LEU C 72 -72.33 -7.69 -20.91
N LEU C 73 -72.41 -8.18 -22.15
CA LEU C 73 -73.33 -7.58 -23.11
C LEU C 73 -74.76 -7.70 -22.62
N THR C 74 -75.11 -8.83 -22.00
CA THR C 74 -76.48 -9.03 -21.55
C THR C 74 -76.90 -8.01 -20.52
N HIS C 75 -76.02 -7.69 -19.56
CA HIS C 75 -76.36 -6.86 -18.42
C HIS C 75 -76.09 -5.38 -18.65
N LYS C 76 -75.70 -4.99 -19.87
CA LYS C 76 -75.48 -3.58 -20.21
C LYS C 76 -74.56 -2.89 -19.21
N LYS C 77 -73.61 -3.63 -18.65
CA LYS C 77 -72.69 -3.09 -17.66
C LYS C 77 -71.41 -2.64 -18.34
N ARG C 78 -70.99 -1.41 -18.05
CA ARG C 78 -69.75 -0.89 -18.62
C ARG C 78 -68.54 -1.63 -18.06
N LEU C 79 -67.54 -1.81 -18.92
CA LEU C 79 -66.34 -2.54 -18.52
C LEU C 79 -65.48 -1.75 -17.53
N THR C 80 -65.77 -0.46 -17.33
CA THR C 80 -65.07 0.36 -16.35
C THR C 80 -65.89 0.57 -15.08
N ASP C 81 -66.97 -0.18 -14.90
CA ASP C 81 -67.80 -0.03 -13.72
C ASP C 81 -66.99 -0.37 -12.46
N GLU C 82 -67.54 0.04 -11.31
CA GLU C 82 -66.90 -0.26 -10.04
C GLU C 82 -66.71 -1.76 -9.84
N GLU C 83 -67.56 -2.57 -10.48
CA GLU C 83 -67.42 -4.02 -10.36
C GLU C 83 -66.07 -4.51 -10.87
N PHE C 84 -65.57 -3.93 -11.96
CA PHE C 84 -64.31 -4.34 -12.55
C PHE C 84 -63.10 -3.60 -11.99
N ARG C 85 -63.31 -2.70 -11.02
CA ARG C 85 -62.24 -1.94 -10.42
C ARG C 85 -62.23 -2.18 -8.91
N GLU C 86 -61.05 -2.35 -8.35
CA GLU C 86 -60.95 -2.64 -6.93
C GLU C 86 -61.43 -1.45 -6.11
N PRO C 87 -62.02 -1.69 -4.93
CA PRO C 87 -62.46 -0.55 -4.11
C PRO C 87 -61.33 0.38 -3.73
N SER C 88 -60.12 -0.14 -3.54
CA SER C 88 -58.98 0.66 -3.11
C SER C 88 -58.09 1.06 -4.29
N THR C 89 -57.64 0.07 -5.07
CA THR C 89 -56.70 0.35 -6.15
C THR C 89 -57.40 0.68 -7.45
N GLY C 90 -58.62 0.19 -7.66
CA GLY C 90 -59.34 0.44 -8.89
C GLY C 90 -58.73 -0.20 -10.12
N LYS C 91 -57.96 -1.28 -9.95
CA LYS C 91 -57.32 -1.92 -11.09
C LYS C 91 -58.35 -2.45 -12.07
N THR C 92 -58.11 -2.22 -13.35
CA THR C 92 -58.98 -2.68 -14.42
C THR C 92 -58.53 -4.08 -14.85
N CYS C 93 -59.22 -4.66 -15.83
CA CYS C 93 -58.78 -5.94 -16.38
C CYS C 93 -57.43 -5.83 -17.06
N LEU C 94 -57.19 -4.74 -17.80
CA LEU C 94 -55.95 -4.61 -18.56
C LEU C 94 -54.71 -4.63 -17.67
N PRO C 95 -54.63 -3.84 -16.59
CA PRO C 95 -53.45 -3.95 -15.71
C PRO C 95 -53.20 -5.38 -15.28
N LYS C 96 -54.18 -6.02 -14.62
CA LYS C 96 -53.97 -7.37 -14.12
C LYS C 96 -53.52 -8.31 -15.24
N ALA C 97 -54.14 -8.19 -16.41
CA ALA C 97 -53.76 -9.05 -17.53
C ALA C 97 -52.30 -8.83 -17.92
N LEU C 98 -51.86 -7.57 -17.95
CA LEU C 98 -50.50 -7.30 -18.42
C LEU C 98 -49.46 -7.66 -17.36
N LEU C 99 -49.74 -7.43 -16.08
CA LEU C 99 -48.81 -7.83 -15.03
C LEU C 99 -48.57 -9.34 -15.04
N ASN C 100 -49.54 -10.13 -15.51
CA ASN C 100 -49.39 -11.57 -15.62
C ASN C 100 -48.81 -11.98 -16.96
N LEU C 101 -48.06 -11.10 -17.62
CA LEU C 101 -47.51 -11.40 -18.93
C LEU C 101 -46.72 -12.69 -18.90
N SER C 102 -47.13 -13.65 -19.75
CA SER C 102 -46.52 -14.98 -19.77
C SER C 102 -45.62 -15.09 -20.99
N ASN C 103 -44.37 -14.65 -20.81
CA ASN C 103 -43.35 -14.74 -21.87
C ASN C 103 -43.84 -14.06 -23.14
N GLY C 104 -44.53 -12.94 -22.99
CA GLY C 104 -45.06 -12.23 -24.13
C GLY C 104 -46.20 -12.93 -24.83
N ARG C 105 -46.89 -13.84 -24.14
CA ARG C 105 -47.97 -14.63 -24.73
C ARG C 105 -49.34 -14.06 -24.41
N ASN C 106 -49.45 -12.75 -24.22
CA ASN C 106 -50.73 -12.08 -24.01
C ASN C 106 -51.36 -11.61 -25.31
N ASP C 107 -51.07 -12.28 -26.43
CA ASP C 107 -51.62 -11.88 -27.71
C ASP C 107 -53.14 -11.97 -27.75
N THR C 108 -53.76 -12.66 -26.78
CA THR C 108 -55.20 -12.84 -26.75
C THR C 108 -55.92 -11.66 -26.07
N ILE C 109 -55.34 -11.11 -25.00
CA ILE C 109 -56.06 -10.12 -24.20
C ILE C 109 -56.38 -8.87 -25.00
N PRO C 110 -55.68 -8.55 -26.10
CA PRO C 110 -56.25 -7.52 -27.01
C PRO C 110 -57.61 -7.91 -27.55
N VAL C 111 -57.85 -9.20 -27.76
CA VAL C 111 -59.20 -9.64 -28.14
C VAL C 111 -60.17 -9.35 -27.01
N LEU C 112 -59.73 -9.49 -25.76
CA LEU C 112 -60.54 -9.05 -24.63
C LEU C 112 -60.82 -7.56 -24.71
N LEU C 113 -59.79 -6.76 -24.98
CA LEU C 113 -59.96 -5.32 -25.13
C LEU C 113 -60.96 -5.00 -26.24
N ASP C 114 -61.08 -5.89 -27.22
CA ASP C 114 -62.07 -5.71 -28.28
C ASP C 114 -63.48 -5.63 -27.70
N ILE C 115 -63.68 -6.15 -26.49
CA ILE C 115 -64.96 -6.07 -25.80
C ILE C 115 -65.36 -4.62 -25.62
N ALA C 116 -64.36 -3.73 -25.53
CA ALA C 116 -64.61 -2.36 -25.07
C ALA C 116 -65.62 -1.63 -25.94
N GLU C 117 -65.41 -1.61 -27.26
CA GLU C 117 -66.31 -0.86 -28.13
C GLU C 117 -67.72 -1.44 -28.10
N ARG C 118 -67.84 -2.74 -27.89
CA ARG C 118 -69.15 -3.33 -27.65
C ARG C 118 -69.77 -2.79 -26.37
N THR C 119 -68.97 -2.66 -25.32
CA THR C 119 -69.48 -2.09 -24.07
C THR C 119 -69.86 -0.61 -24.22
N GLY C 120 -69.38 0.06 -25.27
CA GLY C 120 -69.73 1.44 -25.52
C GLY C 120 -68.91 2.46 -24.79
N ASN C 121 -67.96 2.05 -23.96
CA ASN C 121 -67.08 2.96 -23.22
C ASN C 121 -65.64 2.61 -23.59
N MET C 122 -65.12 3.29 -24.61
CA MET C 122 -63.78 3.02 -25.12
C MET C 122 -62.74 4.03 -24.64
N ARG C 123 -63.08 5.32 -24.60
CA ARG C 123 -62.09 6.33 -24.24
C ARG C 123 -61.54 6.09 -22.85
N GLU C 124 -62.41 6.11 -21.83
CA GLU C 124 -61.95 5.94 -20.46
C GLU C 124 -61.40 4.54 -20.19
N PHE C 125 -61.73 3.57 -21.04
CA PHE C 125 -61.32 2.19 -20.78
C PHE C 125 -59.81 2.02 -20.95
N ILE C 126 -59.26 2.54 -22.04
CA ILE C 126 -57.83 2.35 -22.32
C ILE C 126 -57.00 2.91 -21.17
N ASN C 127 -57.11 4.21 -20.94
CA ASN C 127 -56.41 4.81 -19.81
C ASN C 127 -56.97 4.27 -18.50
N SER C 128 -56.08 4.09 -17.52
CA SER C 128 -56.42 3.50 -16.22
C SER C 128 -55.93 4.43 -15.13
N PRO C 129 -56.69 5.47 -14.79
CA PRO C 129 -56.25 6.41 -13.74
C PRO C 129 -56.34 5.81 -12.34
N PHE C 130 -55.31 5.08 -11.94
CA PHE C 130 -55.28 4.49 -10.61
C PHE C 130 -55.47 5.57 -9.54
N ARG C 131 -55.80 5.12 -8.33
CA ARG C 131 -56.08 6.01 -7.21
C ARG C 131 -55.20 5.76 -5.98
N ASP C 132 -54.44 4.68 -5.96
CA ASP C 132 -53.58 4.40 -4.81
C ASP C 132 -52.56 5.53 -4.63
N ILE C 133 -52.35 5.93 -3.37
CA ILE C 133 -51.24 6.81 -3.08
C ILE C 133 -49.93 6.13 -3.43
N TYR C 134 -49.89 4.80 -3.35
CA TYR C 134 -48.72 4.03 -3.76
C TYR C 134 -48.60 3.93 -5.28
N TYR C 135 -49.69 4.14 -6.00
CA TYR C 135 -49.67 4.16 -7.47
C TYR C 135 -50.75 5.14 -7.92
N ARG C 136 -50.35 6.35 -8.28
CA ARG C 136 -51.27 7.38 -8.77
C ARG C 136 -51.00 7.62 -10.26
N GLY C 137 -52.02 7.41 -11.09
CA GLY C 137 -51.96 7.74 -12.48
C GLY C 137 -51.36 6.67 -13.38
N GLN C 138 -50.83 5.59 -12.83
CA GLN C 138 -50.21 4.56 -13.65
C GLN C 138 -51.21 4.06 -14.69
N THR C 139 -50.75 3.95 -15.92
CA THR C 139 -51.59 3.61 -17.06
C THR C 139 -51.14 2.29 -17.67
N SER C 140 -52.07 1.62 -18.35
CA SER C 140 -51.78 0.34 -18.97
C SER C 140 -50.63 0.45 -19.98
N LEU C 141 -50.50 1.60 -20.64
CA LEU C 141 -49.42 1.77 -21.60
C LEU C 141 -48.07 1.75 -20.91
N HIS C 142 -47.95 2.42 -19.76
CA HIS C 142 -46.73 2.34 -18.97
C HIS C 142 -46.39 0.89 -18.66
N ILE C 143 -47.37 0.13 -18.22
CA ILE C 143 -47.13 -1.27 -17.83
C ILE C 143 -46.69 -2.08 -19.04
N ALA C 144 -47.36 -1.91 -20.17
CA ALA C 144 -47.02 -2.67 -21.36
C ALA C 144 -45.59 -2.36 -21.82
N ILE C 145 -45.24 -1.08 -21.84
CA ILE C 145 -43.88 -0.71 -22.24
C ILE C 145 -42.86 -1.25 -21.25
N GLU C 146 -43.22 -1.28 -19.97
CA GLU C 146 -42.29 -1.71 -18.94
C GLU C 146 -41.87 -3.17 -19.14
N ARG C 147 -42.83 -4.03 -19.50
CA ARG C 147 -42.56 -5.45 -19.61
C ARG C 147 -41.61 -5.78 -20.76
N ARG C 148 -41.12 -4.78 -21.49
CA ARG C 148 -40.09 -4.97 -22.50
C ARG C 148 -40.61 -5.75 -23.70
N CYS C 149 -41.81 -5.43 -24.16
CA CYS C 149 -42.39 -5.99 -25.37
C CYS C 149 -43.08 -4.88 -26.15
N LYS C 150 -42.80 -4.81 -27.45
CA LYS C 150 -43.30 -3.72 -28.28
C LYS C 150 -44.60 -4.04 -28.99
N HIS C 151 -44.94 -5.31 -29.14
CA HIS C 151 -46.15 -5.66 -29.90
C HIS C 151 -47.40 -5.13 -29.22
N TYR C 152 -47.51 -5.33 -27.90
CA TYR C 152 -48.68 -4.85 -27.18
C TYR C 152 -48.68 -3.34 -27.06
N VAL C 153 -47.49 -2.73 -26.97
CA VAL C 153 -47.41 -1.27 -27.01
C VAL C 153 -47.99 -0.76 -28.32
N GLU C 154 -47.61 -1.40 -29.43
CA GLU C 154 -48.15 -1.00 -30.73
C GLU C 154 -49.67 -1.16 -30.76
N LEU C 155 -50.16 -2.30 -30.29
CA LEU C 155 -51.61 -2.53 -30.30
C LEU C 155 -52.33 -1.44 -29.50
N LEU C 156 -51.87 -1.19 -28.28
CA LEU C 156 -52.53 -0.21 -27.42
C LEU C 156 -52.50 1.18 -28.04
N VAL C 157 -51.33 1.63 -28.49
CA VAL C 157 -51.23 2.99 -29.03
C VAL C 157 -52.04 3.13 -30.30
N ALA C 158 -51.97 2.13 -31.19
CA ALA C 158 -52.77 2.19 -32.41
C ALA C 158 -54.26 2.25 -32.07
N GLN C 159 -54.68 1.55 -31.01
CA GLN C 159 -56.07 1.65 -30.59
C GLN C 159 -56.40 3.03 -30.02
N GLY C 160 -55.40 3.83 -29.67
CA GLY C 160 -55.62 5.17 -29.21
C GLY C 160 -55.20 5.43 -27.77
N ALA C 161 -54.18 4.72 -27.31
CA ALA C 161 -53.70 4.93 -25.95
C ALA C 161 -53.19 6.35 -25.78
N ASP C 162 -53.55 6.97 -24.65
CA ASP C 162 -53.15 8.34 -24.37
C ASP C 162 -51.66 8.36 -24.03
N VAL C 163 -50.83 8.68 -25.01
CA VAL C 163 -49.39 8.71 -24.79
C VAL C 163 -48.99 9.83 -23.83
N HIS C 164 -49.85 10.83 -23.64
CA HIS C 164 -49.58 11.90 -22.67
C HIS C 164 -50.19 11.51 -21.34
N ALA C 165 -49.46 10.68 -20.60
CA ALA C 165 -49.88 10.19 -19.30
C ALA C 165 -48.91 10.68 -18.23
N GLN C 166 -49.44 11.34 -17.22
CA GLN C 166 -48.64 11.90 -16.12
C GLN C 166 -48.85 11.01 -14.90
N ALA C 167 -48.02 9.99 -14.77
CA ALA C 167 -48.13 9.04 -13.67
C ALA C 167 -47.43 9.63 -12.44
N ARG C 168 -48.17 10.44 -11.71
CA ARG C 168 -47.63 11.15 -10.54
C ARG C 168 -47.86 10.32 -9.28
N GLY C 169 -47.25 9.14 -9.26
CA GLY C 169 -47.36 8.23 -8.16
C GLY C 169 -46.18 8.33 -7.21
N ARG C 170 -46.45 8.13 -5.92
CA ARG C 170 -45.37 8.16 -4.94
C ARG C 170 -44.32 7.11 -5.26
N PHE C 171 -44.75 5.92 -5.67
CA PHE C 171 -43.81 4.88 -6.07
C PHE C 171 -43.01 5.31 -7.30
N PHE C 172 -43.47 6.31 -8.04
CA PHE C 172 -42.78 6.80 -9.23
C PHE C 172 -41.85 7.98 -8.93
N GLN C 173 -41.81 8.45 -7.69
CA GLN C 173 -40.96 9.59 -7.36
C GLN C 173 -39.52 9.13 -7.08
N PRO C 174 -38.56 10.04 -7.15
CA PRO C 174 -37.16 9.65 -6.97
C PRO C 174 -36.94 8.87 -5.67
N LYS C 175 -35.85 8.10 -5.66
CA LYS C 175 -35.57 7.23 -4.52
C LYS C 175 -35.39 8.00 -3.22
N ASP C 176 -35.07 9.30 -3.29
CA ASP C 176 -34.85 10.10 -2.10
C ASP C 176 -36.09 10.87 -1.67
N GLU C 177 -37.24 10.63 -2.28
CA GLU C 177 -38.50 11.26 -1.91
C GLU C 177 -39.55 10.24 -1.52
N GLY C 178 -39.11 9.09 -0.99
CA GLY C 178 -40.01 8.04 -0.57
C GLY C 178 -40.46 7.11 -1.68
N GLY C 179 -40.05 7.35 -2.92
CA GLY C 179 -40.41 6.50 -4.03
C GLY C 179 -39.42 5.37 -4.24
N TYR C 180 -39.53 4.74 -5.40
CA TYR C 180 -38.66 3.62 -5.76
C TYR C 180 -38.08 3.71 -7.16
N PHE C 181 -38.70 4.45 -8.09
CA PHE C 181 -38.20 4.54 -9.45
C PHE C 181 -38.83 5.75 -10.13
N TYR C 182 -38.00 6.72 -10.50
CA TYR C 182 -38.45 7.91 -11.22
C TYR C 182 -37.90 7.85 -12.64
N PHE C 183 -38.80 8.04 -13.62
CA PHE C 183 -38.43 7.92 -15.03
C PHE C 183 -38.94 9.10 -15.86
N GLY C 184 -39.47 10.14 -15.22
CA GLY C 184 -40.02 11.28 -15.92
C GLY C 184 -41.53 11.29 -16.05
N GLU C 185 -42.21 10.28 -15.54
CA GLU C 185 -43.67 10.25 -15.50
C GLU C 185 -44.28 10.49 -16.87
N LEU C 186 -43.74 9.80 -17.88
CA LEU C 186 -44.28 9.87 -19.24
C LEU C 186 -44.02 8.55 -19.94
N PRO C 187 -44.96 8.07 -20.76
CA PRO C 187 -44.72 6.80 -21.47
C PRO C 187 -43.45 6.80 -22.30
N LEU C 188 -43.15 7.91 -22.99
CA LEU C 188 -41.93 7.96 -23.78
C LEU C 188 -40.70 7.98 -22.89
N SER C 189 -40.73 8.81 -21.84
CA SER C 189 -39.63 8.80 -20.88
C SER C 189 -39.51 7.46 -20.18
N LEU C 190 -40.63 6.76 -20.01
CA LEU C 190 -40.57 5.43 -19.39
C LEU C 190 -39.92 4.43 -20.34
N ALA C 191 -40.25 4.50 -21.63
CA ALA C 191 -39.56 3.64 -22.59
C ALA C 191 -38.08 3.97 -22.65
N ALA C 192 -37.74 5.24 -22.51
CA ALA C 192 -36.34 5.65 -22.58
C ALA C 192 -35.55 5.17 -21.38
N CYS C 193 -35.94 5.62 -20.18
CA CYS C 193 -35.15 5.34 -18.99
C CYS C 193 -34.90 3.84 -18.82
N THR C 194 -35.81 2.99 -19.31
CA THR C 194 -35.76 1.57 -19.08
C THR C 194 -34.98 0.81 -20.17
N ASN C 195 -34.05 1.47 -20.86
CA ASN C 195 -33.17 0.81 -21.82
C ASN C 195 -33.99 0.09 -22.89
N GLN C 196 -34.82 0.85 -23.59
CA GLN C 196 -35.78 0.29 -24.55
C GLN C 196 -35.74 1.12 -25.83
N PRO C 197 -34.70 0.95 -26.65
CA PRO C 197 -34.56 1.82 -27.83
C PRO C 197 -35.68 1.67 -28.86
N HIS C 198 -36.07 0.44 -29.17
CA HIS C 198 -37.01 0.23 -30.27
C HIS C 198 -38.35 0.90 -30.00
N ILE C 199 -38.82 0.86 -28.76
CA ILE C 199 -40.14 1.43 -28.48
C ILE C 199 -40.08 2.94 -28.36
N VAL C 200 -38.95 3.51 -27.96
CA VAL C 200 -38.82 4.97 -28.01
C VAL C 200 -38.77 5.44 -29.46
N ASN C 201 -38.12 4.65 -30.34
CA ASN C 201 -38.19 4.95 -31.76
C ASN C 201 -39.63 4.88 -32.27
N TYR C 202 -40.32 3.78 -31.96
CA TYR C 202 -41.64 3.55 -32.53
C TYR C 202 -42.62 4.60 -32.03
N LEU C 203 -42.67 4.79 -30.70
CA LEU C 203 -43.62 5.73 -30.11
C LEU C 203 -43.43 7.13 -30.66
N THR C 204 -42.22 7.47 -31.07
CA THR C 204 -41.93 8.73 -31.73
C THR C 204 -42.17 8.67 -33.24
N GLU C 205 -42.43 7.47 -33.78
CA GLU C 205 -42.63 7.29 -35.21
C GLU C 205 -43.91 6.53 -35.52
N ASN C 206 -44.81 6.36 -34.54
CA ASN C 206 -46.03 5.62 -34.77
C ASN C 206 -46.93 6.36 -35.74
N PRO C 207 -47.75 5.64 -36.52
CA PRO C 207 -48.69 6.31 -37.44
C PRO C 207 -49.80 7.07 -36.74
N HIS C 208 -49.84 7.06 -35.41
CA HIS C 208 -50.91 7.69 -34.64
C HIS C 208 -50.27 8.79 -33.80
N LYS C 209 -51.02 9.39 -32.87
CA LYS C 209 -50.44 10.28 -31.87
C LYS C 209 -49.10 9.73 -31.37
N LYS C 210 -48.06 10.53 -31.49
CA LYS C 210 -46.70 10.16 -31.09
C LYS C 210 -46.22 11.20 -30.07
N ALA C 211 -46.09 10.78 -28.81
CA ALA C 211 -45.73 11.70 -27.74
C ALA C 211 -44.50 12.50 -28.11
N ASP C 212 -44.67 13.81 -28.24
CA ASP C 212 -43.55 14.69 -28.57
C ASP C 212 -42.52 14.65 -27.45
N MET C 213 -41.25 14.51 -27.82
CA MET C 213 -40.17 14.48 -26.85
C MET C 213 -40.15 15.74 -25.99
N ARG C 214 -40.60 16.87 -26.54
CA ARG C 214 -40.52 18.14 -25.83
C ARG C 214 -41.38 18.14 -24.57
N ARG C 215 -42.44 17.33 -24.55
CA ARG C 215 -43.43 17.43 -23.49
C ARG C 215 -42.75 17.27 -22.12
N GLN C 216 -43.11 18.15 -21.19
CA GLN C 216 -42.55 18.18 -19.86
C GLN C 216 -43.55 17.62 -18.86
N ASP C 217 -43.07 16.77 -17.96
CA ASP C 217 -43.92 16.25 -16.91
C ASP C 217 -44.19 17.32 -15.86
N SER C 218 -44.90 16.92 -14.79
CA SER C 218 -45.13 17.85 -13.69
C SER C 218 -43.82 18.34 -13.10
N ARG C 219 -42.86 17.43 -12.93
CA ARG C 219 -41.53 17.84 -12.48
C ARG C 219 -40.86 18.72 -13.54
N GLY C 220 -41.36 18.70 -14.77
CA GLY C 220 -40.78 19.48 -15.84
C GLY C 220 -39.59 18.85 -16.52
N ASN C 221 -39.25 17.61 -16.17
CA ASN C 221 -37.95 17.06 -16.53
C ASN C 221 -37.80 16.89 -18.04
N THR C 222 -38.71 16.16 -18.67
CA THR C 222 -38.56 15.71 -20.06
C THR C 222 -37.65 14.48 -20.13
N VAL C 223 -37.58 13.87 -21.32
CA VAL C 223 -36.85 12.62 -21.47
C VAL C 223 -35.39 12.79 -21.07
N LEU C 224 -34.77 13.92 -21.46
CA LEU C 224 -33.36 14.11 -21.15
C LEU C 224 -33.12 14.19 -19.64
N HIS C 225 -33.90 15.02 -18.96
CA HIS C 225 -33.73 15.17 -17.52
C HIS C 225 -34.00 13.85 -16.80
N ALA C 226 -35.04 13.13 -17.22
CA ALA C 226 -35.31 11.82 -16.62
C ALA C 226 -34.15 10.86 -16.88
N LEU C 227 -33.61 10.88 -18.10
CA LEU C 227 -32.53 9.98 -18.45
C LEU C 227 -31.27 10.25 -17.65
N VAL C 228 -31.03 11.51 -17.29
CA VAL C 228 -29.92 11.80 -16.39
C VAL C 228 -30.30 11.58 -14.93
N ALA C 229 -31.60 11.54 -14.61
CA ALA C 229 -32.02 11.31 -13.24
C ALA C 229 -31.67 9.89 -12.79
N ILE C 230 -32.05 8.88 -13.59
CA ILE C 230 -31.69 7.51 -13.26
C ILE C 230 -30.28 7.15 -13.70
N ALA C 231 -29.56 8.07 -14.31
CA ALA C 231 -28.20 7.79 -14.73
C ALA C 231 -27.36 7.44 -13.51
N ASP C 232 -26.60 6.36 -13.62
CA ASP C 232 -25.71 5.92 -12.57
C ASP C 232 -24.27 6.13 -13.02
N ASN C 233 -23.37 6.22 -12.05
CA ASN C 233 -21.95 6.39 -12.35
C ASN C 233 -21.28 5.08 -12.75
N THR C 234 -22.02 3.98 -12.78
CA THR C 234 -21.47 2.69 -13.16
C THR C 234 -21.37 2.58 -14.68
N ARG C 235 -20.60 1.57 -15.13
CA ARG C 235 -20.21 1.51 -16.53
C ARG C 235 -21.39 1.19 -17.44
N GLU C 236 -22.16 0.15 -17.10
CA GLU C 236 -23.23 -0.27 -18.01
C GLU C 236 -24.36 0.75 -18.08
N ASN C 237 -24.77 1.27 -16.92
CA ASN C 237 -25.80 2.31 -16.92
C ASN C 237 -25.31 3.54 -17.67
N THR C 238 -24.06 3.94 -17.43
CA THR C 238 -23.52 5.09 -18.12
C THR C 238 -23.54 4.89 -19.64
N LYS C 239 -23.08 3.73 -20.10
CA LYS C 239 -23.00 3.47 -21.53
C LYS C 239 -24.38 3.50 -22.18
N PHE C 240 -25.32 2.74 -21.61
CA PHE C 240 -26.64 2.70 -22.23
C PHE C 240 -27.32 4.06 -22.18
N VAL C 241 -27.20 4.76 -21.05
CA VAL C 241 -27.83 6.07 -20.90
C VAL C 241 -27.26 7.04 -21.92
N THR C 242 -25.94 7.08 -22.08
CA THR C 242 -25.35 8.03 -23.01
C THR C 242 -25.70 7.70 -24.45
N LYS C 243 -25.68 6.41 -24.82
CA LYS C 243 -26.07 6.04 -26.18
C LYS C 243 -27.50 6.49 -26.47
N MET C 244 -28.44 6.13 -25.58
CA MET C 244 -29.83 6.51 -25.81
C MET C 244 -30.00 8.02 -25.77
N TYR C 245 -29.21 8.71 -24.94
CA TYR C 245 -29.32 10.16 -24.86
C TYR C 245 -28.93 10.79 -26.18
N ASP C 246 -27.83 10.34 -26.77
CA ASP C 246 -27.44 10.81 -28.08
C ASP C 246 -28.60 10.58 -29.02
N LEU C 247 -28.97 9.31 -29.23
CA LEU C 247 -30.08 8.99 -30.13
C LEU C 247 -31.27 9.94 -29.94
N LEU C 248 -31.67 10.15 -28.70
CA LEU C 248 -32.86 10.95 -28.40
C LEU C 248 -32.67 12.39 -28.85
N LEU C 249 -31.55 13.01 -28.47
CA LEU C 249 -31.32 14.40 -28.83
C LEU C 249 -31.21 14.57 -30.34
N LEU C 250 -30.51 13.64 -31.00
CA LEU C 250 -30.40 13.72 -32.46
C LEU C 250 -31.78 13.64 -33.10
N LYS C 251 -32.63 12.73 -32.63
CA LYS C 251 -33.97 12.60 -33.19
C LYS C 251 -34.77 13.87 -32.99
N CYS C 252 -34.74 14.42 -31.77
CA CYS C 252 -35.51 15.64 -31.51
C CYS C 252 -35.00 16.79 -32.35
N SER C 253 -33.69 16.87 -32.55
CA SER C 253 -33.12 17.92 -33.40
C SER C 253 -33.62 17.77 -34.83
N ARG C 254 -33.59 16.55 -35.37
CA ARG C 254 -34.07 16.34 -36.73
C ARG C 254 -35.55 16.71 -36.83
N LEU C 255 -36.34 16.36 -35.82
CA LEU C 255 -37.76 16.73 -35.83
C LEU C 255 -37.94 18.22 -35.60
N PHE C 256 -37.13 18.81 -34.71
CA PHE C 256 -37.27 20.22 -34.32
C PHE C 256 -35.90 20.89 -34.44
N PRO C 257 -35.49 21.26 -35.65
CA PRO C 257 -34.24 22.02 -35.80
C PRO C 257 -34.28 23.39 -35.15
N ASP C 258 -35.47 23.94 -34.89
CA ASP C 258 -35.57 25.31 -34.39
C ASP C 258 -34.89 25.45 -33.03
N SER C 259 -35.11 24.49 -32.13
CA SER C 259 -34.57 24.56 -30.78
C SER C 259 -34.22 23.15 -30.31
N ASN C 260 -32.93 22.89 -30.13
CA ASN C 260 -32.50 21.60 -29.62
C ASN C 260 -33.02 21.40 -28.21
N LEU C 261 -33.31 20.13 -27.88
CA LEU C 261 -33.97 19.82 -26.62
C LEU C 261 -33.13 20.19 -25.41
N GLU C 262 -31.81 20.33 -25.58
CA GLU C 262 -30.96 20.75 -24.47
C GLU C 262 -31.44 22.05 -23.85
N THR C 263 -31.92 22.98 -24.69
CA THR C 263 -32.27 24.31 -24.19
C THR C 263 -33.41 24.26 -23.19
N VAL C 264 -34.43 23.43 -23.47
CA VAL C 264 -35.63 23.44 -22.64
C VAL C 264 -35.28 22.96 -21.23
N LEU C 265 -35.63 23.76 -20.23
CA LEU C 265 -35.30 23.50 -18.85
C LEU C 265 -36.46 22.77 -18.16
N ASN C 266 -36.36 22.66 -16.84
CA ASN C 266 -37.39 22.11 -15.97
C ASN C 266 -37.92 23.19 -15.05
N ASN C 267 -38.88 22.82 -14.20
CA ASN C 267 -39.37 23.75 -13.18
C ASN C 267 -38.21 24.27 -12.34
N ASP C 268 -37.28 23.40 -11.97
CA ASP C 268 -36.06 23.86 -11.31
C ASP C 268 -35.25 24.76 -12.23
N GLY C 269 -35.29 24.50 -13.54
CA GLY C 269 -34.61 25.33 -14.51
C GLY C 269 -33.17 24.94 -14.80
N LEU C 270 -32.69 23.82 -14.27
CA LEU C 270 -31.27 23.53 -14.33
C LEU C 270 -30.76 23.42 -15.75
N SER C 271 -31.44 22.63 -16.60
CA SER C 271 -30.99 22.17 -17.90
C SER C 271 -30.37 20.79 -17.75
N PRO C 272 -30.45 19.93 -18.77
CA PRO C 272 -29.97 18.54 -18.58
C PRO C 272 -28.55 18.46 -18.08
N LEU C 273 -27.64 19.24 -18.68
CA LEU C 273 -26.24 19.19 -18.26
C LEU C 273 -26.09 19.64 -16.82
N MET C 274 -26.74 20.75 -16.45
CA MET C 274 -26.64 21.24 -15.09
C MET C 274 -27.29 20.28 -14.10
N MET C 275 -28.31 19.54 -14.53
CA MET C 275 -28.90 18.55 -13.63
C MET C 275 -27.96 17.36 -13.44
N ALA C 276 -27.31 16.92 -14.51
CA ALA C 276 -26.29 15.88 -14.35
C ALA C 276 -25.14 16.39 -13.49
N ALA C 277 -24.94 17.70 -13.46
CA ALA C 277 -23.87 18.26 -12.64
C ALA C 277 -24.26 18.31 -11.17
N LYS C 278 -25.45 18.86 -10.87
CA LYS C 278 -25.87 19.06 -9.50
C LYS C 278 -26.07 17.76 -8.74
N THR C 279 -26.29 16.65 -9.44
CA THR C 279 -26.64 15.39 -8.81
C THR C 279 -25.54 14.34 -8.96
N GLY C 280 -24.29 14.80 -9.14
CA GLY C 280 -23.17 13.88 -9.25
C GLY C 280 -23.40 12.76 -10.23
N LYS C 281 -23.54 13.10 -11.51
CA LYS C 281 -23.86 12.12 -12.54
C LYS C 281 -22.73 12.01 -13.55
N ILE C 282 -21.49 11.92 -13.05
CA ILE C 282 -20.31 11.94 -13.91
C ILE C 282 -20.50 11.08 -15.16
N GLY C 283 -21.20 9.97 -15.04
CA GLY C 283 -21.34 9.07 -16.17
C GLY C 283 -21.91 9.76 -17.39
N VAL C 284 -22.95 10.56 -17.21
CA VAL C 284 -23.49 11.36 -18.30
C VAL C 284 -22.66 12.61 -18.52
N PHE C 285 -22.38 13.36 -17.45
CA PHE C 285 -21.66 14.62 -17.54
C PHE C 285 -20.45 14.53 -18.48
N GLN C 286 -19.57 13.57 -18.21
CA GLN C 286 -18.31 13.50 -18.94
C GLN C 286 -18.53 13.27 -20.44
N HIS C 287 -19.71 12.76 -20.82
CA HIS C 287 -20.05 12.63 -22.23
C HIS C 287 -20.76 13.87 -22.74
N ILE C 288 -21.56 14.51 -21.88
CA ILE C 288 -22.26 15.73 -22.27
C ILE C 288 -21.24 16.77 -22.71
N ILE C 289 -20.16 16.92 -21.96
CA ILE C 289 -19.17 17.94 -22.29
C ILE C 289 -18.58 17.71 -23.67
N ARG C 290 -18.28 16.45 -24.00
CA ARG C 290 -17.53 16.12 -25.22
C ARG C 290 -18.44 15.56 -26.32
N ARG C 291 -19.64 16.12 -26.49
CA ARG C 291 -20.57 15.63 -27.49
C ARG C 291 -20.26 16.28 -28.83
N GLU C 292 -19.79 15.48 -29.79
CA GLU C 292 -19.61 15.91 -31.17
C GLU C 292 -20.20 14.84 -32.08
N VAL C 293 -20.99 15.28 -33.07
CA VAL C 293 -21.70 14.35 -33.94
C VAL C 293 -21.30 14.56 -35.39
N THR C 294 -21.92 13.81 -36.30
CA THR C 294 -21.48 13.74 -37.69
C THR C 294 -22.39 14.50 -38.65
N ASP C 295 -23.70 14.24 -38.59
CA ASP C 295 -24.60 14.74 -39.61
C ASP C 295 -24.53 16.26 -39.71
N GLU C 296 -24.60 16.76 -40.95
CA GLU C 296 -24.48 18.20 -41.18
C GLU C 296 -25.61 18.97 -40.51
N ASP C 297 -26.83 18.43 -40.58
CA ASP C 297 -27.97 19.11 -39.97
C ASP C 297 -27.88 19.11 -38.45
N THR C 298 -26.96 18.34 -37.88
CA THR C 298 -26.81 18.20 -36.43
C THR C 298 -25.47 18.75 -35.94
N ARG C 299 -24.96 19.78 -36.61
CA ARG C 299 -23.69 20.36 -36.20
C ARG C 299 -23.82 21.21 -34.96
N HIS C 300 -24.86 22.06 -34.91
CA HIS C 300 -25.01 22.97 -33.78
C HIS C 300 -25.09 22.23 -32.45
N LEU C 301 -25.63 21.02 -32.45
CA LEU C 301 -25.82 20.26 -31.21
C LEU C 301 -24.57 19.46 -30.83
N SER C 302 -23.43 20.15 -30.79
CA SER C 302 -22.17 19.55 -30.40
C SER C 302 -21.50 20.45 -29.38
N ARG C 303 -20.61 19.87 -28.57
CA ARG C 303 -19.92 20.59 -27.51
C ARG C 303 -18.41 20.46 -27.58
N LYS C 304 -17.87 19.91 -28.67
CA LYS C 304 -16.42 19.83 -28.85
C LYS C 304 -16.14 19.84 -30.35
N PHE C 305 -15.85 21.02 -30.90
CA PHE C 305 -15.44 21.09 -32.29
C PHE C 305 -13.94 20.79 -32.39
N LYS C 306 -13.49 20.56 -33.62
CA LYS C 306 -12.06 20.43 -33.91
C LYS C 306 -11.74 21.47 -34.98
N ASP C 307 -11.01 22.52 -34.59
CA ASP C 307 -10.79 23.65 -35.48
C ASP C 307 -9.66 23.39 -36.46
N TRP C 308 -8.46 23.11 -35.95
CA TRP C 308 -7.33 22.82 -36.81
C TRP C 308 -6.43 21.80 -36.14
N ALA C 309 -5.75 21.00 -36.96
CA ALA C 309 -4.78 20.04 -36.50
C ALA C 309 -3.55 20.12 -37.39
N TYR C 310 -2.39 19.84 -36.81
CA TYR C 310 -1.12 19.88 -37.53
C TYR C 310 -0.35 18.59 -37.32
N GLY C 311 -1.04 17.46 -37.50
CA GLY C 311 -0.43 16.16 -37.38
C GLY C 311 -0.66 15.57 -36.01
N PRO C 312 0.35 15.61 -35.14
CA PRO C 312 0.18 15.08 -33.78
C PRO C 312 -0.35 16.08 -32.77
N VAL C 313 -0.71 17.29 -33.19
CA VAL C 313 -1.26 18.31 -32.31
C VAL C 313 -2.72 18.53 -32.70
N TYR C 314 -3.61 18.46 -31.72
CA TYR C 314 -5.03 18.70 -31.92
C TYR C 314 -5.43 19.87 -31.04
N SER C 315 -6.01 20.90 -31.66
CA SER C 315 -6.54 22.05 -30.93
C SER C 315 -8.05 21.85 -30.84
N SER C 316 -8.45 21.10 -29.83
CA SER C 316 -9.87 20.82 -29.63
C SER C 316 -10.54 22.05 -29.03
N LEU C 317 -11.64 22.47 -29.65
CA LEU C 317 -12.35 23.68 -29.25
C LEU C 317 -13.62 23.26 -28.52
N TYR C 318 -13.55 23.22 -27.20
CA TYR C 318 -14.73 22.92 -26.41
C TYR C 318 -15.68 24.10 -26.44
N ASP C 319 -16.97 23.80 -26.39
CA ASP C 319 -18.02 24.82 -26.43
C ASP C 319 -18.61 24.92 -25.04
N LEU C 320 -17.97 25.73 -24.19
CA LEU C 320 -18.49 26.00 -22.86
C LEU C 320 -19.49 27.16 -22.88
N SER C 321 -20.45 27.09 -23.81
CA SER C 321 -21.47 28.12 -23.93
C SER C 321 -22.37 28.20 -22.70
N SER C 322 -22.20 27.31 -21.73
CA SER C 322 -23.04 27.32 -20.54
C SER C 322 -22.27 27.07 -19.26
N LEU C 323 -20.94 26.98 -19.31
CA LEU C 323 -20.14 26.81 -18.11
C LEU C 323 -19.67 28.14 -17.52
N ASP C 324 -19.98 29.26 -18.16
CA ASP C 324 -19.67 30.58 -17.61
C ASP C 324 -20.65 31.58 -18.22
N THR C 325 -21.64 31.98 -17.44
CA THR C 325 -22.66 32.92 -17.87
C THR C 325 -22.31 34.37 -17.54
N CYS C 326 -21.13 34.62 -16.99
CA CYS C 326 -20.72 35.97 -16.62
C CYS C 326 -21.72 36.59 -15.65
N GLY C 327 -22.26 35.78 -14.76
CA GLY C 327 -23.24 36.24 -13.78
C GLY C 327 -24.65 36.38 -14.33
N GLU C 328 -24.89 36.00 -15.57
CA GLU C 328 -26.24 36.12 -16.14
C GLU C 328 -27.18 35.09 -15.54
N GLU C 329 -26.83 33.81 -15.68
CA GLU C 329 -27.63 32.73 -15.12
C GLU C 329 -26.73 31.77 -14.36
N VAL C 330 -27.27 30.63 -13.94
CA VAL C 330 -26.46 29.62 -13.27
C VAL C 330 -25.61 28.90 -14.31
N SER C 331 -24.44 28.43 -13.88
CA SER C 331 -23.50 27.75 -14.77
C SER C 331 -22.95 26.52 -14.07
N VAL C 332 -22.46 25.58 -14.87
CA VAL C 332 -21.98 24.31 -14.32
C VAL C 332 -20.85 24.54 -13.32
N LEU C 333 -20.05 25.60 -13.51
CA LEU C 333 -18.98 25.87 -12.56
C LEU C 333 -19.54 26.25 -11.19
N GLU C 334 -20.52 27.16 -11.16
CA GLU C 334 -21.11 27.57 -9.89
C GLU C 334 -21.73 26.37 -9.17
N ILE C 335 -22.52 25.58 -9.89
CA ILE C 335 -23.17 24.43 -9.28
C ILE C 335 -22.13 23.42 -8.81
N LEU C 336 -21.09 23.20 -9.61
CA LEU C 336 -20.13 22.14 -9.33
C LEU C 336 -19.24 22.50 -8.14
N VAL C 337 -18.88 23.77 -8.01
CA VAL C 337 -17.89 24.16 -6.99
C VAL C 337 -18.57 24.66 -5.73
N TYR C 338 -19.70 25.36 -5.85
CA TYR C 338 -20.40 25.93 -4.70
C TYR C 338 -21.49 25.01 -4.16
N ASN C 339 -21.33 23.70 -4.32
CA ASN C 339 -22.29 22.74 -3.82
C ASN C 339 -21.54 21.53 -3.29
N SER C 340 -22.01 21.00 -2.15
CA SER C 340 -21.37 19.87 -1.50
C SER C 340 -22.14 18.57 -1.64
N LYS C 341 -23.41 18.61 -2.04
CA LYS C 341 -24.17 17.38 -2.21
C LYS C 341 -23.58 16.51 -3.30
N ILE C 342 -22.74 17.08 -4.17
CA ILE C 342 -22.03 16.27 -5.15
C ILE C 342 -21.19 15.23 -4.43
N GLU C 343 -21.19 14.01 -4.96
CA GLU C 343 -20.36 12.94 -4.42
C GLU C 343 -19.05 12.76 -5.16
N ASN C 344 -18.93 13.31 -6.37
CA ASN C 344 -17.79 13.09 -7.24
C ASN C 344 -17.11 14.40 -7.63
N ARG C 345 -17.08 15.37 -6.72
CA ARG C 345 -16.52 16.68 -7.02
C ARG C 345 -15.16 16.59 -7.69
N HIS C 346 -14.23 15.86 -7.06
CA HIS C 346 -12.84 15.92 -7.49
C HIS C 346 -12.67 15.41 -8.92
N GLU C 347 -13.31 14.30 -9.25
CA GLU C 347 -13.22 13.80 -10.62
C GLU C 347 -14.07 14.62 -11.57
N MET C 348 -15.14 15.26 -11.07
CA MET C 348 -15.94 16.14 -11.91
C MET C 348 -15.25 17.47 -12.18
N LEU C 349 -14.23 17.81 -11.40
CA LEU C 349 -13.38 18.96 -11.69
C LEU C 349 -12.22 18.59 -12.59
N ALA C 350 -12.12 17.33 -13.01
CA ALA C 350 -11.04 16.87 -13.87
C ALA C 350 -11.43 16.80 -15.34
N VAL C 351 -12.72 16.95 -15.66
CA VAL C 351 -13.12 17.00 -17.06
C VAL C 351 -12.37 18.13 -17.76
N GLU C 352 -11.92 17.86 -18.98
CA GLU C 352 -10.95 18.71 -19.66
C GLU C 352 -11.30 20.19 -19.57
N PRO C 353 -12.41 20.62 -20.16
CA PRO C 353 -12.66 22.08 -20.23
C PRO C 353 -12.76 22.73 -18.87
N ILE C 354 -13.36 22.08 -17.88
CA ILE C 354 -13.52 22.71 -16.57
C ILE C 354 -12.16 22.94 -15.93
N ASN C 355 -11.30 21.91 -15.93
CA ASN C 355 -9.99 22.04 -15.30
C ASN C 355 -9.14 23.07 -16.04
N GLU C 356 -9.08 22.97 -17.37
CA GLU C 356 -8.27 23.93 -18.13
C GLU C 356 -8.83 25.34 -18.00
N LEU C 357 -10.15 25.48 -17.81
CA LEU C 357 -10.74 26.80 -17.66
C LEU C 357 -10.43 27.39 -16.30
N LEU C 358 -10.43 26.55 -15.26
CA LEU C 358 -9.98 27.02 -13.95
C LEU C 358 -8.53 27.47 -14.02
N ARG C 359 -7.67 26.68 -14.69
CA ARG C 359 -6.27 27.06 -14.79
C ARG C 359 -6.11 28.36 -15.58
N ASP C 360 -6.89 28.54 -16.65
CA ASP C 360 -6.80 29.76 -17.43
C ASP C 360 -7.28 30.97 -16.64
N LYS C 361 -8.39 30.82 -15.91
CA LYS C 361 -8.87 31.92 -15.07
C LYS C 361 -7.87 32.23 -13.96
N TRP C 362 -7.10 31.23 -13.53
CA TRP C 362 -6.06 31.48 -12.54
C TRP C 362 -4.92 32.28 -13.15
N ARG C 363 -4.29 31.73 -14.19
CA ARG C 363 -3.12 32.38 -14.78
C ARG C 363 -3.46 33.79 -15.28
N LYS C 364 -4.57 33.91 -15.99
CA LYS C 364 -4.93 35.21 -16.57
C LYS C 364 -5.21 36.24 -15.50
N PHE C 365 -6.07 35.92 -14.54
CA PHE C 365 -6.52 36.89 -13.54
C PHE C 365 -6.53 36.38 -12.11
N GLY C 366 -6.54 35.06 -11.87
CA GLY C 366 -6.67 34.59 -10.50
C GLY C 366 -5.47 34.93 -9.64
N ALA C 367 -4.26 34.72 -10.18
CA ALA C 367 -3.06 34.93 -9.39
C ALA C 367 -2.92 36.38 -8.96
N VAL C 368 -3.08 37.31 -9.90
CA VAL C 368 -2.89 38.72 -9.59
C VAL C 368 -3.88 39.16 -8.51
N SER C 369 -5.15 38.86 -8.72
CA SER C 369 -6.17 39.31 -7.76
C SER C 369 -5.99 38.65 -6.41
N PHE C 370 -5.67 37.35 -6.39
CA PHE C 370 -5.48 36.66 -5.12
C PHE C 370 -4.30 37.24 -4.35
N TYR C 371 -3.18 37.47 -5.02
CA TYR C 371 -2.03 38.04 -4.33
C TYR C 371 -2.32 39.45 -3.83
N ILE C 372 -2.99 40.26 -4.65
CA ILE C 372 -3.35 41.62 -4.20
C ILE C 372 -4.24 41.53 -2.97
N ASN C 373 -5.24 40.64 -3.00
CA ASN C 373 -6.17 40.53 -1.88
C ASN C 373 -5.45 40.10 -0.60
N VAL C 374 -4.63 39.05 -0.69
CA VAL C 374 -3.99 38.54 0.52
C VAL C 374 -2.99 39.56 1.05
N VAL C 375 -2.21 40.19 0.17
CA VAL C 375 -1.23 41.17 0.62
C VAL C 375 -1.93 42.37 1.24
N SER C 376 -3.01 42.84 0.63
CA SER C 376 -3.75 43.97 1.19
C SER C 376 -4.32 43.61 2.56
N TYR C 377 -4.89 42.42 2.69
CA TYR C 377 -5.39 41.99 3.99
C TYR C 377 -4.29 41.98 5.04
N LEU C 378 -3.15 41.37 4.70
CA LEU C 378 -2.05 41.28 5.66
C LEU C 378 -1.55 42.66 6.06
N CYS C 379 -1.36 43.55 5.09
CA CYS C 379 -0.84 44.87 5.40
C CYS C 379 -1.84 45.68 6.22
N ALA C 380 -3.12 45.66 5.85
CA ALA C 380 -4.12 46.41 6.59
C ALA C 380 -4.23 45.89 8.02
N MET C 381 -4.18 44.58 8.20
CA MET C 381 -4.30 44.05 9.56
C MET C 381 -3.01 44.24 10.35
N VAL C 382 -1.85 44.30 9.69
CA VAL C 382 -0.64 44.68 10.40
C VAL C 382 -0.74 46.13 10.85
N ILE C 383 -1.35 46.99 10.03
CA ILE C 383 -1.59 48.37 10.44
C ILE C 383 -2.52 48.40 11.64
N PHE C 384 -3.57 47.58 11.63
CA PHE C 384 -4.45 47.45 12.79
C PHE C 384 -3.67 47.02 14.03
N THR C 385 -2.80 46.02 13.87
CA THR C 385 -2.05 45.50 14.99
C THR C 385 -1.11 46.56 15.56
N LEU C 386 -0.42 47.30 14.69
CA LEU C 386 0.46 48.37 15.16
C LEU C 386 -0.32 49.50 15.81
N THR C 387 -1.51 49.81 15.29
CA THR C 387 -2.34 50.81 15.94
C THR C 387 -2.71 50.35 17.35
N ALA C 388 -3.01 49.07 17.51
CA ALA C 388 -3.24 48.53 18.85
C ALA C 388 -1.99 48.64 19.71
N TYR C 389 -0.82 48.32 19.14
CA TYR C 389 0.42 48.42 19.88
C TYR C 389 0.72 49.86 20.27
N TYR C 390 0.52 50.79 19.34
CA TYR C 390 0.69 52.21 19.60
C TYR C 390 -0.59 52.87 20.10
N GLN C 391 -1.63 52.08 20.43
CA GLN C 391 -2.88 52.58 20.97
C GLN C 391 -2.58 53.68 21.99
N PRO C 392 -3.28 54.83 21.93
CA PRO C 392 -2.94 55.93 22.84
C PRO C 392 -2.83 55.50 24.29
N LEU C 393 -1.72 55.86 24.93
CA LEU C 393 -1.48 55.46 26.32
C LEU C 393 -2.33 56.31 27.27
N GLU C 394 -2.35 55.88 28.53
CA GLU C 394 -3.11 56.53 29.60
C GLU C 394 -4.62 56.46 29.37
N GLY C 395 -5.09 55.61 28.46
CA GLY C 395 -6.50 55.51 28.17
C GLY C 395 -7.13 56.84 27.82
N THR C 396 -8.45 56.92 27.90
CA THR C 396 -9.18 58.14 27.59
C THR C 396 -8.77 58.70 26.24
N PRO C 397 -9.04 58.00 25.14
CA PRO C 397 -8.80 58.56 23.80
C PRO C 397 -10.05 59.22 23.23
N PRO C 398 -10.40 60.43 23.66
CA PRO C 398 -11.49 61.13 22.98
C PRO C 398 -11.12 61.46 21.54
N TYR C 399 -10.00 62.18 21.38
CA TYR C 399 -9.41 62.45 20.07
C TYR C 399 -7.94 62.82 20.25
N PRO C 400 -7.14 61.96 20.87
CA PRO C 400 -5.75 62.33 21.26
C PRO C 400 -4.77 62.21 20.11
N TYR C 401 -4.82 63.17 19.18
CA TYR C 401 -3.89 63.17 18.03
C TYR C 401 -3.49 64.61 17.72
N ARG C 402 -2.39 65.04 18.33
CA ARG C 402 -1.82 66.37 18.10
C ARG C 402 -0.35 66.27 17.69
N THR C 403 0.06 65.12 17.18
CA THR C 403 1.46 64.85 16.87
C THR C 403 1.55 64.12 15.53
N THR C 404 2.72 64.22 14.89
CA THR C 404 2.92 63.59 13.60
C THR C 404 2.75 62.07 13.69
N VAL C 405 3.38 61.45 14.68
CA VAL C 405 3.16 60.02 14.90
C VAL C 405 1.71 59.77 15.28
N ASP C 406 1.09 60.71 16.01
CA ASP C 406 -0.33 60.61 16.28
C ASP C 406 -1.14 60.67 15.00
N TYR C 407 -0.74 61.52 14.05
CA TYR C 407 -1.43 61.55 12.77
C TYR C 407 -1.28 60.24 12.02
N LEU C 408 -0.09 59.63 12.07
CA LEU C 408 0.10 58.32 11.45
C LEU C 408 -0.79 57.28 12.11
N ARG C 409 -0.89 57.32 13.45
CA ARG C 409 -1.77 56.40 14.15
C ARG C 409 -3.23 56.60 13.75
N LEU C 410 -3.64 57.86 13.61
CA LEU C 410 -5.01 58.15 13.19
C LEU C 410 -5.26 57.63 11.77
N ALA C 411 -4.26 57.76 10.89
CA ALA C 411 -4.39 57.21 9.54
C ALA C 411 -4.53 55.70 9.58
N GLY C 412 -3.74 55.04 10.42
CA GLY C 412 -3.87 53.59 10.55
C GLY C 412 -5.24 53.17 11.08
N GLU C 413 -5.73 53.90 12.08
CA GLU C 413 -7.06 53.60 12.62
C GLU C 413 -8.15 53.84 11.58
N VAL C 414 -7.99 54.88 10.76
CA VAL C 414 -8.94 55.15 9.69
C VAL C 414 -8.92 54.01 8.67
N ILE C 415 -7.73 53.53 8.33
CA ILE C 415 -7.63 52.39 7.41
C ILE C 415 -8.30 51.18 8.02
N THR C 416 -8.10 50.94 9.32
CA THR C 416 -8.75 49.82 9.98
C THR C 416 -10.26 49.93 9.87
N LEU C 417 -10.81 51.11 10.18
CA LEU C 417 -12.26 51.27 10.11
C LEU C 417 -12.76 51.13 8.68
N PHE C 418 -12.02 51.66 7.71
CA PHE C 418 -12.43 51.54 6.32
C PHE C 418 -12.48 50.08 5.88
N THR C 419 -11.45 49.31 6.21
CA THR C 419 -11.46 47.90 5.82
C THR C 419 -12.55 47.14 6.57
N GLY C 420 -12.80 47.48 7.83
CA GLY C 420 -13.86 46.81 8.56
C GLY C 420 -15.23 47.07 7.97
N VAL C 421 -15.51 48.33 7.63
CA VAL C 421 -16.81 48.67 7.07
C VAL C 421 -16.97 48.08 5.67
N LEU C 422 -15.88 48.07 4.89
CA LEU C 422 -15.93 47.45 3.57
C LEU C 422 -16.19 45.95 3.70
N PHE C 423 -15.57 45.31 4.68
CA PHE C 423 -15.81 43.89 4.91
C PHE C 423 -17.25 43.65 5.32
N PHE C 424 -17.82 44.55 6.14
CA PHE C 424 -19.23 44.43 6.49
C PHE C 424 -20.11 44.55 5.25
N PHE C 425 -19.79 45.50 4.38
CA PHE C 425 -20.55 45.66 3.14
C PHE C 425 -20.47 44.39 2.29
N THR C 426 -19.27 43.82 2.16
CA THR C 426 -19.13 42.60 1.37
C THR C 426 -19.92 41.46 2.00
N SER C 427 -19.87 41.34 3.33
CA SER C 427 -20.58 40.25 4.00
C SER C 427 -22.09 40.37 3.80
N ILE C 428 -22.63 41.57 3.98
CA ILE C 428 -24.07 41.75 3.79
C ILE C 428 -24.44 41.52 2.33
N LYS C 429 -23.59 41.96 1.40
CA LYS C 429 -23.83 41.65 -0.01
C LYS C 429 -23.68 40.16 -0.28
N ASP C 430 -22.71 39.52 0.38
CA ASP C 430 -22.48 38.09 0.18
C ASP C 430 -23.66 37.28 0.70
N PHE C 448 -17.70 29.94 6.62
CA PHE C 448 -16.63 30.82 6.13
C PHE C 448 -17.01 32.29 6.34
N GLN C 449 -18.12 32.69 5.74
CA GLN C 449 -18.61 34.05 5.93
C GLN C 449 -18.93 34.34 7.39
N LEU C 450 -19.15 33.32 8.20
CA LEU C 450 -19.46 33.51 9.61
C LEU C 450 -18.38 34.33 10.30
N LEU C 451 -17.14 33.83 10.29
CA LEU C 451 -16.05 34.51 10.99
C LEU C 451 -15.80 35.89 10.40
N TYR C 452 -15.92 36.02 9.08
CA TYR C 452 -15.70 37.31 8.45
C TYR C 452 -16.72 38.33 8.95
N PHE C 453 -17.99 37.92 9.05
CA PHE C 453 -19.02 38.82 9.58
C PHE C 453 -18.77 39.14 11.05
N ILE C 454 -18.32 38.15 11.83
CA ILE C 454 -17.99 38.41 13.23
C ILE C 454 -16.90 39.48 13.32
N TYR C 455 -15.86 39.34 12.50
CA TYR C 455 -14.81 40.35 12.47
C TYR C 455 -15.36 41.72 12.09
N SER C 456 -16.22 41.79 11.07
CA SER C 456 -16.75 43.07 10.64
C SER C 456 -17.56 43.73 11.76
N VAL C 457 -18.44 42.96 12.40
CA VAL C 457 -19.28 43.53 13.45
C VAL C 457 -18.43 43.95 14.64
N LEU C 458 -17.41 43.16 14.97
CA LEU C 458 -16.54 43.52 16.08
C LEU C 458 -15.78 44.81 15.80
N VAL C 459 -15.27 44.97 14.57
CA VAL C 459 -14.60 46.22 14.21
C VAL C 459 -15.57 47.39 14.30
N VAL C 460 -16.80 47.20 13.82
CA VAL C 460 -17.77 48.29 13.87
C VAL C 460 -18.07 48.68 15.31
N VAL C 461 -18.27 47.69 16.18
CA VAL C 461 -18.57 47.97 17.58
C VAL C 461 -17.40 48.65 18.26
N SER C 462 -16.18 48.20 17.97
CA SER C 462 -15.00 48.82 18.56
C SER C 462 -14.88 50.27 18.12
N ALA C 463 -15.13 50.54 16.84
CA ALA C 463 -15.09 51.92 16.36
C ALA C 463 -16.15 52.76 17.05
N ALA C 464 -17.36 52.22 17.20
CA ALA C 464 -18.43 52.97 17.86
C ALA C 464 -18.05 53.30 19.30
N LEU C 465 -17.50 52.33 20.03
CA LEU C 465 -17.11 52.58 21.41
C LEU C 465 -15.96 53.58 21.49
N TYR C 466 -14.97 53.47 20.59
CA TYR C 466 -13.87 54.41 20.59
C TYR C 466 -14.35 55.83 20.34
N LEU C 467 -15.25 56.01 19.37
CA LEU C 467 -15.79 57.33 19.09
C LEU C 467 -16.60 57.87 20.26
N ALA C 468 -17.07 57.00 21.15
CA ALA C 468 -17.72 57.46 22.37
C ALA C 468 -16.72 58.03 23.38
N GLY C 469 -15.42 57.85 23.15
CA GLY C 469 -14.42 58.38 24.06
C GLY C 469 -14.46 57.77 25.44
N ILE C 470 -14.95 56.55 25.56
CA ILE C 470 -15.04 55.86 26.84
C ILE C 470 -13.87 54.89 26.95
N GLU C 471 -13.57 54.49 28.18
CA GLU C 471 -12.42 53.66 28.50
C GLU C 471 -12.85 52.24 28.81
N ALA C 472 -11.86 51.36 28.92
CA ALA C 472 -12.05 49.97 29.32
C ALA C 472 -12.86 49.17 28.30
N TYR C 473 -13.00 49.69 27.08
CA TYR C 473 -13.71 48.98 26.01
C TYR C 473 -12.83 48.76 24.79
N LEU C 474 -11.51 48.80 24.95
CA LEU C 474 -10.61 48.34 23.90
C LEU C 474 -10.63 46.82 23.74
N ALA C 475 -11.27 46.10 24.67
CA ALA C 475 -11.29 44.64 24.59
C ALA C 475 -11.91 44.16 23.29
N VAL C 476 -13.00 44.80 22.85
CA VAL C 476 -13.61 44.42 21.59
C VAL C 476 -12.64 44.62 20.43
N MET C 477 -11.81 45.67 20.50
CA MET C 477 -10.80 45.88 19.47
C MET C 477 -9.83 44.70 19.42
N VAL C 478 -9.40 44.22 20.58
CA VAL C 478 -8.45 43.11 20.64
C VAL C 478 -9.12 41.83 20.13
N PHE C 479 -10.39 41.62 20.50
CA PHE C 479 -11.14 40.50 19.94
C PHE C 479 -11.18 40.57 18.42
N ALA C 480 -11.47 41.75 17.88
CA ALA C 480 -11.48 41.91 16.43
C ALA C 480 -10.13 41.54 15.83
N LEU C 481 -9.06 42.02 16.46
CA LEU C 481 -7.71 41.70 15.98
C LEU C 481 -7.49 40.19 15.94
N VAL C 482 -7.79 39.50 17.03
CA VAL C 482 -7.47 38.07 17.09
C VAL C 482 -8.34 37.29 16.11
N LEU C 483 -9.64 37.60 16.03
CA LEU C 483 -10.49 36.93 15.04
C LEU C 483 -9.99 37.17 13.62
N GLY C 484 -9.58 38.40 13.31
CA GLY C 484 -9.10 38.67 11.97
C GLY C 484 -7.83 37.91 11.65
N TRP C 485 -6.89 37.83 12.60
CA TRP C 485 -5.69 37.07 12.31
C TRP C 485 -5.97 35.57 12.27
N MET C 486 -7.02 35.11 12.95
CA MET C 486 -7.44 33.73 12.75
C MET C 486 -7.99 33.52 11.35
N ASN C 487 -8.72 34.50 10.81
CA ASN C 487 -9.08 34.48 9.40
C ASN C 487 -7.88 34.57 8.48
N ALA C 488 -6.76 35.07 9.00
CA ALA C 488 -5.55 35.19 8.19
C ALA C 488 -5.10 33.83 7.65
N LEU C 489 -5.19 32.78 8.47
CA LEU C 489 -4.81 31.46 7.97
C LEU C 489 -5.79 30.97 6.92
N TYR C 490 -7.07 31.28 7.09
CA TYR C 490 -8.06 30.94 6.08
C TYR C 490 -7.70 31.56 4.74
N PHE C 491 -7.28 32.83 4.75
CA PHE C 491 -6.90 33.48 3.49
C PHE C 491 -5.57 32.95 2.98
N THR C 492 -4.61 32.68 3.87
CA THR C 492 -3.30 32.18 3.46
C THR C 492 -3.37 30.76 2.93
N ARG C 493 -4.45 30.04 3.20
CA ARG C 493 -4.65 28.71 2.63
C ARG C 493 -4.27 28.66 1.16
N GLY C 494 -4.59 29.70 0.40
CA GLY C 494 -4.34 29.67 -1.04
C GLY C 494 -2.92 30.05 -1.43
N LEU C 495 -2.13 30.54 -0.47
CA LEU C 495 -0.79 31.03 -0.77
C LEU C 495 0.26 29.97 -0.45
N LYS C 496 1.33 29.95 -1.24
CA LYS C 496 2.44 29.01 -1.07
C LYS C 496 1.97 27.57 -1.14
N LEU C 497 0.92 27.30 -1.91
CA LEU C 497 0.36 25.96 -2.08
C LEU C 497 0.15 25.29 -0.72
N THR C 498 -0.51 26.03 0.17
CA THR C 498 -0.81 25.56 1.52
C THR C 498 -2.28 25.16 1.58
N GLY C 499 -2.72 24.78 2.79
CA GLY C 499 -4.11 24.42 3.00
C GLY C 499 -4.30 23.20 3.86
N THR C 500 -3.20 22.50 4.16
CA THR C 500 -3.28 21.43 5.14
C THR C 500 -3.75 21.97 6.49
N TYR C 501 -3.47 23.24 6.77
CA TYR C 501 -3.80 23.81 8.07
C TYR C 501 -5.31 23.91 8.27
N SER C 502 -6.04 24.30 7.23
CA SER C 502 -7.50 24.32 7.32
C SER C 502 -8.06 22.93 7.58
N ILE C 503 -7.51 21.92 6.90
CA ILE C 503 -7.94 20.55 7.13
C ILE C 503 -7.66 20.15 8.57
N MET C 504 -6.49 20.56 9.08
CA MET C 504 -6.11 20.28 10.46
C MET C 504 -7.08 20.92 11.45
N ILE C 505 -7.46 22.17 11.21
CA ILE C 505 -8.35 22.86 12.13
C ILE C 505 -9.72 22.21 12.17
N GLN C 506 -10.19 21.69 11.04
CA GLN C 506 -11.50 21.06 10.94
C GLN C 506 -11.44 19.55 11.18
N LYS C 507 -10.33 19.05 11.73
CA LYS C 507 -10.13 17.63 11.96
C LYS C 507 -10.11 17.26 13.43
N ILE C 508 -9.28 17.94 14.22
CA ILE C 508 -9.01 17.52 15.60
C ILE C 508 -9.71 18.44 16.59
N LEU C 509 -9.99 19.68 16.17
CA LEU C 509 -10.44 20.71 17.09
C LEU C 509 -11.52 20.23 18.05
N PHE C 510 -12.65 19.75 17.53
CA PHE C 510 -13.77 19.43 18.39
C PHE C 510 -13.53 18.16 19.21
N LYS C 511 -12.93 17.14 18.61
CA LYS C 511 -12.72 15.88 19.32
C LYS C 511 -11.84 16.07 20.55
N ASP C 512 -10.72 16.78 20.38
CA ASP C 512 -9.77 16.94 21.47
C ASP C 512 -10.42 17.67 22.64
N LEU C 513 -11.08 18.80 22.37
CA LEU C 513 -11.70 19.55 23.45
C LEU C 513 -12.80 18.73 24.11
N PHE C 514 -13.64 18.07 23.31
CA PHE C 514 -14.68 17.22 23.88
C PHE C 514 -14.09 16.24 24.90
N ARG C 515 -13.22 15.36 24.42
CA ARG C 515 -12.71 14.30 25.28
C ARG C 515 -11.95 14.86 26.47
N PHE C 516 -11.08 15.84 26.22
CA PHE C 516 -10.28 16.41 27.30
C PHE C 516 -11.24 16.98 28.33
N LEU C 517 -11.95 18.05 28.01
CA LEU C 517 -12.86 18.67 28.96
C LEU C 517 -13.60 17.61 29.79
N LEU C 518 -14.25 16.66 29.10
CA LEU C 518 -15.03 15.66 29.82
C LEU C 518 -14.18 14.93 30.85
N VAL C 519 -13.20 14.16 30.39
CA VAL C 519 -12.47 13.28 31.29
C VAL C 519 -11.70 14.08 32.33
N TYR C 520 -11.13 15.21 31.92
CA TYR C 520 -10.36 16.05 32.82
C TYR C 520 -11.22 16.52 33.99
N LEU C 521 -12.27 17.31 33.71
CA LEU C 521 -13.11 17.80 34.79
C LEU C 521 -13.72 16.64 35.57
N LEU C 522 -13.93 15.50 34.91
CA LEU C 522 -14.63 14.40 35.55
C LEU C 522 -13.75 13.74 36.61
N PHE C 523 -12.58 13.24 36.21
CA PHE C 523 -11.64 12.74 37.19
C PHE C 523 -11.28 13.81 38.21
N MET C 524 -11.34 15.09 37.82
CA MET C 524 -11.10 16.16 38.79
C MET C 524 -12.11 16.12 39.92
N ILE C 525 -13.40 16.04 39.58
CA ILE C 525 -14.42 16.01 40.62
C ILE C 525 -14.32 14.72 41.44
N GLY C 526 -14.01 13.61 40.77
CA GLY C 526 -13.83 12.37 41.50
C GLY C 526 -12.71 12.47 42.52
N TYR C 527 -11.57 13.01 42.10
CA TYR C 527 -10.48 13.35 43.00
C TYR C 527 -10.97 14.23 44.15
N ALA C 528 -11.74 15.27 43.81
CA ALA C 528 -12.13 16.27 44.80
C ALA C 528 -12.96 15.65 45.91
N SER C 529 -13.86 14.73 45.56
CA SER C 529 -14.70 14.13 46.58
C SER C 529 -13.85 13.51 47.70
N ALA C 530 -12.92 12.64 47.33
CA ALA C 530 -12.06 12.01 48.32
C ALA C 530 -11.13 13.02 48.99
N LEU C 531 -10.62 13.99 48.23
CA LEU C 531 -9.71 14.96 48.83
C LEU C 531 -10.39 15.73 49.96
N VAL C 532 -11.59 16.27 49.69
CA VAL C 532 -12.31 16.99 50.73
C VAL C 532 -12.83 16.02 51.78
N THR C 533 -12.94 14.73 51.46
CA THR C 533 -13.20 13.74 52.49
C THR C 533 -12.07 13.70 53.50
N LEU C 534 -10.82 13.70 53.00
CA LEU C 534 -9.67 13.66 53.90
C LEU C 534 -9.58 14.93 54.75
N LEU C 535 -9.79 16.10 54.13
CA LEU C 535 -9.61 17.38 54.80
C LEU C 535 -10.96 18.09 54.91
N ASN C 536 -11.26 18.60 56.11
CA ASN C 536 -12.54 19.26 56.32
C ASN C 536 -12.82 20.46 55.42
N PRO C 557 -5.61 22.93 54.07
CA PRO C 557 -4.27 22.60 54.57
C PRO C 557 -3.21 22.64 53.48
N ALA C 558 -3.09 21.57 52.70
CA ALA C 558 -2.09 21.54 51.63
C ALA C 558 -2.64 22.14 50.34
N CYS C 559 -3.75 21.59 49.83
CA CYS C 559 -4.34 22.11 48.61
C CYS C 559 -4.98 23.47 48.84
N ARG C 560 -5.17 23.86 50.10
CA ARG C 560 -5.92 25.06 50.43
C ARG C 560 -5.57 25.52 51.84
N ASP C 561 -6.25 26.59 52.27
CA ASP C 561 -6.21 26.98 53.68
C ASP C 561 -7.58 26.84 54.32
N SER C 562 -8.64 27.16 53.58
CA SER C 562 -10.00 27.06 54.09
C SER C 562 -10.98 27.12 52.93
N GLU C 563 -12.22 26.72 53.21
CA GLU C 563 -13.35 26.90 52.30
C GLU C 563 -13.25 25.88 51.16
N THR C 564 -14.32 25.75 50.36
CA THR C 564 -14.40 24.75 49.31
C THR C 564 -14.31 25.42 47.95
N PHE C 565 -13.29 25.06 47.17
CA PHE C 565 -13.01 25.59 45.84
C PHE C 565 -12.38 24.45 45.04
N SER C 566 -13.06 24.05 43.97
CA SER C 566 -12.47 23.07 43.06
C SER C 566 -11.35 23.70 42.24
N ALA C 567 -11.19 25.02 42.33
CA ALA C 567 -10.19 25.71 41.50
C ALA C 567 -8.77 25.26 41.83
N PHE C 568 -8.44 25.14 43.12
CA PHE C 568 -7.10 24.66 43.47
C PHE C 568 -6.88 23.25 42.98
N LEU C 569 -7.93 22.42 43.00
CA LEU C 569 -7.79 21.06 42.49
C LEU C 569 -7.57 21.06 40.98
N LEU C 570 -8.26 21.95 40.27
CA LEU C 570 -8.00 22.11 38.85
C LEU C 570 -6.56 22.52 38.59
N ASP C 571 -6.06 23.46 39.40
CA ASP C 571 -4.66 23.87 39.26
C ASP C 571 -3.72 22.72 39.54
N LEU C 572 -4.04 21.90 40.56
CA LEU C 572 -3.22 20.74 40.87
C LEU C 572 -3.22 19.75 39.71
N PHE C 573 -4.37 19.55 39.07
CA PHE C 573 -4.41 18.62 37.94
C PHE C 573 -3.65 19.17 36.74
N LYS C 574 -3.71 20.48 36.53
CA LYS C 574 -2.88 21.09 35.49
C LYS C 574 -1.41 20.86 35.79
N LEU C 575 -1.03 21.04 37.06
CA LEU C 575 0.35 20.76 37.47
C LEU C 575 0.71 19.31 37.16
N THR C 576 -0.20 18.38 37.45
CA THR C 576 0.06 16.97 37.19
C THR C 576 0.28 16.71 35.71
N ILE C 577 -0.67 17.16 34.88
CA ILE C 577 -0.65 16.79 33.46
C ILE C 577 0.52 17.47 32.76
N GLY C 578 0.71 18.76 33.00
CA GLY C 578 1.74 19.50 32.28
C GLY C 578 3.04 19.59 33.06
N MET C 579 2.94 19.60 34.39
CA MET C 579 4.10 19.93 35.21
C MET C 579 4.61 18.74 36.00
N GLY C 580 3.70 17.94 36.57
CA GLY C 580 4.11 16.94 37.53
C GLY C 580 4.52 17.61 38.83
N ASP C 581 5.33 16.90 39.59
CA ASP C 581 5.74 17.38 40.90
C ASP C 581 4.51 17.75 41.72
N LEU C 582 3.47 16.93 41.58
CA LEU C 582 2.20 17.16 42.24
C LEU C 582 2.32 16.96 43.74
N GLU C 583 1.64 17.82 44.50
CA GLU C 583 1.63 17.77 45.96
C GLU C 583 0.21 17.54 46.44
N MET C 584 0.07 16.83 47.56
CA MET C 584 -1.23 16.58 48.16
C MET C 584 -1.13 16.80 49.66
N LEU C 585 -2.28 16.87 50.31
CA LEU C 585 -2.30 16.72 51.76
C LEU C 585 -1.80 15.33 52.15
N SER C 586 -2.23 14.31 51.41
CA SER C 586 -1.77 12.95 51.65
C SER C 586 -0.28 12.84 51.39
N SER C 587 0.41 12.09 52.24
CA SER C 587 1.85 11.88 52.09
C SER C 587 2.24 10.50 52.60
N ILE C 595 -6.58 7.08 48.81
CA ILE C 595 -5.44 7.95 48.55
C ILE C 595 -4.67 7.45 47.32
N LEU C 596 -4.66 6.13 47.13
CA LEU C 596 -4.01 5.55 45.96
C LEU C 596 -4.87 5.71 44.71
N LEU C 597 -6.19 5.66 44.89
CA LEU C 597 -7.09 5.86 43.76
C LEU C 597 -6.85 7.23 43.12
N LEU C 598 -6.29 8.17 43.88
CA LEU C 598 -5.88 9.44 43.30
C LEU C 598 -4.81 9.22 42.23
N VAL C 599 -3.79 8.42 42.57
CA VAL C 599 -2.75 8.09 41.60
C VAL C 599 -3.34 7.33 40.43
N THR C 600 -4.34 6.49 40.70
CA THR C 600 -5.02 5.80 39.60
C THR C 600 -5.69 6.79 38.67
N TYR C 601 -6.38 7.79 39.25
CA TYR C 601 -7.00 8.83 38.44
C TYR C 601 -5.96 9.47 37.53
N ILE C 602 -4.82 9.84 38.12
CA ILE C 602 -3.78 10.54 37.38
C ILE C 602 -3.26 9.67 36.25
N ILE C 603 -2.97 8.40 36.53
CA ILE C 603 -2.46 7.51 35.51
C ILE C 603 -3.46 7.37 34.37
N LEU C 604 -4.73 7.15 34.71
CA LEU C 604 -5.72 6.93 33.67
C LEU C 604 -5.89 8.17 32.80
N THR C 605 -5.98 9.35 33.41
CA THR C 605 -6.17 10.55 32.59
C THR C 605 -4.94 10.79 31.70
N PHE C 606 -3.74 10.62 32.25
CA PHE C 606 -2.53 10.84 31.45
C PHE C 606 -2.48 9.88 30.27
N VAL C 607 -2.67 8.59 30.52
CA VAL C 607 -2.59 7.61 29.44
C VAL C 607 -3.68 7.88 28.42
N LEU C 608 -4.89 8.22 28.89
CA LEU C 608 -5.99 8.47 27.97
C LEU C 608 -5.66 9.64 27.04
N LEU C 609 -5.12 10.73 27.60
CA LEU C 609 -4.80 11.87 26.76
C LEU C 609 -3.69 11.54 25.77
N LEU C 610 -2.65 10.83 26.22
CA LEU C 610 -1.57 10.48 25.31
C LEU C 610 -2.08 9.61 24.15
N ASN C 611 -2.80 8.53 24.48
CA ASN C 611 -3.28 7.67 23.40
C ASN C 611 -4.35 8.36 22.56
N MET C 612 -5.05 9.35 23.13
CA MET C 612 -5.95 10.17 22.33
C MET C 612 -5.17 10.95 21.28
N LEU C 613 -4.05 11.54 21.68
CA LEU C 613 -3.21 12.23 20.71
C LEU C 613 -2.71 11.26 19.64
N ILE C 614 -2.33 10.05 20.05
CA ILE C 614 -1.88 9.04 19.10
C ILE C 614 -2.98 8.72 18.09
N ALA C 615 -4.20 8.50 18.59
CA ALA C 615 -5.31 8.16 17.71
C ALA C 615 -5.64 9.32 16.78
N LEU C 616 -5.57 10.55 17.28
CA LEU C 616 -5.80 11.72 16.43
C LEU C 616 -4.76 11.78 15.33
N MET C 617 -3.50 11.54 15.66
CA MET C 617 -2.46 11.50 14.63
C MET C 617 -2.76 10.45 13.58
N GLY C 618 -3.12 9.24 14.02
CA GLY C 618 -3.39 8.17 13.07
C GLY C 618 -4.57 8.49 12.17
N GLU C 619 -5.67 8.97 12.75
CA GLU C 619 -6.83 9.33 11.95
C GLU C 619 -6.52 10.46 10.99
N THR C 620 -5.76 11.46 11.42
CA THR C 620 -5.42 12.56 10.54
C THR C 620 -4.58 12.09 9.36
N VAL C 621 -3.57 11.26 9.62
CA VAL C 621 -2.73 10.79 8.53
C VAL C 621 -3.53 9.90 7.58
N GLY C 622 -4.44 9.09 8.12
CA GLY C 622 -5.30 8.29 7.27
C GLY C 622 -6.20 9.13 6.39
N GLN C 623 -6.84 10.14 7.00
CA GLN C 623 -7.77 10.99 6.27
C GLN C 623 -7.07 11.79 5.18
N VAL C 624 -5.99 12.48 5.53
CA VAL C 624 -5.34 13.36 4.56
C VAL C 624 -4.80 12.57 3.38
N SER C 625 -4.03 11.51 3.66
CA SER C 625 -3.34 10.77 2.61
C SER C 625 -2.69 11.75 1.62
N LYS C 626 -2.05 12.78 2.15
CA LYS C 626 -1.57 13.90 1.35
C LYS C 626 -2.74 14.52 0.57
N GLU C 627 -3.85 14.72 1.28
CA GLU C 627 -5.10 15.26 0.73
C GLU C 627 -5.44 14.61 -0.61
N SER C 628 -4.99 13.37 -0.82
CA SER C 628 -5.25 12.63 -2.06
C SER C 628 -4.88 13.45 -3.30
N LYS C 629 -4.08 14.51 -3.13
CA LYS C 629 -3.69 15.40 -4.23
C LYS C 629 -4.88 16.11 -4.86
N HIS C 630 -6.02 16.18 -4.18
CA HIS C 630 -7.22 16.78 -4.77
C HIS C 630 -7.84 17.88 -3.91
N ILE C 631 -7.83 17.74 -2.58
CA ILE C 631 -8.55 18.69 -1.74
C ILE C 631 -8.07 20.11 -2.01
N TRP C 632 -6.75 20.30 -2.03
CA TRP C 632 -6.21 21.63 -2.33
C TRP C 632 -6.72 22.16 -3.65
N LYS C 633 -6.91 21.27 -4.63
CA LYS C 633 -7.44 21.71 -5.92
C LYS C 633 -8.85 22.25 -5.77
N LEU C 634 -9.67 21.61 -4.94
CA LEU C 634 -11.01 22.12 -4.70
C LEU C 634 -10.97 23.47 -4.01
N GLN C 635 -10.10 23.63 -3.02
CA GLN C 635 -9.98 24.93 -2.36
C GLN C 635 -9.50 25.99 -3.36
N TRP C 636 -8.58 25.62 -4.24
CA TRP C 636 -8.09 26.52 -5.27
C TRP C 636 -9.21 26.98 -6.20
N ALA C 637 -10.04 26.03 -6.64
CA ALA C 637 -11.18 26.39 -7.47
C ALA C 637 -12.13 27.31 -6.72
N THR C 638 -12.37 27.02 -5.44
CA THR C 638 -13.21 27.89 -4.62
C THR C 638 -12.67 29.31 -4.62
N THR C 639 -11.36 29.45 -4.39
CA THR C 639 -10.75 30.76 -4.35
C THR C 639 -10.90 31.48 -5.69
N ILE C 640 -10.64 30.77 -6.79
CA ILE C 640 -10.70 31.40 -8.10
C ILE C 640 -12.10 31.91 -8.38
N LEU C 641 -13.11 31.06 -8.14
CA LEU C 641 -14.49 31.46 -8.43
C LEU C 641 -14.94 32.57 -7.49
N ASP C 642 -14.52 32.52 -6.22
CA ASP C 642 -14.87 33.59 -5.30
C ASP C 642 -14.30 34.92 -5.78
N ILE C 643 -13.04 34.92 -6.21
CA ILE C 643 -12.43 36.14 -6.72
C ILE C 643 -13.19 36.62 -7.95
N GLU C 644 -13.50 35.71 -8.88
CA GLU C 644 -14.17 36.12 -10.10
C GLU C 644 -15.53 36.74 -9.82
N ARG C 645 -16.29 36.12 -8.91
CA ARG C 645 -17.59 36.69 -8.56
C ARG C 645 -17.43 38.00 -7.78
N SER C 646 -16.31 38.17 -7.07
CA SER C 646 -16.15 39.34 -6.21
C SER C 646 -16.25 40.63 -7.01
N PHE C 647 -15.30 40.88 -7.90
CA PHE C 647 -15.31 42.09 -8.70
C PHE C 647 -16.37 41.98 -9.78
N PRO C 648 -16.99 43.09 -10.20
CA PRO C 648 -18.09 43.00 -11.16
C PRO C 648 -17.67 42.39 -12.47
N VAL C 649 -18.58 41.63 -13.09
CA VAL C 649 -18.26 40.94 -14.35
C VAL C 649 -18.59 41.76 -15.58
N PHE C 650 -19.37 42.84 -15.44
CA PHE C 650 -19.59 43.70 -16.59
C PHE C 650 -18.27 44.24 -17.13
N LEU C 651 -17.28 44.39 -16.24
CA LEU C 651 -15.92 44.59 -16.69
C LEU C 651 -15.46 43.38 -17.50
N ARG C 652 -14.86 43.64 -18.66
CA ARG C 652 -14.61 42.59 -19.64
C ARG C 652 -13.40 41.76 -19.24
N LYS C 653 -13.64 40.85 -18.29
CA LYS C 653 -12.68 39.83 -17.89
C LYS C 653 -13.37 38.49 -18.06
N ALA C 654 -13.27 37.91 -19.25
CA ALA C 654 -13.94 36.67 -19.58
C ALA C 654 -12.96 35.72 -20.24
N PHE C 655 -13.42 34.48 -20.42
CA PHE C 655 -12.65 33.44 -21.08
C PHE C 655 -12.54 33.71 -22.59
N ARG C 656 -11.93 32.77 -23.29
CA ARG C 656 -11.70 32.93 -24.73
C ARG C 656 -13.01 33.18 -25.46
N SER C 657 -12.90 33.70 -26.68
CA SER C 657 -14.03 33.91 -27.57
C SER C 657 -13.81 33.18 -28.88
N GLY C 658 -14.78 33.32 -29.79
CA GLY C 658 -14.75 32.54 -31.01
C GLY C 658 -15.55 33.11 -32.16
N GLU C 659 -16.25 32.22 -32.88
CA GLU C 659 -16.82 32.53 -34.19
C GLU C 659 -18.18 33.22 -34.03
N MET C 660 -18.89 33.38 -35.15
CA MET C 660 -20.14 34.12 -35.20
C MET C 660 -21.36 33.24 -35.44
N VAL C 661 -21.30 32.32 -36.40
CA VAL C 661 -22.46 31.49 -36.73
C VAL C 661 -21.98 30.23 -37.43
N THR C 662 -22.70 29.14 -37.21
CA THR C 662 -22.51 27.82 -37.81
C THR C 662 -21.32 27.08 -37.22
N VAL C 663 -20.50 27.72 -36.38
CA VAL C 663 -19.38 27.05 -35.72
C VAL C 663 -19.12 27.72 -34.38
N ARG C 673 -22.32 31.94 -33.02
CA ARG C 673 -21.96 32.81 -31.89
C ARG C 673 -21.91 32.01 -30.61
N ARG C 674 -21.02 31.02 -30.58
CA ARG C 674 -20.84 30.16 -29.42
C ARG C 674 -19.51 30.52 -28.77
N TRP C 675 -19.57 30.92 -27.49
CA TRP C 675 -18.41 31.46 -26.79
C TRP C 675 -17.44 30.32 -26.46
N CYS C 676 -16.73 29.88 -27.50
CA CYS C 676 -15.91 28.69 -27.43
C CYS C 676 -14.65 28.95 -26.59
N PHE C 677 -14.03 27.84 -26.19
CA PHE C 677 -12.76 27.84 -25.48
C PHE C 677 -11.87 26.78 -26.12
N ARG C 678 -10.56 27.00 -26.06
CA ARG C 678 -9.60 26.18 -26.79
C ARG C 678 -8.79 25.31 -25.83
N VAL C 679 -8.31 24.18 -26.34
CA VAL C 679 -7.42 23.31 -25.59
C VAL C 679 -6.51 22.61 -26.59
N ASP C 680 -5.25 22.41 -26.20
CA ASP C 680 -4.23 21.85 -27.08
C ASP C 680 -3.71 20.55 -26.49
N GLU C 681 -3.84 19.45 -27.23
CA GLU C 681 -3.35 18.16 -26.77
C GLU C 681 -2.70 17.43 -27.92
N VAL C 682 -1.61 16.72 -27.64
CA VAL C 682 -0.84 16.01 -28.65
C VAL C 682 -1.00 14.51 -28.42
N ASN C 683 -1.37 13.79 -29.48
CA ASN C 683 -1.50 12.34 -29.44
C ASN C 683 -0.87 11.75 -30.69
N TRP C 684 -0.15 10.65 -30.52
CA TRP C 684 0.56 9.99 -31.61
C TRP C 684 -0.11 8.70 -32.06
N SER C 685 -1.45 8.69 -32.10
CA SER C 685 -2.18 7.52 -32.57
C SER C 685 -2.81 7.79 -33.93
N VAL D 47 -10.70 35.40 -58.95
CA VAL D 47 -11.29 35.97 -60.16
C VAL D 47 -11.47 37.48 -59.92
N PHE D 48 -12.72 37.94 -59.94
CA PHE D 48 -12.99 39.31 -59.52
C PHE D 48 -12.66 39.51 -58.04
N ASN D 49 -12.78 38.43 -57.26
CA ASN D 49 -12.36 38.43 -55.87
C ASN D 49 -11.76 37.06 -55.56
N ARG D 50 -10.64 37.06 -54.83
CA ARG D 50 -9.94 35.82 -54.54
C ARG D 50 -10.81 34.78 -53.83
N PRO D 51 -11.69 35.14 -52.89
CA PRO D 51 -12.40 34.10 -52.13
C PRO D 51 -13.16 33.11 -53.00
N ILE D 52 -13.74 33.54 -54.12
CA ILE D 52 -14.46 32.58 -54.97
C ILE D 52 -13.48 31.61 -55.62
N LEU D 53 -12.30 32.10 -56.00
CA LEU D 53 -11.27 31.19 -56.51
C LEU D 53 -10.86 30.19 -55.45
N PHE D 54 -10.68 30.65 -54.21
CA PHE D 54 -10.32 29.75 -53.13
C PHE D 54 -11.40 28.69 -52.91
N ASP D 55 -12.67 29.12 -52.94
CA ASP D 55 -13.76 28.16 -52.78
C ASP D 55 -13.77 27.15 -53.92
N ILE D 56 -13.53 27.61 -55.14
CA ILE D 56 -13.55 26.71 -56.28
C ILE D 56 -12.45 25.67 -56.16
N VAL D 57 -11.23 26.10 -55.79
CA VAL D 57 -10.13 25.15 -55.66
C VAL D 57 -10.39 24.19 -54.49
N SER D 58 -11.00 24.69 -53.41
CA SER D 58 -11.33 23.81 -52.29
C SER D 58 -12.33 22.74 -52.71
N ARG D 59 -13.33 23.12 -53.51
CA ARG D 59 -14.37 22.19 -53.91
C ARG D 59 -13.94 21.25 -55.02
N GLY D 60 -12.81 21.53 -55.68
CA GLY D 60 -12.28 20.61 -56.67
C GLY D 60 -12.99 20.63 -58.01
N SER D 61 -13.74 21.67 -58.31
CA SER D 61 -14.38 21.79 -59.62
C SER D 61 -13.32 22.02 -60.70
N THR D 62 -13.60 21.54 -61.92
CA THR D 62 -12.64 21.59 -63.00
C THR D 62 -13.08 22.45 -64.18
N ALA D 63 -14.34 22.35 -64.62
CA ALA D 63 -14.79 23.13 -65.77
C ALA D 63 -14.71 24.63 -65.49
N ASP D 64 -15.39 25.09 -64.45
CA ASP D 64 -15.20 26.47 -64.03
C ASP D 64 -13.71 26.74 -63.80
N LEU D 65 -12.97 25.75 -63.30
CA LEU D 65 -11.56 25.95 -62.99
C LEU D 65 -10.71 26.15 -64.24
N ASP D 66 -10.92 25.37 -65.30
CA ASP D 66 -10.10 25.58 -66.48
C ASP D 66 -10.55 26.83 -67.22
N GLY D 67 -11.81 27.24 -67.05
CA GLY D 67 -12.20 28.57 -67.49
C GLY D 67 -11.46 29.65 -66.72
N LEU D 68 -11.26 29.43 -65.42
CA LEU D 68 -10.45 30.36 -64.63
C LEU D 68 -9.05 30.45 -65.20
N LEU D 69 -8.43 29.30 -65.42
CA LEU D 69 -7.13 29.25 -66.10
C LEU D 69 -7.18 30.04 -67.40
N SER D 70 -8.28 29.92 -68.14
CA SER D 70 -8.38 30.60 -69.42
C SER D 70 -8.27 32.11 -69.25
N PHE D 71 -9.08 32.70 -68.36
CA PHE D 71 -9.01 34.17 -68.33
C PHE D 71 -7.76 34.63 -67.61
N LEU D 72 -7.16 33.78 -66.76
CA LEU D 72 -5.84 34.10 -66.22
C LEU D 72 -4.81 34.21 -67.34
N LEU D 73 -4.89 33.29 -68.32
CA LEU D 73 -4.07 33.46 -69.52
C LEU D 73 -4.41 34.75 -70.23
N THR D 74 -5.71 35.10 -70.27
CA THR D 74 -6.13 36.29 -70.99
C THR D 74 -5.50 37.56 -70.40
N HIS D 75 -5.47 37.66 -69.08
CA HIS D 75 -5.07 38.89 -68.40
C HIS D 75 -3.57 38.94 -68.09
N LYS D 76 -2.79 37.97 -68.56
CA LYS D 76 -1.34 37.96 -68.37
C LYS D 76 -0.95 38.19 -66.91
N LYS D 77 -1.78 37.69 -65.99
CA LYS D 77 -1.53 37.87 -64.57
C LYS D 77 -0.80 36.65 -64.02
N ARG D 78 0.29 36.87 -63.29
CA ARG D 78 1.04 35.78 -62.70
C ARG D 78 0.22 35.11 -61.59
N LEU D 79 0.38 33.79 -61.49
CA LEU D 79 -0.36 33.02 -60.48
C LEU D 79 0.12 33.30 -59.07
N THR D 80 1.26 33.98 -58.89
CA THR D 80 1.76 34.37 -57.59
C THR D 80 1.50 35.84 -57.28
N ASP D 81 0.67 36.51 -58.07
CA ASP D 81 0.40 37.92 -57.85
C ASP D 81 -0.28 38.11 -56.49
N GLU D 82 -0.30 39.37 -56.04
CA GLU D 82 -0.95 39.69 -54.76
C GLU D 82 -2.42 39.28 -54.78
N GLU D 83 -3.04 39.22 -55.96
CA GLU D 83 -4.44 38.83 -56.06
C GLU D 83 -4.65 37.42 -55.50
N PHE D 84 -3.73 36.50 -55.77
CA PHE D 84 -3.85 35.12 -55.35
C PHE D 84 -3.26 34.86 -53.97
N ARG D 85 -2.74 35.88 -53.31
CA ARG D 85 -2.14 35.76 -51.99
C ARG D 85 -2.85 36.69 -51.02
N GLU D 86 -3.13 36.19 -49.81
CA GLU D 86 -3.85 36.98 -48.84
C GLU D 86 -3.01 38.20 -48.43
N PRO D 87 -3.65 39.32 -48.10
CA PRO D 87 -2.87 40.48 -47.65
C PRO D 87 -2.04 40.20 -46.42
N SER D 88 -2.52 39.35 -45.51
CA SER D 88 -1.83 39.06 -44.27
C SER D 88 -1.03 37.76 -44.34
N THR D 89 -1.69 36.66 -44.73
CA THR D 89 -1.02 35.36 -44.73
C THR D 89 -0.33 35.07 -46.05
N GLY D 90 -0.81 35.64 -47.15
CA GLY D 90 -0.22 35.39 -48.44
C GLY D 90 -0.39 33.98 -48.95
N LYS D 91 -1.42 33.27 -48.49
CA LYS D 91 -1.63 31.89 -48.91
C LYS D 91 -1.87 31.80 -50.41
N THR D 92 -1.23 30.85 -51.05
CA THR D 92 -1.37 30.61 -52.47
C THR D 92 -2.53 29.65 -52.70
N CYS D 93 -2.81 29.31 -53.97
CA CYS D 93 -3.81 28.30 -54.25
C CYS D 93 -3.41 26.93 -53.71
N LEU D 94 -2.13 26.56 -53.86
CA LEU D 94 -1.70 25.23 -53.44
C LEU D 94 -1.92 24.96 -51.96
N PRO D 95 -1.52 25.82 -51.03
CA PRO D 95 -1.84 25.57 -49.62
C PRO D 95 -3.31 25.30 -49.41
N LYS D 96 -4.19 26.25 -49.78
CA LYS D 96 -5.61 26.07 -49.54
C LYS D 96 -6.11 24.76 -50.14
N ALA D 97 -5.66 24.44 -51.35
CA ALA D 97 -6.09 23.20 -51.99
C ALA D 97 -5.68 21.99 -51.17
N LEU D 98 -4.45 21.99 -50.64
CA LEU D 98 -3.96 20.82 -49.93
C LEU D 98 -4.59 20.69 -48.54
N LEU D 99 -4.79 21.82 -47.84
CA LEU D 99 -5.45 21.76 -46.55
C LEU D 99 -6.86 21.18 -46.66
N ASN D 100 -7.51 21.33 -47.80
CA ASN D 100 -8.84 20.76 -48.04
C ASN D 100 -8.76 19.35 -48.60
N LEU D 101 -7.67 18.63 -48.34
CA LEU D 101 -7.49 17.29 -48.89
C LEU D 101 -8.69 16.41 -48.54
N SER D 102 -9.35 15.87 -49.56
CA SER D 102 -10.56 15.08 -49.40
C SER D 102 -10.22 13.61 -49.58
N ASN D 103 -9.79 12.97 -48.49
CA ASN D 103 -9.47 11.55 -48.49
C ASN D 103 -8.46 11.22 -49.58
N GLY D 104 -7.48 12.11 -49.76
CA GLY D 104 -6.47 11.90 -50.78
C GLY D 104 -6.99 12.03 -52.20
N ARG D 105 -8.11 12.74 -52.39
CA ARG D 105 -8.72 12.87 -53.70
C ARG D 105 -8.37 14.20 -54.38
N ASN D 106 -7.19 14.75 -54.07
CA ASN D 106 -6.71 15.95 -54.73
C ASN D 106 -5.88 15.65 -55.98
N ASP D 107 -6.15 14.52 -56.64
CA ASP D 107 -5.38 14.15 -57.83
C ASP D 107 -5.55 15.16 -58.95
N THR D 108 -6.55 16.04 -58.88
CA THR D 108 -6.80 17.03 -59.92
C THR D 108 -5.96 18.29 -59.76
N ILE D 109 -5.74 18.76 -58.54
CA ILE D 109 -5.11 20.07 -58.32
C ILE D 109 -3.68 20.09 -58.87
N PRO D 110 -2.99 18.95 -59.05
CA PRO D 110 -1.77 19.01 -59.87
C PRO D 110 -2.04 19.49 -61.28
N VAL D 111 -3.20 19.18 -61.84
CA VAL D 111 -3.58 19.74 -63.14
C VAL D 111 -3.72 21.25 -63.03
N LEU D 112 -4.22 21.74 -61.88
CA LEU D 112 -4.22 23.17 -61.63
C LEU D 112 -2.80 23.71 -61.62
N LEU D 113 -1.90 23.03 -60.91
CA LEU D 113 -0.49 23.43 -60.87
C LEU D 113 0.10 23.47 -62.27
N ASP D 114 -0.43 22.67 -63.18
CA ASP D 114 0.02 22.69 -64.57
C ASP D 114 -0.17 24.08 -65.17
N ILE D 115 -1.06 24.89 -64.59
CA ILE D 115 -1.29 26.26 -65.04
C ILE D 115 0.01 27.06 -64.94
N ALA D 116 0.88 26.66 -64.00
CA ALA D 116 2.01 27.50 -63.62
C ALA D 116 2.92 27.81 -64.80
N GLU D 117 3.37 26.80 -65.53
CA GLU D 117 4.31 27.05 -66.62
C GLU D 117 3.67 27.89 -67.71
N ARG D 118 2.35 27.75 -67.90
CA ARG D 118 1.65 28.67 -68.80
C ARG D 118 1.72 30.10 -68.28
N THR D 119 1.56 30.29 -66.96
CA THR D 119 1.66 31.63 -66.39
C THR D 119 3.08 32.18 -66.50
N GLY D 120 4.08 31.33 -66.73
CA GLY D 120 5.44 31.78 -66.91
C GLY D 120 6.23 31.98 -65.63
N ASN D 121 5.63 31.75 -64.46
CA ASN D 121 6.30 31.88 -63.18
C ASN D 121 6.18 30.54 -62.45
N MET D 122 7.17 29.68 -62.64
CA MET D 122 7.16 28.34 -62.07
C MET D 122 8.02 28.20 -60.82
N ARG D 123 9.20 28.81 -60.80
CA ARG D 123 10.11 28.66 -59.66
C ARG D 123 9.46 29.12 -58.36
N GLU D 124 9.11 30.41 -58.30
CA GLU D 124 8.53 30.97 -57.08
C GLU D 124 7.16 30.39 -56.78
N PHE D 125 6.49 29.79 -57.76
CA PHE D 125 5.13 29.30 -57.54
C PHE D 125 5.11 28.10 -56.61
N ILE D 126 5.99 27.12 -56.85
CA ILE D 126 5.98 25.90 -56.05
C ILE D 126 6.18 26.23 -54.58
N ASN D 127 7.34 26.82 -54.26
CA ASN D 127 7.59 27.25 -52.90
C ASN D 127 6.62 28.36 -52.50
N SER D 128 6.19 28.35 -51.25
CA SER D 128 5.20 29.29 -50.72
C SER D 128 5.76 29.94 -49.46
N PRO D 129 6.59 30.97 -49.59
CA PRO D 129 7.16 31.61 -48.39
C PRO D 129 6.15 32.45 -47.64
N PHE D 130 5.39 31.81 -46.75
CA PHE D 130 4.40 32.52 -45.95
C PHE D 130 5.07 33.65 -45.17
N ARG D 131 4.24 34.57 -44.67
CA ARG D 131 4.71 35.75 -43.95
C ARG D 131 4.13 35.89 -42.56
N ASP D 132 3.14 35.08 -42.18
CA ASP D 132 2.57 35.19 -40.85
C ASP D 132 3.62 34.91 -39.80
N ILE D 133 3.61 35.71 -38.73
CA ILE D 133 4.43 35.36 -37.57
C ILE D 133 3.97 34.03 -36.99
N TYR D 134 2.69 33.71 -37.14
CA TYR D 134 2.16 32.42 -36.72
C TYR D 134 2.56 31.28 -37.67
N TYR D 135 2.93 31.62 -38.91
CA TYR D 135 3.42 30.63 -39.88
C TYR D 135 4.43 31.34 -40.78
N ARG D 136 5.71 31.15 -40.50
CA ARG D 136 6.78 31.73 -41.31
C ARG D 136 7.50 30.62 -42.06
N GLY D 137 7.50 30.72 -43.39
CA GLY D 137 8.27 29.84 -44.23
C GLY D 137 7.59 28.54 -44.60
N GLN D 138 6.42 28.24 -44.04
CA GLN D 138 5.74 26.99 -44.34
C GLN D 138 5.54 26.85 -45.85
N THR D 139 5.86 25.67 -46.37
CA THR D 139 5.85 25.41 -47.80
C THR D 139 4.83 24.33 -48.14
N SER D 140 4.36 24.35 -49.39
CA SER D 140 3.36 23.38 -49.82
C SER D 140 3.86 21.96 -49.65
N LEU D 141 5.16 21.73 -49.81
CA LEU D 141 5.70 20.38 -49.64
C LEU D 141 5.53 19.90 -48.20
N HIS D 142 5.81 20.76 -47.23
CA HIS D 142 5.54 20.42 -45.84
C HIS D 142 4.10 20.00 -45.65
N ILE D 143 3.17 20.77 -46.20
CA ILE D 143 1.75 20.49 -46.02
C ILE D 143 1.39 19.16 -46.65
N ALA D 144 1.87 18.91 -47.87
CA ALA D 144 1.55 17.67 -48.56
C ALA D 144 2.08 16.46 -47.80
N ILE D 145 3.32 16.54 -47.31
CA ILE D 145 3.87 15.43 -46.55
C ILE D 145 3.11 15.25 -45.25
N GLU D 146 2.66 16.35 -44.65
CA GLU D 146 1.96 16.27 -43.37
C GLU D 146 0.68 15.45 -43.48
N ARG D 147 -0.07 15.65 -44.55
CA ARG D 147 -1.37 15.00 -44.69
C ARG D 147 -1.26 13.48 -44.84
N ARG D 148 -0.05 12.93 -44.81
CA ARG D 148 0.16 11.48 -44.79
C ARG D 148 -0.23 10.83 -46.11
N CYS D 149 0.16 11.46 -47.22
CA CYS D 149 -0.02 10.90 -48.55
C CYS D 149 1.23 11.15 -49.36
N LYS D 150 1.73 10.11 -50.03
CA LYS D 150 3.01 10.19 -50.74
C LYS D 150 2.86 10.54 -52.21
N HIS D 151 1.68 10.33 -52.80
CA HIS D 151 1.51 10.57 -54.23
C HIS D 151 1.74 12.04 -54.57
N TYR D 152 1.11 12.94 -53.81
CA TYR D 152 1.26 14.35 -54.08
C TYR D 152 2.66 14.85 -53.71
N VAL D 153 3.27 14.25 -52.69
CA VAL D 153 4.67 14.56 -52.39
C VAL D 153 5.54 14.23 -53.59
N GLU D 154 5.32 13.05 -54.18
CA GLU D 154 6.07 12.65 -55.37
C GLU D 154 5.84 13.65 -56.50
N LEU D 155 4.58 14.00 -56.76
CA LEU D 155 4.29 14.94 -57.84
C LEU D 155 5.02 16.26 -57.62
N LEU D 156 4.89 16.83 -56.42
CA LEU D 156 5.50 18.13 -56.14
C LEU D 156 7.02 18.07 -56.28
N VAL D 157 7.65 17.06 -55.66
CA VAL D 157 9.11 17.01 -55.69
C VAL D 157 9.61 16.76 -57.12
N ALA D 158 8.96 15.85 -57.85
CA ALA D 158 9.35 15.61 -59.23
C ALA D 158 9.22 16.89 -60.05
N GLN D 159 8.20 17.70 -59.77
CA GLN D 159 8.07 18.97 -60.47
C GLN D 159 9.17 19.95 -60.07
N GLY D 160 9.87 19.69 -58.97
CA GLY D 160 10.99 20.53 -58.58
C GLY D 160 10.79 21.26 -57.26
N ALA D 161 10.03 20.67 -56.34
CA ALA D 161 9.82 21.29 -55.04
C ALA D 161 11.15 21.45 -54.31
N ASP D 162 11.34 22.61 -53.70
CA ASP D 162 12.58 22.89 -52.97
C ASP D 162 12.57 22.10 -51.67
N VAL D 163 13.24 20.95 -51.68
CA VAL D 163 13.28 20.10 -50.49
C VAL D 163 14.05 20.76 -49.36
N HIS D 164 14.89 21.76 -49.65
CA HIS D 164 15.61 22.50 -48.63
C HIS D 164 14.77 23.72 -48.23
N ALA D 165 13.80 23.47 -47.36
CA ALA D 165 12.89 24.51 -46.88
C ALA D 165 13.07 24.67 -45.38
N GLN D 166 13.34 25.90 -44.95
CA GLN D 166 13.56 26.21 -43.54
C GLN D 166 12.32 26.95 -43.03
N ALA D 167 11.36 26.18 -42.54
CA ALA D 167 10.10 26.73 -42.04
C ALA D 167 10.30 27.21 -40.61
N ARG D 168 10.80 28.45 -40.50
CA ARG D 168 11.13 29.04 -39.21
C ARG D 168 9.93 29.82 -38.67
N GLY D 169 8.84 29.09 -38.44
CA GLY D 169 7.61 29.65 -37.93
C GLY D 169 7.49 29.50 -36.43
N ARG D 170 6.86 30.49 -35.79
CA ARG D 170 6.64 30.41 -34.36
C ARG D 170 5.81 29.19 -34.01
N PHE D 171 4.79 28.88 -34.81
CA PHE D 171 3.99 27.68 -34.60
C PHE D 171 4.83 26.42 -34.77
N PHE D 172 6.00 26.53 -35.42
CA PHE D 172 6.88 25.39 -35.63
C PHE D 172 7.95 25.25 -34.55
N GLN D 173 8.00 26.17 -33.59
CA GLN D 173 9.02 26.11 -32.55
C GLN D 173 8.58 25.17 -31.43
N PRO D 174 9.52 24.70 -30.61
CA PRO D 174 9.18 23.75 -29.56
C PRO D 174 8.04 24.26 -28.68
N LYS D 175 7.38 23.31 -28.02
CA LYS D 175 6.20 23.62 -27.21
C LYS D 175 6.53 24.58 -26.08
N ASP D 176 7.79 24.66 -25.66
CA ASP D 176 8.19 25.52 -24.55
C ASP D 176 8.70 26.88 -25.00
N GLU D 177 8.60 27.20 -26.29
CA GLU D 177 9.01 28.50 -26.82
C GLU D 177 7.84 29.20 -27.51
N GLY D 178 6.62 28.96 -27.04
CA GLY D 178 5.44 29.57 -27.60
C GLY D 178 4.89 28.89 -28.83
N GLY D 179 5.54 27.84 -29.34
CA GLY D 179 5.07 27.13 -30.50
C GLY D 179 4.13 25.99 -30.13
N TYR D 180 3.90 25.13 -31.11
CA TYR D 180 3.01 23.98 -30.93
C TYR D 180 3.58 22.67 -31.44
N PHE D 181 4.53 22.68 -32.37
CA PHE D 181 5.08 21.44 -32.92
C PHE D 181 6.40 21.75 -33.59
N TYR D 182 7.49 21.18 -33.08
CA TYR D 182 8.81 21.34 -33.66
C TYR D 182 9.25 20.00 -34.24
N PHE D 183 9.68 20.01 -35.50
CA PHE D 183 10.06 18.79 -36.21
C PHE D 183 11.40 18.91 -36.91
N GLY D 184 12.15 19.98 -36.68
CA GLY D 184 13.42 20.19 -37.33
C GLY D 184 13.38 21.17 -38.50
N GLU D 185 12.21 21.70 -38.84
CA GLU D 185 12.10 22.75 -39.85
C GLU D 185 12.73 22.31 -41.18
N LEU D 186 12.43 21.08 -41.59
CA LEU D 186 12.90 20.57 -42.87
C LEU D 186 11.89 19.56 -43.40
N PRO D 187 11.65 19.54 -44.72
CA PRO D 187 10.69 18.56 -45.25
C PRO D 187 11.03 17.13 -44.90
N LEU D 188 12.31 16.74 -44.95
CA LEU D 188 12.68 15.38 -44.60
C LEU D 188 12.49 15.14 -43.11
N SER D 189 12.94 16.08 -42.28
CA SER D 189 12.69 15.96 -40.84
C SER D 189 11.20 15.97 -40.54
N LEU D 190 10.42 16.68 -41.35
CA LEU D 190 8.98 16.69 -41.14
C LEU D 190 8.36 15.34 -41.48
N ALA D 191 8.82 14.73 -42.58
CA ALA D 191 8.36 13.38 -42.90
C ALA D 191 8.77 12.39 -41.81
N ALA D 192 9.96 12.60 -41.23
CA ALA D 192 10.45 11.68 -40.21
C ALA D 192 9.66 11.82 -38.92
N CYS D 193 9.67 13.00 -38.31
CA CYS D 193 9.07 13.17 -37.00
C CYS D 193 7.61 12.71 -36.97
N THR D 194 6.92 12.79 -38.11
CA THR D 194 5.49 12.51 -38.18
C THR D 194 5.18 11.05 -38.49
N ASN D 195 6.07 10.12 -38.16
CA ASN D 195 5.82 8.70 -38.31
C ASN D 195 5.42 8.34 -39.75
N GLN D 196 6.32 8.67 -40.68
CA GLN D 196 6.04 8.54 -42.10
C GLN D 196 7.23 7.88 -42.80
N PRO D 197 7.39 6.56 -42.63
CA PRO D 197 8.61 5.91 -43.16
C PRO D 197 8.73 5.97 -44.68
N HIS D 198 7.64 5.70 -45.40
CA HIS D 198 7.74 5.56 -46.84
C HIS D 198 8.21 6.85 -47.51
N ILE D 199 7.75 8.00 -47.02
CA ILE D 199 8.11 9.24 -47.67
C ILE D 199 9.52 9.70 -47.27
N VAL D 200 9.99 9.33 -46.09
CA VAL D 200 11.39 9.60 -45.77
C VAL D 200 12.30 8.72 -46.61
N ASN D 201 11.89 7.49 -46.88
CA ASN D 201 12.61 6.65 -47.84
C ASN D 201 12.62 7.30 -49.21
N TYR D 202 11.44 7.69 -49.71
CA TYR D 202 11.34 8.17 -51.08
C TYR D 202 12.11 9.47 -51.25
N LEU D 203 11.86 10.44 -50.36
CA LEU D 203 12.50 11.74 -50.47
C LEU D 203 14.02 11.62 -50.45
N THR D 204 14.54 10.59 -49.79
CA THR D 204 15.96 10.29 -49.80
C THR D 204 16.37 9.43 -50.99
N GLU D 205 15.40 8.93 -51.76
CA GLU D 205 15.67 8.07 -52.90
C GLU D 205 14.98 8.55 -54.18
N ASN D 206 14.45 9.77 -54.18
CA ASN D 206 13.75 10.27 -55.36
C ASN D 206 14.71 10.45 -56.53
N PRO D 207 14.23 10.30 -57.77
CA PRO D 207 15.11 10.53 -58.93
C PRO D 207 15.53 11.97 -59.12
N HIS D 208 15.10 12.88 -58.25
CA HIS D 208 15.38 14.31 -58.38
C HIS D 208 16.19 14.72 -57.17
N LYS D 209 16.41 16.02 -56.97
CA LYS D 209 16.97 16.52 -55.72
C LYS D 209 16.37 15.79 -54.52
N LYS D 210 17.23 15.19 -53.70
CA LYS D 210 16.83 14.42 -52.52
C LYS D 210 17.51 15.05 -51.31
N ALA D 211 16.72 15.68 -50.45
CA ALA D 211 17.27 16.40 -49.30
C ALA D 211 18.21 15.51 -48.52
N ASP D 212 19.49 15.89 -48.49
CA ASP D 212 20.48 15.13 -47.74
C ASP D 212 20.15 15.16 -46.26
N MET D 213 20.21 13.98 -45.63
CA MET D 213 19.94 13.87 -44.20
C MET D 213 20.85 14.77 -43.38
N ARG D 214 22.07 15.02 -43.86
CA ARG D 214 23.05 15.78 -43.09
C ARG D 214 22.60 17.22 -42.87
N ARG D 215 21.77 17.76 -43.76
CA ARG D 215 21.46 19.18 -43.74
C ARG D 215 20.90 19.57 -42.37
N GLN D 216 21.42 20.68 -41.85
CA GLN D 216 21.06 21.19 -40.53
C GLN D 216 20.15 22.40 -40.68
N ASP D 217 19.08 22.44 -39.89
CA ASP D 217 18.21 23.59 -39.89
C ASP D 217 18.87 24.77 -39.18
N SER D 218 18.11 25.86 -39.04
CA SER D 218 18.62 27.01 -38.30
C SER D 218 18.97 26.62 -36.87
N ARG D 219 18.11 25.83 -36.22
CA ARG D 219 18.44 25.31 -34.91
C ARG D 219 19.65 24.38 -34.97
N GLY D 220 19.98 23.89 -36.16
CA GLY D 220 21.10 22.99 -36.33
C GLY D 220 20.79 21.55 -36.04
N ASN D 221 19.53 21.20 -35.79
CA ASN D 221 19.21 19.91 -35.20
C ASN D 221 19.53 18.76 -36.14
N THR D 222 18.99 18.77 -37.36
CA THR D 222 19.02 17.62 -38.25
C THR D 222 17.94 16.61 -37.88
N VAL D 223 17.75 15.61 -38.74
CA VAL D 223 16.65 14.66 -38.55
C VAL D 223 16.77 13.95 -37.21
N LEU D 224 17.99 13.58 -36.80
CA LEU D 224 18.16 12.85 -35.55
C LEU D 224 17.77 13.71 -34.36
N HIS D 225 18.29 14.94 -34.30
CA HIS D 225 17.98 15.82 -33.18
C HIS D 225 16.49 16.13 -33.14
N ALA D 226 15.87 16.38 -34.29
CA ALA D 226 14.43 16.61 -34.33
C ALA D 226 13.67 15.37 -33.85
N LEU D 227 14.11 14.19 -34.27
CA LEU D 227 13.44 12.96 -33.90
C LEU D 227 13.52 12.70 -32.41
N VAL D 228 14.60 13.10 -31.76
CA VAL D 228 14.66 13.02 -30.31
C VAL D 228 13.95 14.18 -29.64
N ALA D 229 13.74 15.30 -30.37
CA ALA D 229 13.05 16.44 -29.78
C ALA D 229 11.59 16.13 -29.49
N ILE D 230 10.88 15.58 -30.48
CA ILE D 230 9.49 15.18 -30.26
C ILE D 230 9.38 13.82 -29.61
N ALA D 231 10.48 13.15 -29.34
CA ALA D 231 10.43 11.85 -28.69
C ALA D 231 9.76 11.99 -27.33
N ASP D 232 8.82 11.09 -27.06
CA ASP D 232 8.12 11.06 -25.80
C ASP D 232 8.54 9.81 -25.04
N ASN D 233 8.37 9.86 -23.71
CA ASN D 233 8.71 8.73 -22.86
C ASN D 233 7.65 7.64 -22.90
N THR D 234 6.56 7.83 -23.65
CA THR D 234 5.50 6.85 -23.74
C THR D 234 5.89 5.74 -24.71
N ARG D 235 5.13 4.64 -24.65
CA ARG D 235 5.54 3.41 -25.32
C ARG D 235 5.46 3.54 -26.84
N GLU D 236 4.32 4.02 -27.36
CA GLU D 236 4.14 4.03 -28.81
C GLU D 236 5.07 5.05 -29.47
N ASN D 237 5.17 6.25 -28.91
CA ASN D 237 6.09 7.24 -29.44
C ASN D 237 7.52 6.74 -29.38
N THR D 238 7.90 6.14 -28.25
CA THR D 238 9.24 5.61 -28.11
C THR D 238 9.54 4.57 -29.18
N LYS D 239 8.62 3.62 -29.38
CA LYS D 239 8.83 2.54 -30.33
C LYS D 239 8.98 3.07 -31.74
N PHE D 240 8.02 3.90 -32.19
CA PHE D 240 8.11 4.40 -33.56
C PHE D 240 9.34 5.27 -33.75
N VAL D 241 9.64 6.12 -32.77
CA VAL D 241 10.79 7.01 -32.90
C VAL D 241 12.08 6.20 -33.00
N THR D 242 12.23 5.18 -32.15
CA THR D 242 13.47 4.41 -32.17
C THR D 242 13.61 3.60 -33.46
N LYS D 243 12.51 3.00 -33.92
CA LYS D 243 12.56 2.26 -35.19
C LYS D 243 13.00 3.18 -36.33
N MET D 244 12.33 4.33 -36.47
CA MET D 244 12.67 5.24 -37.55
C MET D 244 14.08 5.79 -37.36
N TYR D 245 14.51 5.98 -36.12
CA TYR D 245 15.84 6.50 -35.87
C TYR D 245 16.90 5.52 -36.37
N ASP D 246 16.72 4.25 -36.05
CA ASP D 246 17.61 3.22 -36.58
C ASP D 246 17.63 3.35 -38.08
N LEU D 247 16.47 3.12 -38.72
CA LEU D 247 16.39 3.21 -40.17
C LEU D 247 17.15 4.40 -40.73
N LEU D 248 16.93 5.58 -40.14
CA LEU D 248 17.52 6.82 -40.65
C LEU D 248 19.04 6.77 -40.55
N LEU D 249 19.57 6.41 -39.38
CA LEU D 249 21.01 6.39 -39.20
C LEU D 249 21.66 5.35 -40.11
N LEU D 250 21.04 4.17 -40.22
CA LEU D 250 21.58 3.15 -41.11
C LEU D 250 21.64 3.65 -42.54
N LYS D 251 20.57 4.31 -43.00
CA LYS D 251 20.56 4.83 -44.36
C LYS D 251 21.65 5.86 -44.57
N CYS D 252 21.77 6.81 -43.63
CA CYS D 252 22.80 7.84 -43.78
C CYS D 252 24.19 7.23 -43.78
N SER D 253 24.41 6.22 -42.95
CA SER D 253 25.70 5.53 -42.93
C SER D 253 25.99 4.89 -44.27
N ARG D 254 25.00 4.17 -44.83
CA ARG D 254 25.21 3.55 -46.13
C ARG D 254 25.51 4.60 -47.20
N LEU D 255 24.82 5.74 -47.14
CA LEU D 255 25.08 6.81 -48.10
C LEU D 255 26.41 7.49 -47.80
N PHE D 256 26.73 7.69 -46.51
CA PHE D 256 27.93 8.42 -46.10
C PHE D 256 28.68 7.57 -45.06
N PRO D 257 29.44 6.57 -45.52
CA PRO D 257 30.27 5.81 -44.58
C PRO D 257 31.37 6.64 -43.93
N ASP D 258 31.73 7.79 -44.51
CA ASP D 258 32.86 8.56 -43.99
C ASP D 258 32.60 9.04 -42.56
N SER D 259 31.39 9.52 -42.29
CA SER D 259 31.05 10.07 -40.98
C SER D 259 29.60 9.77 -40.67
N ASN D 260 29.37 8.92 -39.67
CA ASN D 260 28.01 8.61 -39.26
C ASN D 260 27.33 9.86 -38.73
N LEU D 261 26.01 9.95 -38.94
CA LEU D 261 25.28 11.16 -38.62
C LEU D 261 25.29 11.48 -37.13
N GLU D 262 25.55 10.49 -36.28
CA GLU D 262 25.64 10.75 -34.84
C GLU D 262 26.64 11.84 -34.54
N THR D 263 27.76 11.88 -35.27
CA THR D 263 28.84 12.81 -34.95
C THR D 263 28.41 14.25 -35.11
N VAL D 264 27.66 14.56 -36.17
CA VAL D 264 27.33 15.95 -36.48
C VAL D 264 26.44 16.51 -35.37
N LEU D 265 26.86 17.64 -34.80
CA LEU D 265 26.18 18.26 -33.69
C LEU D 265 25.21 19.33 -34.18
N ASN D 266 24.69 20.11 -33.23
CA ASN D 266 23.83 21.25 -33.51
C ASN D 266 24.53 22.53 -33.06
N ASN D 267 23.85 23.67 -33.25
CA ASN D 267 24.37 24.93 -32.74
C ASN D 267 24.67 24.83 -31.25
N ASP D 268 23.77 24.20 -30.50
CA ASP D 268 24.07 23.92 -29.09
C ASP D 268 25.26 22.97 -28.96
N GLY D 269 25.44 22.07 -29.92
CA GLY D 269 26.57 21.17 -29.93
C GLY D 269 26.38 19.87 -29.18
N LEU D 270 25.18 19.59 -28.68
CA LEU D 270 25.01 18.49 -27.74
C LEU D 270 25.39 17.15 -28.36
N SER D 271 24.87 16.85 -29.55
CA SER D 271 24.88 15.53 -30.20
C SER D 271 23.56 14.84 -29.90
N PRO D 272 23.07 13.98 -30.80
CA PRO D 272 21.73 13.41 -30.58
C PRO D 272 21.57 12.73 -29.24
N LEU D 273 22.56 11.91 -28.85
CA LEU D 273 22.46 11.20 -27.58
C LEU D 273 22.43 12.18 -26.42
N MET D 274 23.32 13.17 -26.44
CA MET D 274 23.35 14.14 -25.35
C MET D 274 22.10 15.00 -25.33
N MET D 275 21.47 15.23 -26.49
CA MET D 275 20.21 15.97 -26.50
C MET D 275 19.09 15.13 -25.90
N ALA D 276 19.04 13.83 -26.24
CA ALA D 276 18.07 12.96 -25.59
C ALA D 276 18.34 12.86 -24.10
N ALA D 277 19.59 13.10 -23.69
CA ALA D 277 19.91 13.06 -22.26
C ALA D 277 19.47 14.32 -21.55
N LYS D 278 19.82 15.49 -22.09
CA LYS D 278 19.55 16.76 -21.44
C LYS D 278 18.06 17.05 -21.32
N THR D 279 17.23 16.44 -22.14
CA THR D 279 15.81 16.76 -22.20
C THR D 279 14.94 15.61 -21.71
N GLY D 280 15.49 14.74 -20.85
CA GLY D 280 14.74 13.65 -20.28
C GLY D 280 13.97 12.86 -21.32
N LYS D 281 14.70 12.19 -22.21
CA LYS D 281 14.08 11.46 -23.32
C LYS D 281 14.37 9.98 -23.20
N ILE D 282 14.20 9.43 -22.00
CA ILE D 282 14.56 8.03 -21.72
C ILE D 282 14.14 7.10 -22.85
N GLY D 283 13.00 7.37 -23.48
CA GLY D 283 12.51 6.47 -24.51
C GLY D 283 13.52 6.24 -25.61
N VAL D 284 14.15 7.30 -26.09
CA VAL D 284 15.22 7.15 -27.07
C VAL D 284 16.53 6.77 -26.39
N PHE D 285 16.90 7.49 -25.33
CA PHE D 285 18.18 7.26 -24.65
C PHE D 285 18.46 5.79 -24.42
N GLN D 286 17.52 5.08 -23.79
CA GLN D 286 17.77 3.70 -23.39
C GLN D 286 18.01 2.81 -24.60
N HIS D 287 17.58 3.23 -25.78
CA HIS D 287 17.89 2.48 -27.00
C HIS D 287 19.18 2.98 -27.63
N ILE D 288 19.46 4.27 -27.51
CA ILE D 288 20.70 4.82 -28.04
C ILE D 288 21.89 4.12 -27.42
N ILE D 289 21.85 3.90 -26.11
CA ILE D 289 22.97 3.27 -25.44
C ILE D 289 23.24 1.88 -25.99
N ARG D 290 22.18 1.11 -26.23
CA ARG D 290 22.29 -0.32 -26.56
C ARG D 290 22.07 -0.57 -28.06
N ARG D 291 22.57 0.30 -28.93
CA ARG D 291 22.38 0.14 -30.37
C ARG D 291 23.44 -0.79 -30.93
N GLU D 292 23.01 -1.97 -31.38
CA GLU D 292 23.88 -2.90 -32.11
C GLU D 292 23.13 -3.38 -33.34
N VAL D 293 23.80 -3.39 -34.48
CA VAL D 293 23.17 -3.71 -35.75
C VAL D 293 23.86 -4.90 -36.40
N THR D 294 23.41 -5.29 -37.59
CA THR D 294 23.80 -6.55 -38.22
C THR D 294 24.78 -6.34 -39.38
N ASP D 295 24.44 -5.46 -40.32
CA ASP D 295 25.18 -5.38 -41.57
C ASP D 295 26.66 -5.10 -41.31
N GLU D 296 27.52 -5.73 -42.10
CA GLU D 296 28.96 -5.59 -41.90
C GLU D 296 29.41 -4.15 -42.12
N ASP D 297 28.86 -3.49 -43.15
CA ASP D 297 29.23 -2.10 -43.42
C ASP D 297 28.75 -1.16 -42.35
N THR D 298 27.89 -1.61 -41.44
CA THR D 298 27.30 -0.80 -40.39
C THR D 298 27.74 -1.25 -39.00
N ARG D 299 28.96 -1.78 -38.89
CA ARG D 299 29.45 -2.24 -37.60
C ARG D 299 29.86 -1.08 -36.70
N HIS D 300 30.58 -0.10 -37.25
CA HIS D 300 31.08 1.01 -36.44
C HIS D 300 29.95 1.75 -35.73
N LEU D 301 28.77 1.80 -36.34
CA LEU D 301 27.64 2.55 -35.79
C LEU D 301 26.84 1.73 -34.78
N SER D 302 27.54 1.14 -33.82
CA SER D 302 26.92 0.38 -32.75
C SER D 302 27.49 0.83 -31.41
N ARG D 303 26.73 0.59 -30.35
CA ARG D 303 27.11 1.02 -29.01
C ARG D 303 27.10 -0.11 -27.99
N LYS D 304 26.96 -1.37 -28.44
CA LYS D 304 27.03 -2.51 -27.53
C LYS D 304 27.53 -3.70 -28.34
N PHE D 305 28.84 -3.96 -28.29
CA PHE D 305 29.38 -5.15 -28.91
C PHE D 305 29.22 -6.34 -27.97
N LYS D 306 29.41 -7.53 -28.51
CA LYS D 306 29.47 -8.75 -27.70
C LYS D 306 30.81 -9.41 -28.00
N ASP D 307 31.73 -9.38 -27.02
CA ASP D 307 33.10 -9.82 -27.25
C ASP D 307 33.22 -11.33 -27.15
N TRP D 308 32.87 -11.90 -26.00
CA TRP D 308 32.95 -13.34 -25.82
C TRP D 308 31.81 -13.78 -24.91
N ALA D 309 31.36 -15.01 -25.12
CA ALA D 309 30.37 -15.65 -24.29
C ALA D 309 30.80 -17.08 -23.99
N TYR D 310 30.41 -17.57 -22.82
CA TYR D 310 30.76 -18.92 -22.38
C TYR D 310 29.51 -19.66 -21.93
N GLY D 311 28.46 -19.60 -22.75
CA GLY D 311 27.23 -20.30 -22.47
C GLY D 311 26.21 -19.38 -21.83
N PRO D 312 26.03 -19.49 -20.51
CA PRO D 312 25.09 -18.61 -19.81
C PRO D 312 25.68 -17.29 -19.33
N VAL D 313 26.94 -17.00 -19.65
CA VAL D 313 27.59 -15.76 -19.26
C VAL D 313 27.84 -14.95 -20.53
N TYR D 314 27.40 -13.69 -20.53
CA TYR D 314 27.61 -12.77 -21.64
C TYR D 314 28.42 -11.60 -21.12
N SER D 315 29.56 -11.33 -21.76
CA SER D 315 30.37 -10.17 -21.44
C SER D 315 30.06 -9.11 -22.51
N SER D 316 29.00 -8.36 -22.25
CA SER D 316 28.60 -7.31 -23.18
C SER D 316 29.53 -6.12 -23.04
N LEU D 317 30.06 -5.65 -24.16
CA LEU D 317 31.04 -4.57 -24.18
C LEU D 317 30.33 -3.32 -24.67
N TYR D 318 29.87 -2.49 -23.74
CA TYR D 318 29.26 -1.23 -24.12
C TYR D 318 30.34 -0.27 -24.61
N ASP D 319 29.96 0.58 -25.56
CA ASP D 319 30.88 1.55 -26.14
C ASP D 319 30.49 2.92 -25.61
N LEU D 320 31.02 3.25 -24.44
CA LEU D 320 30.82 4.58 -23.87
C LEU D 320 31.87 5.57 -24.38
N SER D 321 32.04 5.61 -25.70
CA SER D 321 33.00 6.51 -26.32
C SER D 321 32.63 7.97 -26.13
N SER D 322 31.48 8.26 -25.52
CA SER D 322 31.06 9.64 -25.33
C SER D 322 30.45 9.90 -23.96
N LEU D 323 30.47 8.92 -23.05
CA LEU D 323 29.97 9.11 -21.70
C LEU D 323 31.06 9.55 -20.72
N ASP D 324 32.31 9.63 -21.18
CA ASP D 324 33.41 10.14 -20.34
C ASP D 324 34.48 10.68 -21.27
N THR D 325 34.56 12.00 -21.38
CA THR D 325 35.53 12.67 -22.24
C THR D 325 36.81 13.03 -21.50
N CYS D 326 36.93 12.66 -20.23
CA CYS D 326 38.12 12.98 -19.44
C CYS D 326 38.34 14.49 -19.39
N GLY D 327 37.26 15.24 -19.32
CA GLY D 327 37.32 16.68 -19.29
C GLY D 327 37.55 17.35 -20.64
N GLU D 328 37.57 16.57 -21.72
CA GLU D 328 37.79 17.17 -23.04
C GLU D 328 36.57 17.95 -23.51
N GLU D 329 35.42 17.27 -23.59
CA GLU D 329 34.17 17.90 -23.99
C GLU D 329 33.08 17.53 -23.00
N VAL D 330 31.84 17.88 -23.31
CA VAL D 330 30.71 17.49 -22.46
C VAL D 330 30.41 16.02 -22.68
N SER D 331 29.90 15.36 -21.66
CA SER D 331 29.60 13.94 -21.69
C SER D 331 28.24 13.69 -21.05
N VAL D 332 27.64 12.56 -21.41
CA VAL D 332 26.29 12.25 -20.93
C VAL D 332 26.25 12.19 -19.41
N LEU D 333 27.36 11.80 -18.77
CA LEU D 333 27.37 11.76 -17.32
C LEU D 333 27.26 13.16 -16.73
N GLU D 334 28.05 14.12 -17.24
CA GLU D 334 28.00 15.48 -16.73
C GLU D 334 26.60 16.07 -16.91
N ILE D 335 26.04 15.93 -18.11
CA ILE D 335 24.72 16.47 -18.38
C ILE D 335 23.67 15.79 -17.49
N LEU D 336 23.79 14.48 -17.33
CA LEU D 336 22.75 13.71 -16.65
C LEU D 336 22.76 13.98 -15.15
N VAL D 337 23.94 14.16 -14.56
CA VAL D 337 24.04 14.26 -13.11
C VAL D 337 24.06 15.72 -12.65
N TYR D 338 24.70 16.61 -13.41
CA TYR D 338 24.83 18.00 -13.04
C TYR D 338 23.72 18.87 -13.63
N ASN D 339 22.55 18.31 -13.85
CA ASN D 339 21.41 19.05 -14.39
C ASN D 339 20.15 18.56 -13.70
N SER D 340 19.26 19.50 -13.39
CA SER D 340 18.01 19.19 -12.69
C SER D 340 16.79 19.28 -13.57
N LYS D 341 16.88 19.91 -14.74
CA LYS D 341 15.73 19.99 -15.63
C LYS D 341 15.28 18.62 -16.11
N ILE D 342 16.15 17.60 -15.98
CA ILE D 342 15.75 16.24 -16.27
C ILE D 342 14.58 15.86 -15.37
N GLU D 343 13.59 15.17 -15.95
CA GLU D 343 12.46 14.68 -15.20
C GLU D 343 12.61 13.22 -14.79
N ASN D 344 13.52 12.48 -15.42
CA ASN D 344 13.65 11.04 -15.23
C ASN D 344 15.06 10.67 -14.76
N ARG D 345 15.68 11.51 -13.94
CA ARG D 345 17.05 11.28 -13.50
C ARG D 345 17.26 9.85 -13.00
N HIS D 346 16.43 9.44 -12.04
CA HIS D 346 16.70 8.21 -11.32
C HIS D 346 16.69 7.00 -12.25
N GLU D 347 15.71 6.92 -13.15
CA GLU D 347 15.68 5.81 -14.09
C GLU D 347 16.71 5.99 -15.19
N MET D 348 17.09 7.23 -15.49
CA MET D 348 18.14 7.46 -16.48
C MET D 348 19.53 7.16 -15.92
N LEU D 349 19.66 7.08 -14.60
CA LEU D 349 20.89 6.59 -13.99
C LEU D 349 20.90 5.09 -13.82
N ALA D 350 19.84 4.40 -14.27
CA ALA D 350 19.75 2.95 -14.15
C ALA D 350 20.13 2.23 -15.43
N VAL D 351 20.31 2.94 -16.54
CA VAL D 351 20.76 2.30 -17.76
C VAL D 351 22.10 1.62 -17.48
N GLU D 352 22.27 0.42 -18.03
CA GLU D 352 23.35 -0.48 -17.64
C GLU D 352 24.69 0.22 -17.55
N PRO D 353 25.24 0.71 -18.67
CA PRO D 353 26.61 1.23 -18.63
C PRO D 353 26.79 2.38 -17.68
N ILE D 354 25.82 3.28 -17.56
CA ILE D 354 25.98 4.44 -16.67
C ILE D 354 26.08 3.98 -15.22
N ASN D 355 25.16 3.12 -14.79
CA ASN D 355 25.16 2.65 -13.41
C ASN D 355 26.42 1.85 -13.11
N GLU D 356 26.75 0.89 -13.98
CA GLU D 356 27.95 0.09 -13.74
C GLU D 356 29.21 0.94 -13.78
N LEU D 357 29.21 2.02 -14.58
CA LEU D 357 30.37 2.88 -14.66
C LEU D 357 30.51 3.74 -13.41
N LEU D 358 29.38 4.21 -12.87
CA LEU D 358 29.43 4.89 -11.58
C LEU D 358 29.97 3.96 -10.50
N ARG D 359 29.49 2.71 -10.48
CA ARG D 359 29.96 1.76 -9.49
C ARG D 359 31.45 1.48 -9.65
N ASP D 360 31.92 1.35 -10.90
CA ASP D 360 33.33 1.10 -11.13
C ASP D 360 34.19 2.29 -10.73
N LYS D 361 33.75 3.50 -11.06
CA LYS D 361 34.49 4.69 -10.64
C LYS D 361 34.49 4.82 -9.13
N TRP D 362 33.45 4.31 -8.46
CA TRP D 362 33.42 4.30 -7.01
C TRP D 362 34.44 3.33 -6.45
N ARG D 363 34.30 2.05 -6.79
CA ARG D 363 35.17 1.01 -6.23
C ARG D 363 36.64 1.29 -6.56
N LYS D 364 36.92 1.63 -7.81
CA LYS D 364 38.31 1.83 -8.23
C LYS D 364 38.93 3.03 -7.51
N PHE D 365 38.25 4.18 -7.55
CA PHE D 365 38.84 5.41 -7.03
C PHE D 365 37.89 6.24 -6.16
N GLY D 366 36.58 6.06 -6.24
CA GLY D 366 35.68 6.93 -5.51
C GLY D 366 35.80 6.76 -4.00
N ALA D 367 35.84 5.51 -3.53
CA ALA D 367 35.85 5.26 -2.10
C ALA D 367 37.10 5.84 -1.44
N VAL D 368 38.27 5.57 -2.02
CA VAL D 368 39.52 6.03 -1.42
C VAL D 368 39.53 7.55 -1.32
N SER D 369 39.23 8.22 -2.43
CA SER D 369 39.30 9.68 -2.44
C SER D 369 38.25 10.28 -1.52
N PHE D 370 37.04 9.72 -1.51
CA PHE D 370 35.98 10.25 -0.65
C PHE D 370 36.35 10.11 0.82
N TYR D 371 36.86 8.95 1.21
CA TYR D 371 37.25 8.76 2.61
C TYR D 371 38.40 9.67 2.99
N ILE D 372 39.39 9.81 2.11
CA ILE D 372 40.50 10.72 2.41
C ILE D 372 39.97 12.14 2.58
N ASN D 373 39.08 12.58 1.68
CA ASN D 373 38.57 13.93 1.74
C ASN D 373 37.79 14.17 3.04
N VAL D 374 36.86 13.27 3.37
CA VAL D 374 36.04 13.47 4.56
C VAL D 374 36.89 13.42 5.82
N VAL D 375 37.82 12.46 5.90
CA VAL D 375 38.66 12.35 7.08
C VAL D 375 39.56 13.58 7.22
N SER D 376 40.13 14.05 6.12
CA SER D 376 40.98 15.23 6.18
C SER D 376 40.17 16.45 6.63
N TYR D 377 38.96 16.61 6.09
CA TYR D 377 38.11 17.71 6.52
C TYR D 377 37.83 17.63 8.00
N LEU D 378 37.44 16.46 8.49
CA LEU D 378 37.10 16.32 9.90
C LEU D 378 38.31 16.60 10.78
N CYS D 379 39.47 16.06 10.43
CA CYS D 379 40.66 16.26 11.26
C CYS D 379 41.10 17.72 11.24
N ALA D 380 41.12 18.35 10.06
CA ALA D 380 41.53 19.75 9.98
C ALA D 380 40.58 20.64 10.77
N MET D 381 39.28 20.38 10.68
CA MET D 381 38.35 21.22 11.42
C MET D 381 38.35 20.90 12.92
N VAL D 382 38.68 19.67 13.31
CA VAL D 382 38.89 19.41 14.73
C VAL D 382 40.11 20.17 15.23
N ILE D 383 41.14 20.27 14.39
CA ILE D 383 42.30 21.08 14.74
C ILE D 383 41.89 22.55 14.90
N PHE D 384 41.06 23.04 13.98
CA PHE D 384 40.51 24.39 14.11
C PHE D 384 39.76 24.56 15.42
N THR D 385 38.91 23.58 15.75
CA THR D 385 38.11 23.67 16.96
C THR D 385 38.98 23.68 18.20
N LEU D 386 40.00 22.83 18.25
CA LEU D 386 40.90 22.81 19.38
C LEU D 386 41.73 24.09 19.48
N THR D 387 42.13 24.65 18.33
CA THR D 387 42.80 25.95 18.35
C THR D 387 41.90 27.01 18.96
N ALA D 388 40.61 26.98 18.60
CA ALA D 388 39.66 27.89 19.24
C ALA D 388 39.57 27.62 20.73
N TYR D 389 39.51 26.35 21.13
CA TYR D 389 39.45 26.01 22.55
C TYR D 389 40.71 26.45 23.29
N TYR D 390 41.87 26.21 22.69
CA TYR D 390 43.14 26.65 23.24
C TYR D 390 43.53 28.05 22.78
N GLN D 391 42.61 28.77 22.11
CA GLN D 391 42.84 30.14 21.68
C GLN D 391 43.56 30.91 22.77
N PRO D 392 44.63 31.67 22.45
CA PRO D 392 45.40 32.34 23.50
C PRO D 392 44.53 33.11 24.48
N LEU D 393 44.74 32.86 25.77
CA LEU D 393 43.93 33.51 26.80
C LEU D 393 44.38 34.96 26.98
N GLU D 394 43.56 35.71 27.73
CA GLU D 394 43.80 37.12 28.03
C GLU D 394 43.72 38.00 26.79
N GLY D 395 43.17 37.49 25.68
CA GLY D 395 43.09 38.25 24.46
C GLY D 395 44.43 38.80 24.01
N THR D 396 44.39 39.80 23.14
CA THR D 396 45.60 40.43 22.62
C THR D 396 46.60 39.39 22.11
N PRO D 397 46.26 38.65 21.05
CA PRO D 397 47.23 37.75 20.42
C PRO D 397 47.98 38.41 19.27
N PRO D 398 48.95 39.28 19.53
CA PRO D 398 49.78 39.76 18.42
C PRO D 398 50.57 38.63 17.78
N TYR D 399 51.37 37.94 18.60
CA TYR D 399 52.08 36.73 18.19
C TYR D 399 52.46 35.93 19.44
N PRO D 400 51.49 35.56 20.27
CA PRO D 400 51.79 34.95 21.59
C PRO D 400 52.11 33.47 21.51
N TYR D 401 53.31 33.15 21.02
CA TYR D 401 53.73 31.75 20.91
C TYR D 401 55.21 31.64 21.26
N ARG D 402 55.50 31.39 22.54
CA ARG D 402 56.85 31.20 23.04
C ARG D 402 56.98 29.88 23.79
N THR D 403 56.07 28.93 23.53
CA THR D 403 56.01 27.69 24.28
C THR D 403 55.75 26.55 23.31
N THR D 404 56.12 25.33 23.74
CA THR D 404 55.94 24.16 22.90
C THR D 404 54.47 23.94 22.56
N VAL D 405 53.60 23.99 23.56
CA VAL D 405 52.17 23.90 23.29
C VAL D 405 51.73 25.09 22.46
N ASP D 406 52.35 26.26 22.68
CA ASP D 406 52.08 27.40 21.83
C ASP D 406 52.49 27.13 20.39
N TYR D 407 53.63 26.44 20.20
CA TYR D 407 54.04 26.08 18.84
C TYR D 407 53.04 25.12 18.21
N LEU D 408 52.52 24.16 18.99
CA LEU D 408 51.48 23.27 18.47
C LEU D 408 50.24 24.05 18.08
N ARG D 409 49.84 25.00 18.91
CA ARG D 409 48.69 25.85 18.58
C ARG D 409 48.93 26.65 17.31
N LEU D 410 50.15 27.18 17.15
CA LEU D 410 50.46 27.91 15.93
C LEU D 410 50.42 27.01 14.71
N ALA D 411 50.88 25.77 14.86
CA ALA D 411 50.79 24.81 13.76
C ALA D 411 49.33 24.53 13.41
N GLY D 412 48.48 24.37 14.42
CA GLY D 412 47.07 24.15 14.14
C GLY D 412 46.43 25.34 13.45
N GLU D 413 46.76 26.54 13.89
CA GLU D 413 46.23 27.75 13.25
C GLU D 413 46.72 27.87 11.81
N VAL D 414 47.98 27.50 11.57
CA VAL D 414 48.52 27.51 10.22
C VAL D 414 47.78 26.52 9.34
N ILE D 415 47.49 25.32 9.87
CA ILE D 415 46.72 24.34 9.12
C ILE D 415 45.33 24.89 8.81
N THR D 416 44.71 25.55 9.79
CA THR D 416 43.40 26.14 9.57
C THR D 416 43.44 27.16 8.43
N LEU D 417 44.43 28.05 8.46
CA LEU D 417 44.53 29.06 7.41
C LEU D 417 44.81 28.42 6.06
N PHE D 418 45.68 27.39 6.04
CA PHE D 418 45.99 26.71 4.78
C PHE D 418 44.74 26.08 4.19
N THR D 419 43.96 25.37 5.00
CA THR D 419 42.77 24.73 4.48
C THR D 419 41.74 25.78 4.06
N GLY D 420 41.64 26.89 4.79
CA GLY D 420 40.71 27.94 4.40
C GLY D 420 41.07 28.56 3.07
N VAL D 421 42.35 28.88 2.87
CA VAL D 421 42.77 29.50 1.62
C VAL D 421 42.66 28.50 0.46
N LEU D 422 42.96 27.22 0.72
CA LEU D 422 42.79 26.21 -0.33
C LEU D 422 41.32 26.07 -0.70
N PHE D 423 40.43 26.13 0.29
CA PHE D 423 39.01 26.07 0.02
C PHE D 423 38.56 27.29 -0.79
N PHE D 424 39.11 28.46 -0.48
CA PHE D 424 38.81 29.64 -1.28
C PHE D 424 39.27 29.46 -2.72
N PHE D 425 40.47 28.90 -2.91
CA PHE D 425 40.96 28.64 -4.26
C PHE D 425 40.05 27.69 -5.01
N THR D 426 39.62 26.61 -4.34
CA THR D 426 38.72 25.66 -4.98
C THR D 426 37.39 26.32 -5.33
N SER D 427 36.85 27.14 -4.43
CA SER D 427 35.58 27.80 -4.69
C SER D 427 35.67 28.74 -5.88
N ILE D 428 36.71 29.56 -5.93
CA ILE D 428 36.86 30.48 -7.06
C ILE D 428 37.08 29.70 -8.35
N LYS D 429 37.85 28.61 -8.28
CA LYS D 429 38.00 27.75 -9.46
C LYS D 429 36.68 27.07 -9.80
N ASP D 430 35.92 26.66 -8.80
CA ASP D 430 34.64 25.99 -9.01
C ASP D 430 33.63 26.92 -9.67
N PHE D 448 25.16 24.77 -2.74
CA PHE D 448 26.20 23.95 -2.15
C PHE D 448 27.50 24.73 -2.02
N GLN D 449 28.02 25.21 -3.15
CA GLN D 449 29.22 26.05 -3.11
C GLN D 449 29.00 27.32 -2.31
N LEU D 450 27.75 27.73 -2.12
CA LEU D 450 27.47 28.95 -1.35
C LEU D 450 28.09 28.87 0.04
N LEU D 451 27.69 27.87 0.83
CA LEU D 451 28.17 27.77 2.21
C LEU D 451 29.67 27.57 2.25
N TYR D 452 30.22 26.81 1.30
CA TYR D 452 31.66 26.59 1.26
C TYR D 452 32.40 27.90 1.05
N PHE D 453 31.91 28.74 0.14
CA PHE D 453 32.53 30.05 -0.08
C PHE D 453 32.37 30.94 1.14
N ILE D 454 31.21 30.88 1.81
CA ILE D 454 31.02 31.65 3.04
C ILE D 454 32.07 31.25 4.07
N TYR D 455 32.27 29.95 4.25
CA TYR D 455 33.30 29.47 5.16
C TYR D 455 34.68 29.98 4.76
N SER D 456 35.02 29.89 3.47
CA SER D 456 36.34 30.33 3.04
C SER D 456 36.55 31.80 3.33
N VAL D 457 35.58 32.64 2.99
CA VAL D 457 35.73 34.08 3.20
C VAL D 457 35.79 34.40 4.68
N LEU D 458 35.00 33.69 5.50
CA LEU D 458 35.04 33.93 6.94
C LEU D 458 36.39 33.56 7.51
N VAL D 459 36.96 32.44 7.09
CA VAL D 459 38.30 32.06 7.56
C VAL D 459 39.32 33.11 7.14
N VAL D 460 39.23 33.59 5.90
CA VAL D 460 40.18 34.60 5.42
C VAL D 460 40.07 35.86 6.26
N VAL D 461 38.84 36.32 6.52
CA VAL D 461 38.64 37.54 7.29
C VAL D 461 39.14 37.36 8.72
N SER D 462 38.87 36.20 9.32
CA SER D 462 39.34 35.95 10.67
C SER D 462 40.86 35.95 10.73
N ALA D 463 41.52 35.34 9.74
CA ALA D 463 42.98 35.36 9.70
C ALA D 463 43.49 36.79 9.56
N ALA D 464 42.85 37.58 8.70
CA ALA D 464 43.29 38.97 8.51
C ALA D 464 43.17 39.76 9.81
N LEU D 465 42.04 39.60 10.51
CA LEU D 465 41.86 40.32 11.77
C LEU D 465 42.85 39.83 12.84
N TYR D 466 43.09 38.53 12.91
CA TYR D 466 44.05 38.01 13.88
C TYR D 466 45.44 38.56 13.62
N LEU D 467 45.87 38.58 12.35
CA LEU D 467 47.17 39.13 12.02
C LEU D 467 47.26 40.62 12.33
N ALA D 468 46.13 41.31 12.43
CA ALA D 468 46.14 42.69 12.87
C ALA D 468 46.40 42.84 14.36
N GLY D 469 46.39 41.72 15.11
CA GLY D 469 46.66 41.78 16.54
C GLY D 469 45.63 42.56 17.32
N ILE D 470 44.40 42.66 16.82
CA ILE D 470 43.35 43.39 17.50
C ILE D 470 42.46 42.38 18.24
N GLU D 471 41.71 42.90 19.21
CA GLU D 471 40.89 42.09 20.10
C GLU D 471 39.42 42.22 19.73
N ALA D 472 38.61 41.36 20.35
CA ALA D 472 37.15 41.38 20.23
C ALA D 472 36.68 41.04 18.82
N TYR D 473 37.56 40.47 17.99
CA TYR D 473 37.19 40.06 16.64
C TYR D 473 37.41 38.58 16.41
N LEU D 474 37.47 37.78 17.47
CA LEU D 474 37.43 36.32 17.31
C LEU D 474 36.05 35.83 16.93
N ALA D 475 35.03 36.69 16.96
CA ALA D 475 33.68 36.26 16.63
C ALA D 475 33.61 35.69 15.22
N VAL D 476 34.29 36.33 14.26
CA VAL D 476 34.29 35.81 12.89
C VAL D 476 34.91 34.41 12.86
N MET D 477 35.93 34.18 13.69
CA MET D 477 36.51 32.83 13.75
C MET D 477 35.48 31.81 14.21
N VAL D 478 34.68 32.17 15.21
CA VAL D 478 33.66 31.24 15.71
C VAL D 478 32.58 31.02 14.67
N PHE D 479 32.18 32.09 13.97
CA PHE D 479 31.26 31.94 12.85
C PHE D 479 31.81 30.97 11.81
N ALA D 480 33.08 31.13 11.46
CA ALA D 480 33.70 30.21 10.49
C ALA D 480 33.61 28.79 11.00
N LEU D 481 33.92 28.59 12.28
CA LEU D 481 33.86 27.25 12.86
C LEU D 481 32.46 26.65 12.71
N VAL D 482 31.44 27.40 13.10
CA VAL D 482 30.09 26.83 13.10
C VAL D 482 29.61 26.57 11.68
N LEU D 483 29.86 27.51 10.76
CA LEU D 483 29.49 27.25 9.36
C LEU D 483 30.20 26.03 8.81
N GLY D 484 31.49 25.87 9.12
CA GLY D 484 32.20 24.71 8.62
C GLY D 484 31.66 23.41 9.17
N TRP D 485 31.33 23.38 10.47
CA TRP D 485 30.78 22.15 11.00
C TRP D 485 29.36 21.91 10.50
N MET D 486 28.65 22.96 10.10
CA MET D 486 27.38 22.75 9.42
C MET D 486 27.59 22.14 8.04
N ASN D 487 28.66 22.55 7.35
CA ASN D 487 29.06 21.86 6.13
C ASN D 487 29.52 20.43 6.40
N ALA D 488 29.89 20.13 7.65
CA ALA D 488 30.33 18.79 7.99
C ALA D 488 29.24 17.76 7.69
N LEU D 489 27.98 18.08 7.98
CA LEU D 489 26.91 17.13 7.68
C LEU D 489 26.73 16.97 6.18
N TYR D 490 26.90 18.06 5.43
CA TYR D 490 26.84 17.98 3.98
C TYR D 490 27.88 17.00 3.45
N PHE D 491 29.10 17.06 3.99
CA PHE D 491 30.12 16.13 3.55
C PHE D 491 29.88 14.72 4.06
N THR D 492 29.39 14.57 5.28
CA THR D 492 29.13 13.26 5.85
C THR D 492 27.95 12.57 5.19
N ARG D 493 27.12 13.32 4.47
CA ARG D 493 26.03 12.71 3.70
C ARG D 493 26.48 11.45 2.98
N GLY D 494 27.69 11.45 2.42
CA GLY D 494 28.13 10.31 1.64
C GLY D 494 28.70 9.17 2.46
N LEU D 495 28.91 9.38 3.76
CA LEU D 495 29.54 8.39 4.60
C LEU D 495 28.50 7.59 5.38
N LYS D 496 28.79 6.30 5.61
CA LYS D 496 27.92 5.40 6.35
C LYS D 496 26.55 5.29 5.70
N LEU D 497 26.48 5.44 4.38
CA LEU D 497 25.24 5.35 3.63
C LEU D 497 24.16 6.23 4.27
N THR D 498 24.52 7.47 4.53
CA THR D 498 23.64 8.46 5.13
C THR D 498 23.15 9.41 4.05
N GLY D 499 22.38 10.42 4.46
CA GLY D 499 21.89 11.42 3.54
C GLY D 499 20.45 11.81 3.77
N THR D 500 19.76 11.05 4.63
CA THR D 500 18.42 11.48 5.04
C THR D 500 18.48 12.85 5.70
N TYR D 501 19.61 13.18 6.32
CA TYR D 501 19.71 14.44 7.07
C TYR D 501 19.65 15.64 6.14
N SER D 502 20.31 15.56 4.98
CA SER D 502 20.22 16.64 4.01
C SER D 502 18.79 16.83 3.53
N ILE D 503 18.09 15.72 3.27
CA ILE D 503 16.69 15.80 2.87
C ILE D 503 15.87 16.46 3.97
N MET D 504 16.15 16.11 5.22
CA MET D 504 15.47 16.68 6.37
C MET D 504 15.70 18.18 6.47
N ILE D 505 16.94 18.63 6.25
CA ILE D 505 17.24 20.05 6.37
C ILE D 505 16.54 20.84 5.28
N GLN D 506 16.38 20.28 4.09
CA GLN D 506 15.74 20.96 2.97
C GLN D 506 14.24 20.66 2.90
N LYS D 507 13.66 20.13 3.98
CA LYS D 507 12.25 19.76 4.00
C LYS D 507 11.43 20.64 4.95
N ILE D 508 11.87 20.76 6.20
CA ILE D 508 11.05 21.38 7.25
C ILE D 508 11.56 22.78 7.57
N LEU D 509 12.85 23.02 7.33
CA LEU D 509 13.51 24.23 7.80
C LEU D 509 12.67 25.49 7.60
N PHE D 510 12.33 25.80 6.34
CA PHE D 510 11.68 27.07 6.06
C PHE D 510 10.23 27.11 6.55
N LYS D 511 9.49 26.01 6.39
CA LYS D 511 8.08 26.00 6.78
C LYS D 511 7.92 26.25 8.27
N ASP D 512 8.72 25.56 9.09
CA ASP D 512 8.58 25.68 10.54
C ASP D 512 8.85 27.09 10.99
N LEU D 513 9.96 27.67 10.55
CA LEU D 513 10.30 29.03 10.96
C LEU D 513 9.25 30.02 10.47
N PHE D 514 8.82 29.89 9.22
CA PHE D 514 7.78 30.76 8.68
C PHE D 514 6.56 30.77 9.61
N ARG D 515 5.93 29.61 9.76
CA ARG D 515 4.68 29.53 10.51
C ARG D 515 4.88 29.96 11.96
N PHE D 516 5.94 29.45 12.59
CA PHE D 516 6.18 29.77 13.99
C PHE D 516 6.32 31.28 14.11
N LEU D 517 7.41 31.85 13.58
CA LEU D 517 7.63 33.29 13.68
C LEU D 517 6.32 34.06 13.51
N LEU D 518 5.60 33.80 12.40
CA LEU D 518 4.39 34.55 12.14
C LEU D 518 3.42 34.45 13.31
N VAL D 519 2.89 33.25 13.56
CA VAL D 519 1.80 33.11 14.53
C VAL D 519 2.28 33.49 15.94
N TYR D 520 3.50 33.11 16.27
CA TYR D 520 4.07 33.42 17.59
C TYR D 520 4.08 34.92 17.84
N LEU D 521 4.86 35.66 17.04
CA LEU D 521 4.93 37.11 17.25
C LEU D 521 3.55 37.75 17.14
N LEU D 522 2.67 37.15 16.34
CA LEU D 522 1.38 37.75 16.06
C LEU D 522 0.47 37.68 17.28
N PHE D 523 0.19 36.47 17.77
CA PHE D 523 -0.55 36.33 19.01
C PHE D 523 0.17 37.05 20.15
N MET D 524 1.50 37.18 20.06
CA MET D 524 2.21 37.95 21.09
C MET D 524 1.76 39.39 21.11
N ILE D 525 1.71 40.03 19.95
CA ILE D 525 1.29 41.44 19.92
C ILE D 525 -0.18 41.56 20.30
N GLY D 526 -1.01 40.60 19.86
CA GLY D 526 -2.41 40.62 20.26
C GLY D 526 -2.57 40.56 21.76
N TYR D 527 -1.85 39.63 22.39
CA TYR D 527 -1.76 39.58 23.85
C TYR D 527 -1.32 40.91 24.43
N ALA D 528 -0.28 41.50 23.84
CA ALA D 528 0.32 42.69 24.41
C ALA D 528 -0.65 43.85 24.44
N SER D 529 -1.47 43.99 23.40
CA SER D 529 -2.41 45.10 23.37
C SER D 529 -3.30 45.08 24.61
N ALA D 530 -3.96 43.95 24.88
CA ALA D 530 -4.81 43.86 26.05
C ALA D 530 -4.03 43.92 27.35
N LEU D 531 -2.84 43.33 27.39
CA LEU D 531 -2.05 43.35 28.62
C LEU D 531 -1.74 44.79 29.02
N VAL D 532 -1.21 45.58 28.09
CA VAL D 532 -0.90 46.97 28.41
C VAL D 532 -2.18 47.78 28.57
N THR D 533 -3.30 47.29 28.02
CA THR D 533 -4.58 47.90 28.35
C THR D 533 -4.88 47.76 29.84
N LEU D 534 -4.65 46.58 30.40
CA LEU D 534 -4.90 46.37 31.82
C LEU D 534 -3.97 47.21 32.69
N LEU D 535 -2.69 47.27 32.33
CA LEU D 535 -1.67 47.92 33.14
C LEU D 535 -1.12 49.13 32.39
N ASN D 536 -1.03 50.26 33.06
CA ASN D 536 -0.55 51.48 32.41
C ASN D 536 0.86 51.40 31.82
N PRO D 557 4.05 46.15 36.55
CA PRO D 557 3.65 45.47 37.78
C PRO D 557 4.10 44.01 37.82
N ALA D 558 3.34 43.12 37.16
CA ALA D 558 3.71 41.71 37.16
C ALA D 558 4.65 41.39 36.02
N CYS D 559 4.23 41.67 34.78
CA CYS D 559 5.09 41.40 33.62
C CYS D 559 6.27 42.37 33.58
N ARG D 560 6.22 43.44 34.35
CA ARG D 560 7.20 44.52 34.26
C ARG D 560 7.21 45.32 35.54
N ASP D 561 8.03 46.37 35.54
CA ASP D 561 7.96 47.39 36.59
C ASP D 561 7.54 48.74 36.01
N SER D 562 8.02 49.06 34.80
CA SER D 562 7.69 50.32 34.16
C SER D 562 8.06 50.25 32.69
N GLU D 563 7.52 51.19 31.91
CA GLU D 563 7.90 51.41 30.53
C GLU D 563 7.32 50.31 29.65
N THR D 564 7.39 50.48 28.33
CA THR D 564 6.77 49.57 27.36
C THR D 564 7.85 48.78 26.63
N PHE D 565 7.81 47.45 26.79
CA PHE D 565 8.76 46.52 26.18
C PHE D 565 7.98 45.24 25.89
N SER D 566 7.90 44.88 24.61
CA SER D 566 7.30 43.60 24.25
C SER D 566 8.22 42.44 24.60
N ALA D 567 9.45 42.75 25.04
CA ALA D 567 10.43 41.70 25.31
C ALA D 567 9.98 40.80 26.47
N PHE D 568 9.47 41.41 27.55
CA PHE D 568 8.99 40.58 28.66
C PHE D 568 7.82 39.72 28.23
N LEU D 569 6.96 40.23 27.35
CA LEU D 569 5.85 39.43 26.85
C LEU D 569 6.34 38.28 25.98
N LEU D 570 7.39 38.52 25.18
CA LEU D 570 8.00 37.43 24.43
C LEU D 570 8.56 36.37 25.38
N ASP D 571 9.22 36.81 26.45
CA ASP D 571 9.74 35.87 27.44
C ASP D 571 8.60 35.08 28.08
N LEU D 572 7.49 35.77 28.39
CA LEU D 572 6.34 35.09 28.98
C LEU D 572 5.78 34.05 28.02
N PHE D 573 5.72 34.36 26.73
CA PHE D 573 5.20 33.39 25.76
C PHE D 573 6.15 32.22 25.60
N LYS D 574 7.46 32.46 25.65
CA LYS D 574 8.41 31.36 25.66
C LYS D 574 8.19 30.48 26.88
N LEU D 575 7.96 31.10 28.04
CA LEU D 575 7.65 30.36 29.25
C LEU D 575 6.40 29.50 29.03
N THR D 576 5.38 30.08 28.42
CA THR D 576 4.15 29.35 28.17
C THR D 576 4.39 28.14 27.28
N ILE D 577 5.02 28.35 26.12
CA ILE D 577 5.13 27.30 25.12
C ILE D 577 6.06 26.19 25.61
N GLY D 578 7.22 26.57 26.13
CA GLY D 578 8.21 25.59 26.54
C GLY D 578 8.12 25.22 28.00
N MET D 579 7.69 26.18 28.84
CA MET D 579 7.82 26.01 30.27
C MET D 579 6.47 25.88 30.95
N GLY D 580 5.48 26.66 30.54
CA GLY D 580 4.24 26.75 31.29
C GLY D 580 4.48 27.51 32.57
N ASP D 581 3.62 27.27 33.55
CA ASP D 581 3.68 27.99 34.81
C ASP D 581 3.69 29.49 34.55
N LEU D 582 2.90 29.90 33.55
CA LEU D 582 2.83 31.27 33.12
C LEU D 582 2.17 32.15 34.19
N GLU D 583 2.70 33.36 34.37
CA GLU D 583 2.19 34.32 35.34
C GLU D 583 1.73 35.57 34.59
N MET D 584 0.70 36.22 35.11
CA MET D 584 0.19 37.46 34.55
C MET D 584 -0.07 38.45 35.67
N LEU D 585 -0.28 39.71 35.29
CA LEU D 585 -0.90 40.64 36.22
C LEU D 585 -2.31 40.18 36.58
N SER D 586 -3.05 39.71 35.59
CA SER D 586 -4.39 39.19 35.83
C SER D 586 -4.33 37.94 36.70
N SER D 587 -5.27 37.83 37.64
CA SER D 587 -5.33 36.68 38.54
C SER D 587 -6.78 36.37 38.90
N ILE D 595 -9.31 39.05 29.41
CA ILE D 595 -8.34 38.31 30.21
C ILE D 595 -8.38 36.83 29.83
N LEU D 596 -9.57 36.34 29.47
CA LEU D 596 -9.70 34.95 29.05
C LEU D 596 -9.20 34.77 27.63
N LEU D 597 -9.37 35.79 26.79
CA LEU D 597 -8.87 35.71 25.42
C LEU D 597 -7.37 35.48 25.41
N LEU D 598 -6.70 35.85 26.50
CA LEU D 598 -5.28 35.51 26.64
C LEU D 598 -5.08 34.00 26.65
N VAL D 599 -5.88 33.31 27.46
CA VAL D 599 -5.83 31.85 27.50
C VAL D 599 -6.21 31.28 26.14
N THR D 600 -7.15 31.92 25.46
CA THR D 600 -7.49 31.47 24.11
C THR D 600 -6.28 31.59 23.18
N TYR D 601 -5.58 32.72 23.24
CA TYR D 601 -4.36 32.89 22.46
C TYR D 601 -3.41 31.73 22.71
N ILE D 602 -3.18 31.44 23.99
CA ILE D 602 -2.23 30.40 24.37
C ILE D 602 -2.65 29.06 23.81
N ILE D 603 -3.92 28.71 23.98
CA ILE D 603 -4.42 27.42 23.50
C ILE D 603 -4.24 27.32 21.99
N LEU D 604 -4.63 28.36 21.27
CA LEU D 604 -4.56 28.31 19.81
C LEU D 604 -3.13 28.18 19.33
N THR D 605 -2.20 28.96 19.89
CA THR D 605 -0.82 28.87 19.44
C THR D 605 -0.23 27.50 19.76
N PHE D 606 -0.50 26.98 20.96
CA PHE D 606 0.03 25.67 21.33
C PHE D 606 -0.49 24.58 20.39
N VAL D 607 -1.81 24.53 20.20
CA VAL D 607 -2.38 23.50 19.34
C VAL D 607 -1.86 23.65 17.92
N LEU D 608 -1.77 24.88 17.43
CA LEU D 608 -1.29 25.11 16.07
C LEU D 608 0.13 24.58 15.90
N LEU D 609 1.01 24.87 16.86
CA LEU D 609 2.38 24.39 16.73
C LEU D 609 2.45 22.87 16.80
N LEU D 610 1.69 22.25 17.71
CA LEU D 610 1.72 20.79 17.81
C LEU D 610 1.23 20.14 16.53
N ASN D 611 0.07 20.57 16.01
CA ASN D 611 -0.43 19.95 14.80
C ASN D 611 0.43 20.33 13.60
N MET D 612 1.14 21.46 13.65
CA MET D 612 2.12 21.77 12.61
C MET D 612 3.24 20.74 12.62
N LEU D 613 3.73 20.38 13.80
CA LEU D 613 4.75 19.34 13.87
C LEU D 613 4.21 18.02 13.33
N ILE D 614 2.95 17.71 13.66
CA ILE D 614 2.32 16.48 13.16
C ILE D 614 2.28 16.49 11.64
N ALA D 615 1.84 17.60 11.05
CA ALA D 615 1.74 17.71 9.60
C ALA D 615 3.12 17.62 8.94
N LEU D 616 4.12 18.25 9.57
CA LEU D 616 5.48 18.15 9.03
C LEU D 616 5.96 16.71 9.05
N MET D 617 5.69 15.98 10.14
CA MET D 617 6.05 14.57 10.19
C MET D 617 5.38 13.79 9.07
N GLY D 618 4.07 14.02 8.89
CA GLY D 618 3.35 13.28 7.86
C GLY D 618 3.87 13.58 6.47
N GLU D 619 4.08 14.86 6.16
CA GLU D 619 4.59 15.23 4.85
C GLU D 619 5.99 14.68 4.63
N THR D 620 6.84 14.71 5.65
CA THR D 620 8.19 14.18 5.51
C THR D 620 8.18 12.68 5.23
N VAL D 621 7.36 11.93 5.99
CA VAL D 621 7.32 10.49 5.76
C VAL D 621 6.73 10.18 4.39
N GLY D 622 5.74 10.95 3.95
CA GLY D 622 5.21 10.76 2.62
C GLY D 622 6.23 11.04 1.53
N GLN D 623 6.95 12.15 1.66
CA GLN D 623 7.94 12.54 0.66
C GLN D 623 9.08 11.53 0.57
N VAL D 624 9.68 11.20 1.71
CA VAL D 624 10.87 10.35 1.69
C VAL D 624 10.52 8.98 1.14
N SER D 625 9.48 8.34 1.69
CA SER D 625 9.16 6.95 1.34
C SER D 625 10.43 6.11 1.31
N LYS D 626 11.28 6.30 2.32
CA LYS D 626 12.63 5.74 2.33
C LYS D 626 13.39 6.19 1.09
N GLU D 627 13.29 7.49 0.80
CA GLU D 627 13.90 8.14 -0.37
C GLU D 627 13.70 7.31 -1.63
N SER D 628 12.62 6.52 -1.67
CA SER D 628 12.30 5.68 -2.82
C SER D 628 13.49 4.81 -3.25
N LYS D 629 14.49 4.65 -2.37
CA LYS D 629 15.70 3.88 -2.67
C LYS D 629 16.50 4.48 -3.82
N HIS D 630 16.28 5.75 -4.17
CA HIS D 630 16.98 6.35 -5.30
C HIS D 630 17.71 7.65 -4.97
N ILE D 631 17.15 8.49 -4.10
CA ILE D 631 17.72 9.81 -3.88
C ILE D 631 19.18 9.68 -3.45
N TRP D 632 19.45 8.80 -2.48
CA TRP D 632 20.84 8.59 -2.05
C TRP D 632 21.72 8.19 -3.21
N LYS D 633 21.19 7.43 -4.17
CA LYS D 633 21.99 7.05 -5.33
C LYS D 633 22.38 8.28 -6.14
N LEU D 634 21.45 9.23 -6.29
CA LEU D 634 21.78 10.46 -7.00
C LEU D 634 22.84 11.26 -6.26
N GLN D 635 22.72 11.36 -4.93
CA GLN D 635 23.75 12.06 -4.17
C GLN D 635 25.10 11.35 -4.30
N TRP D 636 25.08 10.02 -4.31
CA TRP D 636 26.29 9.23 -4.48
C TRP D 636 26.96 9.52 -5.82
N ALA D 637 26.16 9.55 -6.89
CA ALA D 637 26.69 9.88 -8.20
C ALA D 637 27.27 11.29 -8.21
N THR D 638 26.57 12.24 -7.57
CA THR D 638 27.08 13.59 -7.47
C THR D 638 28.45 13.60 -6.81
N THR D 639 28.59 12.88 -5.70
CA THR D 639 29.86 12.84 -4.99
C THR D 639 30.95 12.25 -5.86
N ILE D 640 30.64 11.14 -6.55
CA ILE D 640 31.66 10.48 -7.36
C ILE D 640 32.15 11.40 -8.46
N LEU D 641 31.21 12.03 -9.18
CA LEU D 641 31.60 12.90 -10.28
C LEU D 641 32.32 14.14 -9.77
N ASP D 642 31.89 14.69 -8.64
CA ASP D 642 32.59 15.83 -8.07
C ASP D 642 34.03 15.47 -7.74
N ILE D 643 34.25 14.31 -7.12
CA ILE D 643 35.60 13.87 -6.81
C ILE D 643 36.40 13.71 -8.09
N GLU D 644 35.82 13.07 -9.10
CA GLU D 644 36.56 12.81 -10.33
C GLU D 644 36.97 14.12 -10.99
N ARG D 645 36.06 15.09 -11.05
CA ARG D 645 36.41 16.38 -11.64
C ARG D 645 37.41 17.14 -10.77
N SER D 646 37.40 16.88 -9.45
CA SER D 646 38.24 17.66 -8.55
C SER D 646 39.71 17.53 -8.92
N PHE D 647 40.28 16.34 -8.79
CA PHE D 647 41.68 16.15 -9.11
C PHE D 647 41.87 16.14 -10.62
N PRO D 648 43.01 16.59 -11.14
CA PRO D 648 43.18 16.69 -12.59
C PRO D 648 43.04 15.35 -13.30
N VAL D 649 42.47 15.36 -14.50
CA VAL D 649 42.24 14.12 -15.23
C VAL D 649 43.39 13.75 -16.14
N PHE D 650 44.32 14.67 -16.42
CA PHE D 650 45.49 14.29 -17.20
C PHE D 650 46.25 13.16 -16.51
N LEU D 651 46.16 13.10 -15.19
CA LEU D 651 46.58 11.91 -14.46
C LEU D 651 45.72 10.73 -14.90
N ARG D 652 46.37 9.61 -15.20
CA ARG D 652 45.71 8.50 -15.89
C ARG D 652 44.86 7.70 -14.89
N LYS D 653 43.69 8.26 -14.59
CA LYS D 653 42.65 7.59 -13.82
C LYS D 653 41.39 7.59 -14.67
N ALA D 654 41.24 6.57 -15.51
CA ALA D 654 40.13 6.48 -16.44
C ALA D 654 39.50 5.10 -16.36
N PHE D 655 38.36 4.97 -17.03
CA PHE D 655 37.63 3.71 -17.11
C PHE D 655 38.38 2.71 -18.00
N ARG D 656 37.75 1.56 -18.22
CA ARG D 656 38.37 0.49 -18.98
C ARG D 656 38.77 0.97 -20.37
N SER D 657 39.66 0.21 -21.02
CA SER D 657 40.08 0.47 -22.38
C SER D 657 39.81 -0.75 -23.24
N GLY D 658 40.18 -0.65 -24.52
CA GLY D 658 39.84 -1.69 -25.46
C GLY D 658 40.69 -1.76 -26.71
N GLU D 659 40.05 -1.99 -27.85
CA GLU D 659 40.73 -2.38 -29.08
C GLU D 659 41.25 -1.14 -29.83
N MET D 660 41.71 -1.36 -31.06
CA MET D 660 42.35 -0.32 -31.85
C MET D 660 41.53 0.13 -33.05
N VAL D 661 40.97 -0.81 -33.83
CA VAL D 661 40.22 -0.44 -35.03
C VAL D 661 39.29 -1.58 -35.38
N THR D 662 38.14 -1.22 -35.95
CA THR D 662 37.09 -2.11 -36.46
C THR D 662 36.27 -2.74 -35.34
N VAL D 663 36.66 -2.58 -34.08
CA VAL D 663 35.88 -3.10 -32.96
C VAL D 663 36.10 -2.21 -31.75
N ARG D 673 39.48 2.07 -32.36
CA ARG D 673 39.95 2.79 -31.18
C ARG D 673 38.78 3.39 -30.43
N ARG D 674 37.89 2.54 -29.94
CA ARG D 674 36.72 2.96 -29.19
C ARG D 674 36.93 2.56 -27.73
N TRP D 675 36.89 3.56 -26.84
CA TRP D 675 37.24 3.38 -25.44
C TRP D 675 36.12 2.62 -24.74
N CYS D 676 36.09 1.32 -25.01
CA CYS D 676 34.99 0.46 -24.59
C CYS D 676 35.03 0.22 -23.08
N PHE D 677 33.89 -0.24 -22.57
CA PHE D 677 33.74 -0.65 -21.17
C PHE D 677 32.99 -1.98 -21.16
N ARG D 678 33.26 -2.79 -20.14
CA ARG D 678 32.77 -4.16 -20.09
C ARG D 678 31.69 -4.32 -19.03
N VAL D 679 30.81 -5.30 -19.23
CA VAL D 679 29.80 -5.65 -18.25
C VAL D 679 29.52 -7.14 -18.40
N ASP D 680 29.27 -7.81 -17.27
CA ASP D 680 29.09 -9.25 -17.25
C ASP D 680 27.70 -9.57 -16.70
N GLU D 681 26.90 -10.28 -17.49
CA GLU D 681 25.55 -10.64 -17.07
C GLU D 681 25.27 -12.08 -17.51
N VAL D 682 24.56 -12.82 -16.67
CA VAL D 682 24.27 -14.23 -16.94
C VAL D 682 22.77 -14.37 -17.16
N ASN D 683 22.40 -15.00 -18.27
CA ASN D 683 21.01 -15.28 -18.60
C ASN D 683 20.90 -16.72 -19.10
N TRP D 684 19.84 -17.40 -18.67
CA TRP D 684 19.60 -18.79 -19.01
C TRP D 684 18.50 -18.98 -20.04
N SER D 685 18.42 -18.08 -21.02
CA SER D 685 17.42 -18.19 -22.08
C SER D 685 18.07 -18.60 -23.39
#